data_8RVN
#
_entry.id   8RVN
#
_cell.length_a   1.00
_cell.length_b   1.00
_cell.length_c   1.00
_cell.angle_alpha   90.00
_cell.angle_beta   90.00
_cell.angle_gamma   90.00
#
_symmetry.space_group_name_H-M   'P 1'
#
loop_
_entity.id
_entity.type
_entity.pdbx_description
1 polymer 'Fusion glycoprotein F0'
2 polymer 'Fab92 heavy chain'
3 polymer 'Fab92 light chain'
4 non-polymer 2-acetamido-2-deoxy-beta-D-glucopyranose
#
loop_
_entity_poly.entity_id
_entity_poly.type
_entity_poly.pdbx_seq_one_letter_code
_entity_poly.pdbx_strand_id
1 'polypeptide(L)'
;GILHYEKLSKIGLVKGVTRKYKIKSNPLTKDIVIKMIPNVSNMSQCTGSVMENYKTRLNGILTPIKGALEIYKNNTHDLV
GDVRLAGVIMAGVAIGIATAAQITAGVALYEAMKNADNINKLKSSIESTNEAVVKLQETAEKTVYVLTALQDYINTNLVP
TIDKISCKQTELSLDLALSKYLSDLLFVFGPNLQDPVSNSMTIQAISQAFGGNYETLLRTLGYATEDFDDLLESDSITGQ
IIYVDLSSYYIIVRVYFPILTEIQQAYIQELLPVSFNNDNSEWISIVPNFILVRNTLISNIEIGFCLITKRSVICNQDYA
TPMTNNMRECLTGSTEKCPRELVVSSHVPRFALSNGVLFANCISVTCQCQTTGRAISQSGEQTLLMIDNTTCPTAVLGNV
IISLGKYLGSVNYNSEGIAIGPPVFTDKVDISSQISSMNQSLQQSKDYIKEAQRLLDGTMKQIEDKIEEILSKIYHIENE
IARIKKLIGEGGSHHHHHH
;
F,B,C
2 'polypeptide(L)'
;QSLEESGGRLVTPGTPLTLTCTASGFSLSSYYMMWVRQAPGKGLEWIGIINTGGNAYYASWTKGRFTISKTSTTVDLKIT
SPTTEDTATYFCARAVPSGAGYSAGGLWGPGTLVTVSSGQPKAPSVFPLAPCCGDTPSSTVTLGCLVKGYLPEPVTVTWN
SGTLTNGVRTFPSVRQSSGLYSLSSVVSVTSSSQPVTCNVAHPATNTKVDKTVAPSTCNK
;
H
3 'polypeptide(L)'
;DQVLTQTPASVEAAVGGTVTIKCQASQSVGFYLSWYQQKPGQPPKLLIYRASTLESGVPSRFKGSGSGTEFTLTISDLEC
ADAATYYCQTNDYLASSAFGGGTEVVVRGDPVAPTVLIFPPAADQVATGTVTIVCVANKYFPDVTVTWEVDGTTQTTGIE
NSKTPQNSADCTYNLSSTLTLTSTQYNSHKEYTCKVTQGTTSVVQSFSRKNC
;
L
#
loop_
_chem_comp.id
_chem_comp.type
_chem_comp.name
_chem_comp.formula
NAG D-saccharide, beta linking 2-acetamido-2-deoxy-beta-D-glucopyranose 'C8 H15 N O6'
#
# COMPACT_ATOMS: atom_id res chain seq x y z
N ILE A 2 38.64 12.86 -15.38
CA ILE A 2 39.72 11.95 -15.04
C ILE A 2 39.28 10.50 -15.23
N LEU A 3 38.16 10.30 -15.94
CA LEU A 3 37.60 8.98 -16.16
C LEU A 3 37.98 8.38 -17.50
N HIS A 4 38.72 9.12 -18.33
CA HIS A 4 39.11 8.65 -19.66
C HIS A 4 37.89 8.08 -20.41
N TYR A 5 36.93 8.98 -20.67
CA TYR A 5 35.68 8.56 -21.29
C TYR A 5 35.91 7.87 -22.62
N GLU A 6 36.95 8.27 -23.36
CA GLU A 6 37.21 7.67 -24.66
C GLU A 6 37.47 6.17 -24.56
N LYS A 7 38.27 5.77 -23.57
CA LYS A 7 38.56 4.35 -23.41
C LYS A 7 37.36 3.59 -22.90
N LEU A 8 36.51 4.23 -22.10
CA LEU A 8 35.29 3.58 -21.63
C LEU A 8 34.30 3.38 -22.78
N SER A 9 34.27 4.31 -23.73
CA SER A 9 33.33 4.21 -24.84
C SER A 9 33.56 2.97 -25.70
N LYS A 10 34.75 2.35 -25.59
CA LYS A 10 35.04 1.15 -26.37
C LYS A 10 34.47 -0.11 -25.74
N ILE A 11 33.87 -0.03 -24.55
CA ILE A 11 33.24 -1.18 -23.92
C ILE A 11 31.79 -0.84 -23.58
N GLY A 12 31.19 0.07 -24.33
CA GLY A 12 29.78 0.35 -24.24
C GLY A 12 29.36 1.34 -23.18
N LEU A 13 30.30 1.99 -22.50
CA LEU A 13 29.98 2.99 -21.49
C LEU A 13 30.17 4.38 -22.09
N VAL A 14 29.12 4.87 -22.76
CA VAL A 14 29.18 6.16 -23.43
C VAL A 14 28.84 7.25 -22.42
N LYS A 15 29.68 8.28 -22.34
CA LYS A 15 29.43 9.36 -21.40
C LYS A 15 28.07 9.98 -21.66
N GLY A 16 27.34 10.24 -20.59
CA GLY A 16 25.99 10.78 -20.70
C GLY A 16 25.88 12.23 -20.26
N VAL A 17 24.96 12.51 -19.34
CA VAL A 17 24.69 13.86 -18.87
C VAL A 17 25.31 14.03 -17.49
N THR A 18 25.99 15.16 -17.28
CA THR A 18 26.59 15.49 -16.01
C THR A 18 25.66 16.42 -15.23
N ARG A 19 25.40 16.09 -13.97
CA ARG A 19 24.46 16.84 -13.14
C ARG A 19 25.13 17.27 -11.85
N LYS A 20 24.55 18.27 -11.21
CA LYS A 20 25.06 18.75 -9.93
C LYS A 20 24.34 18.05 -8.77
N TYR A 21 24.94 18.16 -7.59
CA TYR A 21 24.51 17.41 -6.41
C TYR A 21 23.98 18.39 -5.36
N LYS A 22 22.80 18.11 -4.83
CA LYS A 22 22.12 19.00 -3.90
C LYS A 22 21.66 18.23 -2.67
N ILE A 23 21.57 18.93 -1.54
CA ILE A 23 21.13 18.35 -0.28
C ILE A 23 20.37 19.40 0.50
N LYS A 24 19.39 18.94 1.28
CA LYS A 24 18.58 19.84 2.08
C LYS A 24 19.35 20.34 3.31
N SER A 25 18.88 21.45 3.87
CA SER A 25 19.47 22.02 5.07
C SER A 25 18.65 23.24 5.50
N ASN A 26 18.82 23.62 6.77
CA ASN A 26 18.22 24.83 7.32
C ASN A 26 16.70 24.82 7.22
N PRO A 27 16.03 23.96 7.98
CA PRO A 27 14.57 23.91 7.93
C PRO A 27 13.92 25.08 8.67
N LEU A 28 12.67 25.35 8.31
CA LEU A 28 11.84 26.33 8.98
C LEU A 28 10.58 25.64 9.50
N THR A 29 10.16 26.01 10.70
CA THR A 29 9.12 25.28 11.43
C THR A 29 7.78 25.99 11.32
N LYS A 30 6.72 25.21 11.07
CA LYS A 30 5.36 25.73 11.06
C LYS A 30 4.44 24.75 11.79
N ASP A 31 3.71 25.25 12.78
CA ASP A 31 2.81 24.42 13.56
C ASP A 31 1.41 24.40 12.93
N ILE A 32 0.74 23.25 13.02
CA ILE A 32 -0.61 23.11 12.47
C ILE A 32 -1.34 22.02 13.25
N VAL A 33 -2.61 22.28 13.56
CA VAL A 33 -3.44 21.31 14.27
C VAL A 33 -4.22 20.48 13.25
N ILE A 34 -4.42 19.21 13.57
CA ILE A 34 -5.16 18.28 12.70
C ILE A 34 -6.22 17.61 13.57
N LYS A 35 -7.43 18.16 13.57
CA LYS A 35 -8.53 17.57 14.32
C LYS A 35 -8.97 16.27 13.63
N MET A 36 -9.06 15.20 14.41
CA MET A 36 -9.29 13.87 13.87
C MET A 36 -10.75 13.42 13.95
N ILE A 37 -11.65 14.25 14.47
CA ILE A 37 -13.04 13.85 14.62
C ILE A 37 -13.94 14.96 14.06
N PRO A 38 -14.90 14.64 13.19
CA PRO A 38 -15.75 15.68 12.62
C PRO A 38 -16.78 16.18 13.63
N ASN A 39 -17.37 17.33 13.32
CA ASN A 39 -18.45 17.90 14.10
C ASN A 39 -19.76 17.61 13.39
N VAL A 40 -20.67 16.93 14.09
CA VAL A 40 -21.93 16.49 13.50
C VAL A 40 -23.09 17.08 14.28
N SER A 41 -22.93 18.30 14.78
CA SER A 41 -23.95 19.01 15.61
C SER A 41 -25.19 19.32 14.77
N ASN A 42 -25.02 19.53 13.47
CA ASN A 42 -26.12 19.83 12.50
C ASN A 42 -27.03 18.59 12.34
N MET A 43 -26.44 17.39 12.34
CA MET A 43 -27.18 16.11 12.15
C MET A 43 -26.88 15.13 13.31
N SER A 44 -27.11 15.54 14.55
CA SER A 44 -26.90 14.72 15.77
C SER A 44 -28.07 13.77 16.00
N GLN A 45 -29.22 14.02 15.37
CA GLN A 45 -30.43 13.17 15.53
C GLN A 45 -30.07 11.78 15.04
N CYS A 46 -29.23 11.68 14.01
CA CYS A 46 -28.87 10.40 13.35
C CYS A 46 -27.58 9.72 13.83
N THR A 47 -26.81 10.29 14.75
CA THR A 47 -25.49 9.70 15.10
C THR A 47 -25.67 8.28 15.65
N GLY A 48 -26.61 8.03 16.57
CA GLY A 48 -26.77 6.71 17.21
C GLY A 48 -25.58 6.38 18.10
N SER A 49 -24.93 5.21 17.92
CA SER A 49 -23.78 4.80 18.72
C SER A 49 -22.50 4.72 17.89
N VAL A 50 -22.51 5.29 16.68
CA VAL A 50 -21.31 5.26 15.85
C VAL A 50 -20.21 6.12 16.48
N MET A 51 -20.58 7.27 17.05
CA MET A 51 -19.58 8.18 17.61
C MET A 51 -18.86 7.54 18.79
N GLU A 52 -19.59 6.82 19.64
CA GLU A 52 -18.95 6.21 20.80
C GLU A 52 -17.91 5.18 20.38
N ASN A 53 -18.28 4.29 19.44
CA ASN A 53 -17.33 3.28 18.97
C ASN A 53 -16.15 3.94 18.26
N TYR A 54 -16.42 4.96 17.45
CA TYR A 54 -15.33 5.65 16.75
C TYR A 54 -14.37 6.28 17.75
N LYS A 55 -14.90 6.93 18.79
CA LYS A 55 -14.03 7.54 19.79
C LYS A 55 -13.23 6.49 20.54
N THR A 56 -13.85 5.36 20.88
CA THR A 56 -13.12 4.30 21.56
C THR A 56 -11.97 3.79 20.70
N ARG A 57 -12.23 3.52 19.43
CA ARG A 57 -11.19 3.03 18.53
C ARG A 57 -10.09 4.08 18.35
N LEU A 58 -10.48 5.34 18.21
CA LEU A 58 -9.50 6.40 18.03
C LEU A 58 -8.62 6.57 19.25
N ASN A 59 -9.21 6.48 20.45
CA ASN A 59 -8.42 6.55 21.67
C ASN A 59 -7.46 5.36 21.75
N GLY A 60 -7.94 4.17 21.40
CA GLY A 60 -7.05 3.01 21.39
C GLY A 60 -5.89 3.20 20.43
N ILE A 61 -6.15 3.83 19.28
CA ILE A 61 -5.09 4.08 18.31
C ILE A 61 -4.11 5.12 18.83
N LEU A 62 -4.63 6.15 19.51
CA LEU A 62 -3.81 7.31 19.83
C LEU A 62 -2.96 7.09 21.08
N THR A 63 -3.49 6.38 22.08
CA THR A 63 -2.83 6.34 23.38
C THR A 63 -1.38 5.88 23.30
N PRO A 64 -0.98 4.91 22.47
CA PRO A 64 0.45 4.55 22.44
C PRO A 64 1.35 5.69 22.04
N ILE A 65 0.88 6.57 21.15
CA ILE A 65 1.68 7.72 20.72
C ILE A 65 1.92 8.65 21.90
N LYS A 66 0.87 8.93 22.67
CA LYS A 66 1.03 9.77 23.85
C LYS A 66 1.97 9.12 24.85
N GLY A 67 1.84 7.81 25.06
CA GLY A 67 2.74 7.13 25.97
C GLY A 67 4.19 7.20 25.53
N ALA A 68 4.43 7.14 24.21
CA ALA A 68 5.79 7.22 23.70
C ALA A 68 6.35 8.63 23.85
N LEU A 69 5.53 9.66 23.58
CA LEU A 69 6.02 11.03 23.68
C LEU A 69 6.25 11.43 25.13
N GLU A 70 5.44 10.94 26.07
CA GLU A 70 5.63 11.31 27.46
C GLU A 70 6.97 10.85 27.99
N ILE A 71 7.52 9.77 27.43
CA ILE A 71 8.83 9.28 27.89
C ILE A 71 9.87 10.37 27.75
N TYR A 72 9.89 11.07 26.62
CA TYR A 72 10.83 12.15 26.41
C TYR A 72 10.36 13.48 27.00
N LYS A 73 9.07 13.69 27.23
CA LYS A 73 8.58 14.96 27.87
C LYS A 73 8.74 14.93 29.39
N ASN A 74 8.67 13.78 30.05
CA ASN A 74 8.76 13.73 31.54
C ASN A 74 10.15 14.10 32.01
N ASN A 75 11.20 13.58 31.33
CA ASN A 75 12.60 13.69 31.80
C ASN A 75 13.25 15.04 31.45
N THR A 76 13.09 15.54 30.22
CA THR A 76 13.78 16.76 29.79
C THR A 76 13.48 17.91 30.74
N HIS A 77 14.52 18.60 31.17
CA HIS A 77 14.41 19.72 32.10
C HIS A 77 15.10 20.95 31.51
N ASP A 78 14.83 22.10 32.12
CA ASP A 78 15.42 23.36 31.69
C ASP A 78 16.87 23.47 32.13
N GLY A 87 21.16 25.45 28.31
CA GLY A 87 20.21 24.91 27.34
C GLY A 87 19.22 23.95 27.96
N VAL A 88 19.10 22.77 27.37
CA VAL A 88 18.18 21.74 27.84
C VAL A 88 19.00 20.51 28.21
N ILE A 89 18.76 19.98 29.41
CA ILE A 89 19.48 18.82 29.93
C ILE A 89 18.52 17.65 29.99
N MET A 90 18.89 16.54 29.37
CA MET A 90 18.07 15.34 29.33
C MET A 90 18.65 14.28 30.25
N ALA A 91 17.78 13.67 31.07
CA ALA A 91 18.21 12.65 32.02
C ALA A 91 18.44 11.35 31.28
N GLY A 92 19.72 10.98 31.08
CA GLY A 92 20.02 9.76 30.35
C GLY A 92 19.56 8.51 31.07
N VAL A 93 19.63 8.50 32.39
CA VAL A 93 19.30 7.31 33.16
C VAL A 93 17.84 6.90 32.91
N ALA A 94 16.94 7.88 32.93
CA ALA A 94 15.52 7.56 32.77
C ALA A 94 15.25 7.01 31.37
N ILE A 95 15.84 7.61 30.33
CA ILE A 95 15.59 7.16 28.97
C ILE A 95 16.08 5.74 28.78
N GLY A 96 17.28 5.44 29.26
CA GLY A 96 17.81 4.09 29.22
C GLY A 96 18.53 3.75 27.93
N ILE A 97 17.78 3.57 26.85
CA ILE A 97 18.33 3.17 25.56
C ILE A 97 17.77 4.11 24.50
N ALA A 98 18.65 4.67 23.67
CA ALA A 98 18.24 5.58 22.61
C ALA A 98 19.45 5.89 21.74
N THR A 99 19.17 6.17 20.47
CA THR A 99 20.20 6.53 19.51
C THR A 99 20.40 8.05 19.52
N ALA A 100 21.25 8.55 18.63
CA ALA A 100 21.48 10.00 18.56
C ALA A 100 20.30 10.71 17.90
N ALA A 101 19.73 10.13 16.85
CA ALA A 101 18.61 10.76 16.17
C ALA A 101 17.42 10.91 17.11
N GLN A 102 17.15 9.89 17.93
CA GLN A 102 16.06 9.97 18.88
C GLN A 102 16.31 11.09 19.90
N ILE A 103 17.56 11.22 20.36
CA ILE A 103 17.87 12.27 21.33
C ILE A 103 17.65 13.65 20.71
N THR A 104 18.12 13.84 19.48
CA THR A 104 17.92 15.13 18.81
C THR A 104 16.44 15.42 18.61
N ALA A 105 15.68 14.42 18.18
CA ALA A 105 14.24 14.60 17.99
C ALA A 105 13.56 14.96 19.30
N GLY A 106 13.97 14.32 20.40
CA GLY A 106 13.39 14.65 21.69
C GLY A 106 13.73 16.06 22.13
N VAL A 107 14.96 16.51 21.85
CA VAL A 107 15.33 17.89 22.16
C VAL A 107 14.44 18.86 21.39
N ALA A 108 14.25 18.60 20.10
CA ALA A 108 13.39 19.46 19.30
C ALA A 108 11.95 19.45 19.82
N LEU A 109 11.46 18.26 20.19
CA LEU A 109 10.10 18.15 20.70
C LEU A 109 9.94 18.95 21.99
N TYR A 110 10.92 18.88 22.88
CA TYR A 110 10.85 19.68 24.10
C TYR A 110 10.88 21.17 23.77
N GLU A 111 11.73 21.56 22.82
CA GLU A 111 11.80 22.97 22.44
C GLU A 111 10.47 23.46 21.87
N ALA A 112 9.71 22.57 21.23
CA ALA A 112 8.42 22.94 20.66
C ALA A 112 7.31 23.08 21.70
N MET A 113 7.58 22.77 22.97
CA MET A 113 6.53 22.75 23.98
C MET A 113 5.93 24.14 24.21
N LYS A 114 6.70 25.21 24.00
CA LYS A 114 6.16 26.54 24.19
C LYS A 114 5.02 26.80 23.21
N ASN A 115 5.27 26.58 21.92
CA ASN A 115 4.21 26.73 20.92
C ASN A 115 3.10 25.71 21.14
N ALA A 116 3.44 24.50 21.60
CA ALA A 116 2.41 23.52 21.89
C ALA A 116 1.43 24.03 22.94
N ASP A 117 1.96 24.60 24.02
CA ASP A 117 1.10 25.15 25.07
C ASP A 117 0.31 26.35 24.57
N ASN A 118 0.95 27.21 23.77
CA ASN A 118 0.24 28.37 23.23
C ASN A 118 -0.95 27.93 22.38
N ILE A 119 -0.75 26.90 21.56
CA ILE A 119 -1.86 26.39 20.74
C ILE A 119 -2.91 25.71 21.63
N ASN A 120 -2.46 24.94 22.63
CA ASN A 120 -3.40 24.27 23.51
C ASN A 120 -4.25 25.24 24.32
N LYS A 121 -3.80 26.49 24.48
CA LYS A 121 -4.59 27.46 25.22
C LYS A 121 -5.96 27.68 24.59
N LEU A 122 -6.12 27.34 23.30
CA LEU A 122 -7.38 27.49 22.57
C LEU A 122 -8.13 26.17 22.46
N LYS A 123 -8.07 25.33 23.49
CA LYS A 123 -8.73 24.02 23.41
C LYS A 123 -10.23 24.16 23.21
N SER A 124 -10.86 25.11 23.91
CA SER A 124 -12.30 25.29 23.78
C SER A 124 -12.70 25.66 22.35
N SER A 125 -11.93 26.56 21.73
CA SER A 125 -12.26 27.01 20.38
C SER A 125 -11.92 25.95 19.34
N ILE A 126 -10.88 25.15 19.58
CA ILE A 126 -10.50 24.14 18.59
C ILE A 126 -11.61 23.10 18.43
N GLU A 127 -12.21 22.67 19.53
CA GLU A 127 -13.21 21.61 19.49
C GLU A 127 -14.50 22.05 18.82
N SER A 128 -14.78 23.35 18.77
CA SER A 128 -16.06 23.86 18.29
C SER A 128 -15.97 24.43 16.88
N THR A 129 -15.18 23.80 16.00
CA THR A 129 -15.06 24.22 14.61
C THR A 129 -15.68 23.16 13.71
N ASN A 130 -16.56 23.59 12.81
CA ASN A 130 -17.22 22.71 11.84
C ASN A 130 -16.97 23.27 10.45
N GLU A 131 -15.83 22.89 9.88
CA GLU A 131 -15.45 23.30 8.52
C GLU A 131 -14.17 22.57 8.15
N ALA A 132 -13.96 22.42 6.85
CA ALA A 132 -12.79 21.67 6.38
C ALA A 132 -11.49 22.30 6.85
N VAL A 133 -11.40 23.64 6.76
CA VAL A 133 -10.21 24.36 7.18
C VAL A 133 -10.66 25.67 7.82
N VAL A 134 -10.19 25.93 9.04
CA VAL A 134 -10.51 27.15 9.76
C VAL A 134 -9.22 27.82 10.19
N LYS A 135 -9.27 29.13 10.42
CA LYS A 135 -8.12 29.91 10.84
C LYS A 135 -8.45 30.57 12.17
N LEU A 136 -7.76 30.16 13.23
CA LEU A 136 -7.95 30.69 14.57
C LEU A 136 -6.79 31.61 14.89
N GLN A 137 -7.11 32.86 15.25
CA GLN A 137 -6.07 33.81 15.63
C GLN A 137 -5.57 33.50 17.04
N GLU A 138 -4.27 33.63 17.23
CA GLU A 138 -3.65 33.33 18.52
C GLU A 138 -2.57 34.36 18.84
N LYS A 142 0.08 35.87 15.61
CA LYS A 142 0.25 34.56 14.98
C LYS A 142 -1.09 33.87 14.83
N THR A 143 -1.28 33.16 13.71
CA THR A 143 -2.51 32.46 13.41
C THR A 143 -2.22 30.97 13.25
N VAL A 144 -3.17 30.13 13.66
CA VAL A 144 -3.04 28.68 13.58
C VAL A 144 -4.22 28.15 12.77
N TYR A 145 -3.92 27.24 11.84
CA TYR A 145 -4.94 26.69 10.96
C TYR A 145 -5.36 25.32 11.46
N VAL A 146 -6.66 25.16 11.69
CA VAL A 146 -7.24 23.92 12.18
C VAL A 146 -7.87 23.19 11.00
N LEU A 147 -7.40 21.98 10.74
CA LEU A 147 -7.98 21.11 9.73
C LEU A 147 -8.89 20.10 10.40
N THR A 148 -9.71 19.42 9.57
CA THR A 148 -10.64 18.43 10.07
C THR A 148 -10.73 17.29 9.07
N ALA A 149 -10.96 16.08 9.58
CA ALA A 149 -11.05 14.89 8.77
C ALA A 149 -12.52 14.53 8.54
N LEU A 150 -12.90 14.39 7.27
CA LEU A 150 -14.24 14.01 6.84
C LEU A 150 -15.26 15.12 7.06
N GLN A 151 -14.86 16.32 7.48
CA GLN A 151 -15.84 17.37 7.82
C GLN A 151 -16.39 17.97 6.54
N ASP A 152 -15.62 17.99 5.46
CA ASP A 152 -16.12 18.46 4.14
C ASP A 152 -17.15 17.48 3.60
N TYR A 153 -16.92 16.17 3.72
CA TYR A 153 -17.84 15.12 3.21
C TYR A 153 -19.16 15.23 3.98
N ILE A 154 -19.12 15.34 5.29
CA ILE A 154 -20.32 15.44 6.12
C ILE A 154 -21.09 16.71 5.79
N ASN A 155 -20.36 17.79 5.48
CA ASN A 155 -21.02 19.08 5.22
C ASN A 155 -21.72 19.09 3.87
N THR A 156 -21.10 18.48 2.85
CA THR A 156 -21.58 18.65 1.48
C THR A 156 -22.24 17.41 0.89
N ASN A 157 -22.35 16.31 1.63
CA ASN A 157 -22.98 15.09 1.11
C ASN A 157 -24.07 14.54 2.01
N LEU A 158 -23.92 14.64 3.32
CA LEU A 158 -24.89 14.08 4.27
C LEU A 158 -25.88 15.13 4.76
N VAL A 159 -25.39 16.29 5.19
CA VAL A 159 -26.28 17.33 5.70
C VAL A 159 -27.28 17.78 4.63
N PRO A 160 -26.88 18.03 3.38
CA PRO A 160 -27.87 18.49 2.39
C PRO A 160 -29.03 17.53 2.20
N THR A 161 -28.78 16.23 2.25
CA THR A 161 -29.81 15.21 2.05
C THR A 161 -30.33 14.65 3.36
N ILE A 162 -30.33 15.46 4.43
CA ILE A 162 -30.80 14.98 5.72
C ILE A 162 -32.29 14.67 5.67
N ASP A 163 -33.05 15.40 4.85
CA ASP A 163 -34.53 15.25 4.75
C ASP A 163 -34.92 14.23 3.68
N LYS A 164 -34.17 14.12 2.59
CA LYS A 164 -34.47 13.18 1.46
C LYS A 164 -34.38 11.72 1.90
N ILE A 165 -33.37 11.34 2.69
CA ILE A 165 -33.10 9.91 3.05
C ILE A 165 -33.47 9.65 4.51
N SER A 166 -33.69 8.38 4.88
CA SER A 166 -34.07 7.97 6.25
C SER A 166 -32.89 8.12 7.22
N CYS A 167 -33.14 8.24 8.53
CA CYS A 167 -32.07 8.45 9.55
C CYS A 167 -31.30 7.15 9.76
N LYS A 168 -31.78 6.01 9.24
CA LYS A 168 -31.05 4.72 9.33
C LYS A 168 -29.99 4.63 8.21
N GLN A 169 -30.22 5.22 7.03
CA GLN A 169 -29.24 5.23 5.95
C GLN A 169 -28.16 6.26 6.22
N THR A 170 -28.53 7.41 6.78
CA THR A 170 -27.53 8.41 7.13
C THR A 170 -26.55 7.86 8.16
N GLU A 171 -27.07 7.19 9.20
CA GLU A 171 -26.20 6.61 10.21
C GLU A 171 -25.28 5.56 9.59
N LEU A 172 -25.82 4.69 8.73
CA LEU A 172 -25.01 3.66 8.13
C LEU A 172 -23.92 4.26 7.25
N SER A 173 -24.26 5.28 6.46
CA SER A 173 -23.27 5.92 5.60
C SER A 173 -22.19 6.60 6.42
N LEU A 174 -22.57 7.27 7.50
CA LEU A 174 -21.58 7.90 8.37
C LEU A 174 -20.66 6.85 8.99
N ASP A 175 -21.22 5.73 9.43
CA ASP A 175 -20.41 4.66 9.99
C ASP A 175 -19.42 4.12 8.95
N LEU A 176 -19.91 3.91 7.72
CA LEU A 176 -19.02 3.42 6.67
C LEU A 176 -17.91 4.41 6.38
N ALA A 177 -18.23 5.70 6.33
CA ALA A 177 -17.21 6.70 6.06
C ALA A 177 -16.15 6.71 7.17
N LEU A 178 -16.60 6.67 8.42
CA LEU A 178 -15.65 6.66 9.54
C LEU A 178 -14.77 5.42 9.49
N SER A 179 -15.37 4.26 9.20
CA SER A 179 -14.61 3.02 9.14
C SER A 179 -13.57 3.08 8.02
N LYS A 180 -13.95 3.60 6.85
CA LYS A 180 -12.99 3.71 5.76
C LYS A 180 -11.86 4.67 6.11
N TYR A 181 -12.18 5.79 6.76
CA TYR A 181 -11.14 6.72 7.17
C TYR A 181 -10.19 6.07 8.15
N LEU A 182 -10.71 5.31 9.12
CA LEU A 182 -9.85 4.61 10.06
C LEU A 182 -8.99 3.58 9.35
N SER A 183 -9.55 2.87 8.37
CA SER A 183 -8.78 1.88 7.62
C SER A 183 -7.62 2.54 6.89
N ASP A 184 -7.87 3.69 6.25
CA ASP A 184 -6.81 4.41 5.57
C ASP A 184 -5.76 4.90 6.56
N LEU A 185 -6.20 5.39 7.73
CA LEU A 185 -5.29 5.97 8.70
C LEU A 185 -4.39 4.90 9.36
N LEU A 186 -4.92 3.70 9.55
CA LEU A 186 -4.17 2.67 10.27
C LEU A 186 -2.87 2.32 9.58
N PHE A 187 -2.80 2.48 8.25
CA PHE A 187 -1.58 2.12 7.53
C PHE A 187 -0.39 2.94 8.02
N VAL A 188 -0.62 4.16 8.47
CA VAL A 188 0.45 5.07 8.89
C VAL A 188 0.50 5.22 10.40
N PHE A 189 -0.65 5.47 11.03
CA PHE A 189 -0.70 5.75 12.45
C PHE A 189 -1.00 4.52 13.30
N GLY A 190 -0.84 3.33 12.74
CA GLY A 190 -1.11 2.11 13.45
C GLY A 190 0.11 1.62 14.21
N PRO A 191 0.16 0.31 14.49
CA PRO A 191 1.33 -0.25 15.20
C PRO A 191 2.63 -0.08 14.42
N ASN A 192 2.57 0.17 13.12
CA ASN A 192 3.79 0.35 12.34
C ASN A 192 4.60 1.54 12.86
N LEU A 193 3.92 2.63 13.19
CA LEU A 193 4.57 3.83 13.72
C LEU A 193 4.84 3.62 15.20
N GLN A 194 6.06 3.20 15.53
CA GLN A 194 6.47 2.98 16.91
C GLN A 194 7.61 3.90 17.34
N ASP A 195 7.94 4.91 16.54
CA ASP A 195 8.98 5.89 16.86
C ASP A 195 8.45 7.28 16.59
N PRO A 196 7.48 7.75 17.38
CA PRO A 196 6.94 9.10 17.15
C PRO A 196 7.97 10.20 17.30
N VAL A 197 8.99 10.00 18.12
CA VAL A 197 10.00 11.05 18.36
C VAL A 197 11.05 10.90 17.26
N SER A 198 10.76 11.53 16.12
CA SER A 198 11.68 11.53 14.99
C SER A 198 11.14 12.50 13.95
N ASN A 199 12.05 13.18 13.26
CA ASN A 199 11.70 14.15 12.24
C ASN A 199 12.06 13.64 10.84
N SER A 200 11.87 12.34 10.62
CA SER A 200 12.14 11.71 9.33
C SER A 200 10.88 11.15 8.69
N MET A 201 9.71 11.65 9.09
CA MET A 201 8.44 11.19 8.56
C MET A 201 7.92 12.23 7.59
N THR A 202 7.73 11.82 6.33
CA THR A 202 7.38 12.76 5.28
C THR A 202 5.97 13.31 5.47
N ILE A 203 5.74 14.51 4.93
CA ILE A 203 4.42 15.12 5.01
C ILE A 203 3.39 14.33 4.21
N GLN A 204 3.81 13.60 3.18
CA GLN A 204 2.86 12.80 2.43
C GLN A 204 2.20 11.75 3.31
N ALA A 205 2.98 11.11 4.18
CA ALA A 205 2.40 10.13 5.10
C ALA A 205 1.58 10.82 6.18
N ILE A 206 2.07 11.93 6.72
CA ILE A 206 1.34 12.66 7.76
C ILE A 206 -0.01 13.15 7.26
N SER A 207 -0.13 13.42 5.96
CA SER A 207 -1.37 13.95 5.40
C SER A 207 -2.50 12.93 5.41
N GLN A 208 -2.22 11.66 5.69
CA GLN A 208 -3.28 10.67 5.76
C GLN A 208 -4.32 11.00 6.83
N ALA A 209 -3.92 11.74 7.86
CA ALA A 209 -4.88 12.14 8.88
C ALA A 209 -5.95 13.06 8.32
N PHE A 210 -5.56 13.99 7.45
CA PHE A 210 -6.49 14.97 6.89
C PHE A 210 -7.27 14.43 5.70
N GLY A 211 -6.86 13.30 5.12
CA GLY A 211 -7.56 12.71 3.99
C GLY A 211 -6.68 12.34 2.81
N GLY A 212 -5.41 12.70 2.80
CA GLY A 212 -4.49 12.31 1.74
C GLY A 212 -4.12 13.42 0.79
N ASN A 213 -4.69 14.62 0.92
CA ASN A 213 -4.37 15.75 0.06
C ASN A 213 -3.43 16.67 0.83
N TYR A 214 -2.13 16.41 0.71
CA TYR A 214 -1.12 17.27 1.31
C TYR A 214 -1.04 18.63 0.62
N GLU A 215 -1.60 18.76 -0.59
CA GLU A 215 -1.59 20.05 -1.27
C GLU A 215 -2.32 21.10 -0.45
N THR A 216 -3.49 20.75 0.09
CA THR A 216 -4.24 21.70 0.90
C THR A 216 -3.44 22.10 2.14
N LEU A 217 -2.81 21.13 2.80
CA LEU A 217 -2.01 21.44 3.99
C LEU A 217 -0.87 22.39 3.66
N LEU A 218 -0.11 22.09 2.61
CA LEU A 218 1.04 22.92 2.26
C LEU A 218 0.58 24.31 1.83
N ARG A 219 -0.49 24.40 1.05
CA ARG A 219 -0.98 25.71 0.63
C ARG A 219 -1.45 26.52 1.83
N THR A 220 -2.14 25.88 2.79
CA THR A 220 -2.60 26.59 3.97
C THR A 220 -1.42 27.09 4.79
N LEU A 221 -0.41 26.26 4.99
CA LEU A 221 0.76 26.69 5.74
C LEU A 221 1.47 27.84 5.05
N GLY A 222 1.62 27.74 3.72
CA GLY A 222 2.29 28.78 2.95
C GLY A 222 3.70 28.41 2.57
N TYR A 223 3.90 28.03 1.31
CA TYR A 223 5.21 27.69 0.78
C TYR A 223 5.69 28.82 -0.12
N ALA A 224 6.90 29.30 0.13
CA ALA A 224 7.47 30.46 -0.56
C ALA A 224 8.79 30.05 -1.20
N THR A 225 8.73 29.54 -2.43
CA THR A 225 9.91 29.20 -3.20
C THR A 225 9.46 28.72 -4.57
N GLU A 226 10.39 28.74 -5.52
CA GLU A 226 10.12 28.28 -6.87
C GLU A 226 10.44 26.79 -7.05
N ASP A 227 11.37 26.26 -6.26
CA ASP A 227 11.74 24.85 -6.32
C ASP A 227 10.98 24.01 -5.29
N PHE A 228 9.75 24.41 -4.95
CA PHE A 228 9.00 23.68 -3.94
C PHE A 228 8.69 22.25 -4.39
N ASP A 229 8.38 22.07 -5.67
CA ASP A 229 8.02 20.74 -6.15
C ASP A 229 9.18 19.76 -6.01
N ASP A 230 10.40 20.22 -6.32
CA ASP A 230 11.57 19.34 -6.20
C ASP A 230 11.77 18.92 -4.75
N LEU A 231 11.62 19.85 -3.81
CA LEU A 231 11.71 19.50 -2.40
C LEU A 231 10.63 18.50 -2.00
N LEU A 232 9.40 18.73 -2.46
CA LEU A 232 8.29 17.86 -2.06
C LEU A 232 8.47 16.44 -2.58
N GLU A 233 8.90 16.30 -3.84
CA GLU A 233 8.94 14.98 -4.46
C GLU A 233 10.03 14.09 -3.85
N SER A 234 11.15 14.68 -3.44
CA SER A 234 12.28 13.91 -2.94
C SER A 234 12.18 13.58 -1.46
N ASP A 235 10.98 13.63 -0.89
CA ASP A 235 10.77 13.31 0.52
C ASP A 235 11.66 14.16 1.41
N SER A 236 11.79 15.45 1.06
CA SER A 236 12.61 16.38 1.81
C SER A 236 11.82 17.22 2.79
N ILE A 237 10.50 17.27 2.66
CA ILE A 237 9.63 18.00 3.58
C ILE A 237 9.01 16.99 4.53
N THR A 238 9.34 17.09 5.81
CA THR A 238 8.92 16.14 6.82
C THR A 238 8.20 16.87 7.94
N GLY A 239 7.53 16.10 8.79
CA GLY A 239 6.81 16.66 9.92
C GLY A 239 7.02 15.83 11.17
N GLN A 240 6.71 16.44 12.31
CA GLN A 240 6.85 15.80 13.61
C GLN A 240 5.61 16.07 14.43
N ILE A 241 5.29 15.15 15.34
CA ILE A 241 4.15 15.27 16.23
C ILE A 241 4.67 15.81 17.56
N ILE A 242 4.22 17.00 17.95
CA ILE A 242 4.69 17.65 19.16
C ILE A 242 3.68 17.60 20.30
N TYR A 243 2.43 17.20 20.04
CA TYR A 243 1.44 17.10 21.10
C TYR A 243 0.23 16.33 20.58
N VAL A 244 -0.32 15.47 21.43
CA VAL A 244 -1.51 14.69 21.12
C VAL A 244 -2.48 14.85 22.29
N ASP A 245 -3.76 15.06 21.97
CA ASP A 245 -4.80 15.23 22.99
C ASP A 245 -5.76 14.06 22.90
N LEU A 246 -5.96 13.37 24.03
CA LEU A 246 -6.88 12.24 24.10
C LEU A 246 -8.29 12.66 24.51
N SER A 247 -8.50 13.94 24.83
CA SER A 247 -9.82 14.45 25.20
C SER A 247 -10.55 15.06 24.01
N SER A 248 -9.93 16.01 23.32
CA SER A 248 -10.51 16.62 22.13
C SER A 248 -10.10 15.90 20.86
N TYR A 249 -9.20 14.92 20.93
CA TYR A 249 -8.81 14.11 19.78
C TYR A 249 -8.25 14.99 18.66
N TYR A 250 -7.13 15.64 18.96
CA TYR A 250 -6.40 16.41 17.96
C TYR A 250 -4.91 16.32 18.22
N ILE A 251 -4.13 16.41 17.15
CA ILE A 251 -2.67 16.35 17.21
C ILE A 251 -2.10 17.61 16.58
N ILE A 252 -1.08 18.18 17.22
CA ILE A 252 -0.36 19.33 16.69
C ILE A 252 0.92 18.82 16.05
N VAL A 253 1.12 19.15 14.78
CA VAL A 253 2.26 18.67 14.02
C VAL A 253 3.05 19.87 13.52
N ARG A 254 4.37 19.72 13.53
CA ARG A 254 5.30 20.76 13.11
C ARG A 254 5.92 20.33 11.78
N VAL A 255 5.71 21.14 10.75
CA VAL A 255 6.22 20.88 9.41
C VAL A 255 7.52 21.64 9.22
N TYR A 256 8.49 20.99 8.58
CA TYR A 256 9.81 21.55 8.34
C TYR A 256 9.96 21.84 6.85
N PHE A 257 10.31 23.08 6.53
CA PHE A 257 10.59 23.48 5.14
C PHE A 257 12.08 23.72 4.99
N PRO A 258 12.82 22.81 4.35
CA PRO A 258 14.26 23.04 4.15
C PRO A 258 14.57 23.77 2.86
N ILE A 259 15.85 24.05 2.62
CA ILE A 259 16.31 24.72 1.40
C ILE A 259 17.43 23.90 0.79
N LEU A 260 17.41 23.75 -0.53
CA LEU A 260 18.45 22.99 -1.22
C LEU A 260 19.72 23.83 -1.33
N THR A 261 20.84 23.21 -1.01
CA THR A 261 22.16 23.87 -1.07
C THR A 261 23.06 23.01 -1.93
N GLU A 262 23.30 23.44 -3.17
CA GLU A 262 24.15 22.70 -4.07
C GLU A 262 25.56 22.57 -3.49
N ILE A 263 26.11 21.37 -3.54
CA ILE A 263 27.45 21.11 -3.03
C ILE A 263 28.47 21.53 -4.08
N GLN A 264 29.60 22.07 -3.61
CA GLN A 264 30.63 22.60 -4.48
C GLN A 264 31.64 21.50 -4.85
N GLN A 265 32.16 21.59 -6.07
CA GLN A 265 33.16 20.64 -6.56
C GLN A 265 32.66 19.21 -6.43
N ALA A 266 31.39 18.99 -6.76
CA ALA A 266 30.79 17.67 -6.72
C ALA A 266 29.76 17.55 -7.83
N TYR A 267 29.87 16.49 -8.63
CA TYR A 267 28.93 16.27 -9.72
C TYR A 267 28.77 14.78 -9.97
N ILE A 268 27.62 14.42 -10.52
CA ILE A 268 27.27 13.05 -10.84
C ILE A 268 27.36 12.88 -12.34
N GLN A 269 28.13 11.88 -12.78
CA GLN A 269 28.27 11.54 -14.18
C GLN A 269 27.50 10.25 -14.47
N GLU A 270 26.75 10.26 -15.57
CA GLU A 270 25.95 9.11 -15.99
C GLU A 270 26.58 8.49 -17.22
N LEU A 271 26.63 7.15 -17.24
CA LEU A 271 27.21 6.38 -18.33
C LEU A 271 26.12 5.53 -18.96
N LEU A 272 25.77 5.85 -20.20
CA LEU A 272 24.80 5.05 -20.94
C LEU A 272 25.44 3.74 -21.37
N PRO A 273 24.83 2.60 -21.10
CA PRO A 273 25.42 1.32 -21.49
C PRO A 273 25.12 0.97 -22.94
N VAL A 274 25.99 0.13 -23.51
CA VAL A 274 25.81 -0.40 -24.84
C VAL A 274 26.42 -1.79 -24.87
N SER A 275 25.86 -2.66 -25.71
CA SER A 275 26.30 -4.04 -25.82
C SER A 275 27.31 -4.14 -26.96
N PHE A 276 28.53 -4.54 -26.65
CA PHE A 276 29.57 -4.69 -27.65
C PHE A 276 29.70 -6.14 -28.08
N ASN A 277 30.47 -6.36 -29.14
CA ASN A 277 30.63 -7.68 -29.75
C ASN A 277 32.04 -8.19 -29.51
N ASN A 278 32.14 -9.43 -29.03
CA ASN A 278 33.43 -10.08 -28.83
C ASN A 278 33.22 -11.59 -28.91
N ASP A 279 34.13 -12.26 -29.62
CA ASP A 279 34.09 -13.71 -29.76
C ASP A 279 32.71 -14.18 -30.22
N ASN A 280 32.13 -13.45 -31.18
CA ASN A 280 30.82 -13.79 -31.73
C ASN A 280 29.76 -13.86 -30.64
N SER A 281 29.81 -12.90 -29.71
CA SER A 281 28.83 -12.83 -28.64
C SER A 281 28.65 -11.38 -28.22
N GLU A 282 27.44 -11.05 -27.76
CA GLU A 282 27.11 -9.71 -27.31
C GLU A 282 27.29 -9.65 -25.80
N TRP A 283 28.12 -8.72 -25.34
CA TRP A 283 28.44 -8.57 -23.92
C TRP A 283 28.10 -7.15 -23.48
N ILE A 284 27.71 -7.02 -22.21
CA ILE A 284 27.45 -5.72 -21.60
C ILE A 284 28.34 -5.59 -20.37
N SER A 285 29.03 -4.45 -20.26
CA SER A 285 29.89 -4.22 -19.11
C SER A 285 29.06 -4.02 -17.85
N ILE A 286 29.58 -4.51 -16.73
CA ILE A 286 28.93 -4.35 -15.43
C ILE A 286 29.67 -3.26 -14.66
N VAL A 287 29.21 -2.02 -14.80
CA VAL A 287 29.82 -0.88 -14.14
C VAL A 287 28.69 0.02 -13.62
N PRO A 288 28.84 0.66 -12.46
CA PRO A 288 27.77 1.54 -11.99
C PRO A 288 27.46 2.64 -12.99
N ASN A 289 26.17 2.92 -13.16
CA ASN A 289 25.74 3.92 -14.14
C ASN A 289 26.00 5.34 -13.66
N PHE A 290 25.80 5.61 -12.38
CA PHE A 290 25.95 6.94 -11.81
C PHE A 290 27.19 6.97 -10.93
N ILE A 291 28.10 7.90 -11.21
CA ILE A 291 29.37 8.02 -10.50
C ILE A 291 29.43 9.41 -9.89
N LEU A 292 29.67 9.45 -8.58
CA LEU A 292 29.69 10.72 -7.83
C LEU A 292 31.15 11.16 -7.69
N VAL A 293 31.56 12.10 -8.53
CA VAL A 293 32.91 12.65 -8.49
C VAL A 293 32.82 13.91 -7.61
N ARG A 294 33.36 13.82 -6.40
CA ARG A 294 33.33 14.91 -5.44
C ARG A 294 34.74 15.16 -4.92
N ASN A 295 35.24 16.37 -5.12
CA ASN A 295 36.60 16.74 -4.72
C ASN A 295 37.61 15.76 -5.32
N THR A 296 37.44 15.47 -6.62
CA THR A 296 38.29 14.55 -7.36
C THR A 296 38.52 13.24 -6.59
N LEU A 297 37.46 12.72 -5.98
CA LEU A 297 37.48 11.42 -5.31
C LEU A 297 36.24 10.65 -5.78
N ILE A 298 36.47 9.66 -6.63
CA ILE A 298 35.35 8.89 -7.18
C ILE A 298 34.77 7.98 -6.10
N SER A 299 33.45 7.79 -6.16
CA SER A 299 32.76 6.92 -5.22
C SER A 299 31.37 6.64 -5.76
N ASN A 300 30.75 5.58 -5.22
CA ASN A 300 29.40 5.21 -5.63
C ASN A 300 28.37 6.14 -5.01
N ILE A 301 27.13 6.01 -5.47
CA ILE A 301 26.01 6.75 -4.92
C ILE A 301 24.76 5.89 -5.04
N GLU A 302 23.91 5.95 -4.02
CA GLU A 302 22.66 5.19 -3.99
C GLU A 302 21.58 6.05 -4.64
N ILE A 303 21.20 5.69 -5.87
CA ILE A 303 20.23 6.47 -6.63
C ILE A 303 18.80 6.08 -6.33
N GLY A 304 18.57 4.93 -5.68
CA GLY A 304 17.20 4.51 -5.39
C GLY A 304 16.46 5.53 -4.55
N PHE A 305 17.14 6.16 -3.60
CA PHE A 305 16.53 7.11 -2.70
C PHE A 305 16.69 8.56 -3.14
N CYS A 306 17.30 8.79 -4.30
CA CYS A 306 17.59 10.13 -4.79
C CYS A 306 16.73 10.45 -6.00
N LEU A 307 16.08 11.62 -5.98
CA LEU A 307 15.34 12.08 -7.14
C LEU A 307 16.31 12.55 -8.21
N ILE A 308 15.97 12.30 -9.47
CA ILE A 308 16.79 12.68 -10.61
C ILE A 308 15.96 13.62 -11.47
N THR A 309 16.40 14.88 -11.57
CA THR A 309 15.83 15.83 -12.51
C THR A 309 16.80 16.01 -13.68
N LYS A 310 16.39 16.84 -14.65
CA LYS A 310 17.13 16.90 -15.91
C LYS A 310 18.50 17.56 -15.73
N ARG A 311 18.64 18.44 -14.74
CA ARG A 311 19.84 19.26 -14.59
C ARG A 311 20.57 19.03 -13.27
N SER A 312 20.00 18.25 -12.35
CA SER A 312 20.60 18.08 -11.04
C SER A 312 20.05 16.81 -10.40
N VAL A 313 20.64 16.44 -9.27
CA VAL A 313 20.20 15.30 -8.47
C VAL A 313 19.99 15.79 -7.05
N ILE A 314 18.83 15.47 -6.48
CA ILE A 314 18.42 15.97 -5.16
C ILE A 314 18.24 14.78 -4.23
N CYS A 315 18.88 14.84 -3.06
CA CYS A 315 18.75 13.83 -2.04
C CYS A 315 18.56 14.50 -0.69
N ASN A 316 17.91 13.79 0.23
CA ASN A 316 17.71 14.29 1.59
C ASN A 316 18.83 13.89 2.53
N GLN A 317 19.83 13.15 2.06
CA GLN A 317 20.99 12.78 2.86
C GLN A 317 22.19 12.66 1.94
N ASP A 318 23.33 12.30 2.53
CA ASP A 318 24.55 12.03 1.77
C ASP A 318 24.65 10.51 1.59
N TYR A 319 24.39 10.05 0.37
CA TYR A 319 24.30 8.63 0.08
C TYR A 319 25.58 8.06 -0.51
N ALA A 320 26.67 8.83 -0.51
CA ALA A 320 27.93 8.33 -1.05
C ALA A 320 28.35 7.06 -0.32
N THR A 321 28.81 6.07 -1.10
CA THR A 321 29.20 4.78 -0.57
C THR A 321 30.58 4.42 -1.10
N PRO A 322 31.42 3.77 -0.29
CA PRO A 322 32.75 3.38 -0.78
C PRO A 322 32.65 2.44 -1.97
N MET A 323 33.59 2.60 -2.90
CA MET A 323 33.64 1.81 -4.13
C MET A 323 34.94 1.01 -4.15
N THR A 324 34.85 -0.25 -4.55
CA THR A 324 36.01 -1.12 -4.50
C THR A 324 37.14 -0.58 -5.36
N ASN A 325 38.38 -0.80 -4.90
CA ASN A 325 39.54 -0.22 -5.57
C ASN A 325 39.62 -0.64 -7.04
N ASN A 326 39.16 -1.85 -7.37
CA ASN A 326 39.21 -2.30 -8.75
C ASN A 326 38.34 -1.43 -9.65
N MET A 327 37.16 -1.04 -9.17
CA MET A 327 36.27 -0.21 -9.97
C MET A 327 36.91 1.16 -10.23
N ARG A 328 37.49 1.76 -9.20
CA ARG A 328 38.15 3.05 -9.40
C ARG A 328 39.34 2.93 -10.32
N GLU A 329 40.09 1.83 -10.23
CA GLU A 329 41.22 1.62 -11.13
C GLU A 329 40.75 1.47 -12.58
N CYS A 330 39.62 0.79 -12.79
CA CYS A 330 39.14 0.60 -14.15
C CYS A 330 38.59 1.88 -14.74
N LEU A 331 37.79 2.62 -13.96
CA LEU A 331 37.19 3.85 -14.47
C LEU A 331 38.26 4.84 -14.89
N THR A 332 39.48 4.71 -14.35
CA THR A 332 40.60 5.56 -14.76
C THR A 332 41.41 4.89 -15.87
N GLY A 333 40.71 4.51 -16.93
CA GLY A 333 41.37 4.00 -18.13
C GLY A 333 42.13 2.71 -17.97
N SER A 334 41.56 1.71 -17.28
CA SER A 334 42.15 0.38 -17.19
C SER A 334 41.01 -0.63 -17.40
N THR A 335 40.77 -0.98 -18.66
CA THR A 335 39.62 -1.83 -18.99
C THR A 335 39.83 -3.28 -18.62
N GLU A 336 41.04 -3.70 -18.26
CA GLU A 336 41.27 -5.09 -17.91
C GLU A 336 40.53 -5.50 -16.64
N LYS A 337 40.19 -4.56 -15.77
CA LYS A 337 39.59 -4.86 -14.48
C LYS A 337 38.07 -4.81 -14.50
N CYS A 338 37.45 -4.37 -15.60
CA CYS A 338 36.00 -4.25 -15.66
C CYS A 338 35.39 -5.53 -16.19
N PRO A 339 34.48 -6.18 -15.46
CA PRO A 339 33.90 -7.44 -15.94
C PRO A 339 32.86 -7.21 -17.02
N ARG A 340 32.40 -8.32 -17.59
CA ARG A 340 31.37 -8.31 -18.62
C ARG A 340 30.33 -9.37 -18.29
N GLU A 341 29.15 -9.22 -18.88
CA GLU A 341 28.08 -10.20 -18.74
C GLU A 341 27.53 -10.52 -20.13
N LEU A 342 27.36 -11.80 -20.41
CA LEU A 342 26.82 -12.24 -21.69
C LEU A 342 25.36 -11.84 -21.81
N VAL A 343 24.91 -11.63 -23.04
CA VAL A 343 23.56 -11.18 -23.33
C VAL A 343 22.86 -12.28 -24.11
N VAL A 344 21.75 -12.78 -23.57
CA VAL A 344 20.90 -13.73 -24.27
C VAL A 344 19.57 -13.12 -24.68
N SER A 345 19.13 -12.03 -24.03
CA SER A 345 17.89 -11.38 -24.41
C SER A 345 18.08 -10.61 -25.72
N SER A 346 16.97 -10.39 -26.42
CA SER A 346 16.98 -9.66 -27.69
C SER A 346 16.58 -8.20 -27.52
N HIS A 347 16.32 -7.76 -26.28
CA HIS A 347 15.94 -6.38 -25.98
C HIS A 347 17.03 -5.76 -25.10
N VAL A 348 18.03 -5.18 -25.75
CA VAL A 348 19.15 -4.54 -25.06
C VAL A 348 19.62 -3.39 -25.95
N PRO A 349 19.98 -2.23 -25.41
CA PRO A 349 20.45 -1.14 -26.28
C PRO A 349 21.63 -1.58 -27.13
N ARG A 350 21.56 -1.24 -28.41
CA ARG A 350 22.61 -1.60 -29.36
C ARG A 350 23.36 -0.40 -29.92
N PHE A 351 22.82 0.81 -29.76
CA PHE A 351 23.49 2.01 -30.20
C PHE A 351 23.13 3.16 -29.28
N ALA A 352 23.98 4.18 -29.28
CA ALA A 352 23.76 5.36 -28.45
C ALA A 352 24.44 6.55 -29.09
N LEU A 353 23.77 7.71 -29.00
CA LEU A 353 24.27 8.94 -29.60
C LEU A 353 24.72 9.89 -28.50
N SER A 354 25.93 10.41 -28.62
CA SER A 354 26.48 11.33 -27.64
C SER A 354 27.28 12.42 -28.35
N ASN A 355 27.03 13.67 -27.97
CA ASN A 355 27.76 14.81 -28.50
C ASN A 355 27.72 14.86 -30.03
N GLY A 356 26.70 14.26 -30.63
CA GLY A 356 26.53 14.25 -32.06
C GLY A 356 27.09 13.04 -32.76
N VAL A 357 27.98 12.29 -32.12
CA VAL A 357 28.56 11.09 -32.72
C VAL A 357 27.72 9.90 -32.31
N LEU A 358 27.81 8.81 -33.10
CA LEU A 358 27.00 7.62 -32.88
C LEU A 358 27.91 6.44 -32.59
N PHE A 359 27.79 5.89 -31.38
CA PHE A 359 28.51 4.68 -31.00
C PHE A 359 27.55 3.50 -31.12
N ALA A 360 27.79 2.56 -32.02
CA ALA A 360 26.84 1.45 -32.27
C ALA A 360 27.53 0.14 -32.64
N ASN A 361 27.26 -0.93 -31.88
CA ASN A 361 27.71 -2.30 -32.26
C ASN A 361 27.09 -2.44 -33.64
N CYS A 362 27.87 -2.42 -34.71
CA CYS A 362 27.34 -2.31 -36.09
C CYS A 362 27.10 -3.67 -36.76
N ILE A 363 27.25 -4.79 -36.04
CA ILE A 363 26.94 -6.15 -36.61
C ILE A 363 25.48 -6.52 -36.31
N SER A 364 24.94 -6.19 -35.14
CA SER A 364 23.62 -6.66 -34.75
C SER A 364 22.52 -5.83 -35.40
N VAL A 365 22.73 -4.53 -35.52
CA VAL A 365 21.79 -3.62 -36.18
C VAL A 365 22.28 -3.36 -37.60
N THR A 366 21.44 -3.48 -38.62
CA THR A 366 21.87 -3.17 -40.00
C THR A 366 22.15 -1.67 -40.12
N CYS A 367 23.32 -1.19 -39.67
CA CYS A 367 23.72 0.24 -39.76
C CYS A 367 24.20 0.44 -41.18
N GLN A 368 23.68 1.44 -41.90
CA GLN A 368 24.01 1.64 -43.33
C GLN A 368 23.90 3.13 -43.66
N CYS A 369 24.95 3.74 -44.22
CA CYS A 369 24.96 5.15 -44.56
C CYS A 369 23.98 5.47 -45.68
N GLN A 370 23.76 6.76 -45.93
CA GLN A 370 22.80 7.24 -46.91
C GLN A 370 23.43 8.04 -48.05
N THR A 371 24.31 9.00 -47.73
CA THR A 371 24.79 9.93 -48.76
C THR A 371 25.39 9.19 -49.94
N THR A 372 26.30 8.24 -49.67
CA THR A 372 26.94 7.47 -50.72
C THR A 372 26.22 6.16 -51.00
N GLY A 373 25.26 5.76 -50.18
CA GLY A 373 24.43 4.61 -50.45
C GLY A 373 25.05 3.27 -50.13
N ARG A 374 26.28 3.23 -49.61
CA ARG A 374 26.91 1.96 -49.27
C ARG A 374 26.45 1.52 -47.88
N ALA A 375 27.08 0.48 -47.35
CA ALA A 375 26.76 -0.06 -46.04
C ALA A 375 27.97 0.05 -45.14
N ILE A 376 27.73 0.26 -43.85
CA ILE A 376 28.79 0.36 -42.85
C ILE A 376 28.95 -1.00 -42.20
N SER A 377 30.17 -1.53 -42.25
CA SER A 377 30.48 -2.85 -41.74
C SER A 377 31.65 -2.78 -40.78
N GLN A 378 31.67 -3.69 -39.81
CA GLN A 378 32.75 -3.80 -38.84
C GLN A 378 33.29 -5.21 -38.82
N SER A 379 34.61 -5.32 -38.71
CA SER A 379 35.24 -6.63 -38.60
C SER A 379 35.06 -7.18 -37.19
N GLY A 380 35.27 -8.49 -37.05
CA GLY A 380 35.11 -9.13 -35.76
C GLY A 380 36.03 -8.60 -34.69
N GLU A 381 37.18 -8.03 -35.08
CA GLU A 381 38.13 -7.53 -34.09
C GLU A 381 37.54 -6.36 -33.29
N GLN A 382 36.83 -5.47 -33.97
CA GLN A 382 36.30 -4.28 -33.30
C GLN A 382 35.17 -4.65 -32.35
N THR A 383 35.04 -3.88 -31.28
CA THR A 383 33.97 -4.03 -30.30
C THR A 383 32.80 -3.11 -30.60
N LEU A 384 33.05 -1.81 -30.72
CA LEU A 384 32.05 -0.83 -31.09
C LEU A 384 32.56 -0.01 -32.27
N LEU A 385 31.63 0.53 -33.04
CA LEU A 385 31.94 1.35 -34.20
C LEU A 385 31.45 2.76 -33.96
N MET A 386 32.32 3.74 -34.20
CA MET A 386 32.00 5.15 -34.04
C MET A 386 31.74 5.76 -35.41
N ILE A 387 30.62 6.48 -35.53
CA ILE A 387 30.20 7.09 -36.79
C ILE A 387 30.08 8.58 -36.55
N ASP A 388 30.69 9.37 -37.44
CA ASP A 388 30.64 10.81 -37.35
C ASP A 388 30.85 11.36 -38.75
N ASN A 389 30.82 12.67 -38.92
CA ASN A 389 31.03 13.31 -40.21
C ASN A 389 32.08 12.65 -41.08
N THR A 390 33.30 12.47 -40.58
CA THR A 390 34.37 11.83 -41.34
C THR A 390 33.93 10.59 -42.09
N THR A 391 33.36 9.60 -41.39
CA THR A 391 32.86 8.41 -42.06
C THR A 391 31.84 8.80 -43.13
N CYS A 392 30.72 9.37 -42.71
CA CYS A 392 29.73 9.95 -43.63
C CYS A 392 28.69 10.71 -42.83
N PRO A 393 28.06 11.73 -43.40
CA PRO A 393 27.21 12.62 -42.59
C PRO A 393 26.00 11.94 -41.98
N THR A 394 25.19 11.28 -42.81
CA THR A 394 23.89 10.75 -42.38
C THR A 394 23.97 9.23 -42.24
N ALA A 395 23.38 8.72 -41.17
CA ALA A 395 23.35 7.30 -40.87
C ALA A 395 21.91 6.82 -40.81
N VAL A 396 21.64 5.68 -41.45
CA VAL A 396 20.30 5.09 -41.49
C VAL A 396 20.35 3.86 -40.59
N LEU A 397 19.99 4.04 -39.33
CA LEU A 397 20.00 2.96 -38.35
C LEU A 397 18.59 2.35 -38.31
N GLY A 398 18.46 1.12 -38.75
CA GLY A 398 17.16 0.47 -38.74
C GLY A 398 16.16 1.28 -39.55
N ASN A 399 15.11 1.72 -38.88
CA ASN A 399 14.04 2.50 -39.52
C ASN A 399 14.15 4.00 -39.26
N VAL A 400 15.24 4.47 -38.65
CA VAL A 400 15.41 5.87 -38.31
C VAL A 400 16.65 6.41 -39.02
N ILE A 401 16.47 7.51 -39.75
CA ILE A 401 17.58 8.24 -40.36
C ILE A 401 18.01 9.33 -39.38
N ILE A 402 19.30 9.65 -39.36
CA ILE A 402 19.81 10.62 -38.41
C ILE A 402 21.03 11.30 -39.02
N SER A 403 21.28 12.54 -38.61
CA SER A 403 22.42 13.31 -39.05
C SER A 403 23.37 13.51 -37.88
N GLY A 405 27.27 14.55 -35.99
CA GLY A 405 28.20 15.66 -35.88
C GLY A 405 29.64 15.25 -36.08
N LYS A 406 30.52 15.68 -35.18
CA LYS A 406 31.93 15.35 -35.26
C LYS A 406 32.44 14.89 -33.90
N TYR A 407 33.55 14.16 -33.92
CA TYR A 407 34.17 13.63 -32.72
C TYR A 407 35.38 14.49 -32.38
N LEU A 408 35.42 15.01 -31.15
CA LEU A 408 36.50 15.87 -30.70
C LEU A 408 37.66 15.11 -30.09
N GLY A 409 37.60 13.79 -30.04
CA GLY A 409 38.66 12.97 -29.48
C GLY A 409 39.68 12.54 -30.51
N SER A 410 40.23 11.35 -30.30
CA SER A 410 41.25 10.82 -31.20
C SER A 410 40.69 10.65 -32.60
N VAL A 411 41.49 11.02 -33.60
CA VAL A 411 41.05 10.92 -34.98
C VAL A 411 40.88 9.46 -35.39
N ASN A 412 41.84 8.62 -35.03
CA ASN A 412 41.81 7.19 -35.41
C ASN A 412 41.19 6.38 -34.26
N TYR A 413 39.91 6.66 -34.01
CA TYR A 413 39.21 5.97 -32.93
C TYR A 413 38.90 4.52 -33.31
N ASN A 414 38.45 4.30 -34.54
CA ASN A 414 37.94 2.98 -34.91
C ASN A 414 39.02 1.91 -34.82
N SER A 415 40.20 2.18 -35.38
CA SER A 415 41.26 1.18 -35.46
C SER A 415 42.26 1.35 -34.32
N GLU A 416 41.77 1.15 -33.10
CA GLU A 416 42.64 1.19 -31.92
C GLU A 416 42.69 -0.16 -31.21
N GLY A 417 41.56 -0.72 -30.80
CA GLY A 417 41.55 -1.98 -30.09
C GLY A 417 42.00 -1.84 -28.65
N ILE A 418 41.39 -2.62 -27.74
CA ILE A 418 41.75 -2.57 -26.33
C ILE A 418 41.45 -3.94 -25.72
N ALA A 419 42.16 -4.25 -24.64
CA ALA A 419 41.91 -5.48 -23.90
C ALA A 419 40.60 -5.37 -23.14
N ILE A 420 39.99 -6.52 -22.87
CA ILE A 420 38.69 -6.60 -22.21
C ILE A 420 38.79 -7.57 -21.03
N GLY A 421 37.92 -7.37 -20.04
CA GLY A 421 37.99 -8.10 -18.80
C GLY A 421 37.30 -9.44 -18.84
N PRO A 422 37.27 -10.12 -17.70
CA PRO A 422 36.67 -11.46 -17.64
C PRO A 422 35.18 -11.38 -17.46
N PRO A 423 34.45 -12.45 -17.79
CA PRO A 423 32.99 -12.44 -17.63
C PRO A 423 32.57 -12.74 -16.20
N VAL A 424 31.31 -12.41 -15.90
CA VAL A 424 30.69 -12.68 -14.62
C VAL A 424 29.20 -12.91 -14.84
N PHE A 425 28.53 -13.41 -13.80
CA PHE A 425 27.09 -13.62 -13.82
C PHE A 425 26.48 -12.90 -12.62
N THR A 426 25.47 -12.07 -12.88
CA THR A 426 24.88 -11.22 -11.85
C THR A 426 23.55 -11.76 -11.33
N ASP A 427 23.18 -12.98 -11.68
CA ASP A 427 21.95 -13.55 -11.17
C ASP A 427 22.05 -13.76 -9.66
N LYS A 428 20.92 -13.55 -8.98
CA LYS A 428 20.92 -13.63 -7.52
C LYS A 428 21.31 -15.03 -7.04
N VAL A 429 20.73 -16.07 -7.66
CA VAL A 429 21.01 -17.44 -7.23
C VAL A 429 22.43 -17.84 -7.60
N ASP A 430 22.91 -17.43 -8.77
CA ASP A 430 24.19 -17.91 -9.26
C ASP A 430 25.36 -17.46 -8.40
N ILE A 431 25.19 -16.41 -7.59
CA ILE A 431 26.28 -15.95 -6.73
C ILE A 431 26.68 -17.04 -5.76
N SER A 432 25.69 -17.69 -5.14
CA SER A 432 25.98 -18.76 -4.18
C SER A 432 26.69 -19.93 -4.85
N SER A 433 26.24 -20.32 -6.04
CA SER A 433 26.88 -21.41 -6.75
C SER A 433 28.31 -21.06 -7.12
N GLN A 434 28.55 -19.84 -7.59
CA GLN A 434 29.90 -19.42 -7.92
C GLN A 434 30.79 -19.47 -6.68
N ILE A 435 30.29 -18.96 -5.55
CA ILE A 435 31.09 -18.96 -4.33
C ILE A 435 31.41 -20.39 -3.90
N SER A 436 30.42 -21.27 -3.96
CA SER A 436 30.64 -22.66 -3.52
C SER A 436 31.65 -23.36 -4.42
N SER A 437 31.50 -23.23 -5.74
CA SER A 437 32.44 -23.87 -6.65
C SER A 437 33.85 -23.31 -6.46
N MET A 438 33.92 -22.00 -6.23
CA MET A 438 35.21 -21.29 -6.05
C MET A 438 35.97 -21.89 -4.87
N ASN A 439 35.28 -22.01 -3.74
CA ASN A 439 35.78 -22.58 -2.48
C ASN A 439 36.21 -24.03 -2.72
N GLN A 440 35.38 -24.81 -3.40
CA GLN A 440 35.62 -26.22 -3.79
C GLN A 440 36.98 -26.29 -4.49
N SER A 441 37.22 -25.37 -5.43
CA SER A 441 38.46 -25.27 -6.17
C SER A 441 39.61 -24.86 -5.27
N LEU A 442 39.39 -23.88 -4.39
CA LEU A 442 40.43 -23.46 -3.47
C LEU A 442 40.84 -24.58 -2.53
N GLN A 443 39.85 -25.32 -2.01
CA GLN A 443 40.15 -26.42 -1.10
C GLN A 443 40.97 -27.50 -1.79
N GLN A 444 40.62 -27.81 -3.04
CA GLN A 444 41.40 -28.82 -3.78
C GLN A 444 42.85 -28.38 -3.94
N SER A 445 43.08 -27.11 -4.31
CA SER A 445 44.44 -26.62 -4.46
C SER A 445 45.19 -26.63 -3.13
N LYS A 446 44.50 -26.25 -2.04
CA LYS A 446 45.14 -26.26 -0.73
C LYS A 446 45.56 -27.67 -0.34
N ASP A 447 44.68 -28.65 -0.57
CA ASP A 447 45.01 -30.03 -0.25
C ASP A 447 46.17 -30.52 -1.10
N TYR A 448 46.18 -30.17 -2.40
CA TYR A 448 47.27 -30.58 -3.26
C TYR A 448 48.59 -29.98 -2.79
N ILE A 449 48.59 -28.70 -2.41
CA ILE A 449 49.80 -28.07 -1.92
C ILE A 449 50.27 -28.75 -0.64
N LYS A 450 49.34 -29.05 0.26
CA LYS A 450 49.71 -29.71 1.51
C LYS A 450 50.30 -31.09 1.25
N GLU A 451 49.76 -31.81 0.27
CA GLU A 451 50.25 -33.16 -0.01
C GLU A 451 51.73 -33.15 -0.41
N ALA A 452 52.12 -32.19 -1.26
CA ALA A 452 53.51 -32.10 -1.70
C ALA A 452 54.25 -31.02 -0.92
N ILE B 2 24.46 -14.71 25.74
CA ILE B 2 25.84 -15.14 25.51
C ILE B 2 26.35 -14.50 24.23
N LEU B 3 26.34 -13.17 24.19
CA LEU B 3 26.78 -12.42 23.03
C LEU B 3 27.99 -11.54 23.31
N HIS B 4 28.54 -11.57 24.53
CA HIS B 4 29.72 -10.78 24.88
C HIS B 4 29.53 -9.31 24.47
N TYR B 5 28.55 -8.68 25.13
CA TYR B 5 28.17 -7.33 24.77
C TYR B 5 29.33 -6.35 24.97
N GLU B 6 30.14 -6.55 26.02
CA GLU B 6 31.22 -5.62 26.31
C GLU B 6 32.21 -5.56 25.16
N LYS B 7 32.62 -6.72 24.64
CA LYS B 7 33.58 -6.73 23.55
C LYS B 7 32.97 -6.20 22.26
N LEU B 8 31.69 -6.48 22.03
CA LEU B 8 31.04 -5.99 20.83
C LEU B 8 30.84 -4.47 20.86
N SER B 9 30.73 -3.90 22.05
CA SER B 9 30.53 -2.45 22.14
C SER B 9 31.75 -1.69 21.66
N LYS B 10 32.94 -2.29 21.74
CA LYS B 10 34.16 -1.61 21.34
C LYS B 10 34.25 -1.37 19.84
N ILE B 11 33.38 -1.99 19.04
CA ILE B 11 33.40 -1.84 17.59
C ILE B 11 32.08 -1.25 17.08
N GLY B 12 31.33 -0.59 17.95
CA GLY B 12 30.10 0.08 17.54
C GLY B 12 28.94 -0.86 17.31
N LEU B 13 28.63 -1.69 18.31
CA LEU B 13 27.50 -2.61 18.25
C LEU B 13 26.74 -2.57 19.58
N VAL B 14 26.40 -1.35 20.02
CA VAL B 14 25.85 -1.19 21.35
C VAL B 14 24.54 -1.95 21.48
N LYS B 15 24.40 -2.67 22.59
CA LYS B 15 23.22 -3.49 22.80
C LYS B 15 21.96 -2.61 22.83
N GLY B 16 20.90 -3.09 22.18
CA GLY B 16 19.63 -2.41 22.15
C GLY B 16 18.58 -3.08 23.01
N VAL B 17 17.32 -2.83 22.64
CA VAL B 17 16.22 -3.40 23.40
C VAL B 17 16.12 -4.91 23.13
N THR B 18 15.72 -5.66 24.14
CA THR B 18 15.47 -7.08 24.03
C THR B 18 13.97 -7.32 23.93
N ARG B 19 13.54 -8.10 22.95
CA ARG B 19 12.14 -8.25 22.64
C ARG B 19 11.76 -9.73 22.61
N LYS B 20 10.47 -9.98 22.78
CA LYS B 20 9.93 -11.34 22.75
C LYS B 20 9.53 -11.72 21.33
N TYR B 21 9.38 -13.01 21.10
CA TYR B 21 9.03 -13.56 19.80
C TYR B 21 7.64 -14.18 19.88
N LYS B 22 6.75 -13.74 18.99
CA LYS B 22 5.37 -14.20 18.97
C LYS B 22 5.00 -14.62 17.55
N ILE B 23 4.33 -15.76 17.36
CA ILE B 23 3.95 -16.29 16.01
C ILE B 23 2.46 -16.63 16.02
N LYS B 24 1.70 -16.31 14.96
CA LYS B 24 0.24 -16.55 14.90
C LYS B 24 0.00 -18.06 14.95
N SER B 25 -1.08 -18.52 15.60
CA SER B 25 -1.43 -19.95 15.72
C SER B 25 -2.86 -20.15 16.21
N ASN B 26 -3.54 -21.25 15.85
CA ASN B 26 -4.87 -21.62 16.31
C ASN B 26 -5.94 -20.67 15.77
N PRO B 27 -6.21 -20.71 14.48
CA PRO B 27 -7.24 -19.81 13.92
C PRO B 27 -8.65 -20.19 14.35
N LEU B 28 -9.54 -19.20 14.31
CA LEU B 28 -10.96 -19.39 14.54
C LEU B 28 -11.71 -18.95 13.29
N THR B 29 -12.65 -19.78 12.83
CA THR B 29 -13.26 -19.61 11.52
C THR B 29 -14.58 -18.87 11.61
N LYS B 30 -14.84 -18.01 10.62
CA LYS B 30 -16.14 -17.36 10.46
C LYS B 30 -16.42 -17.22 8.97
N ASP B 31 -17.70 -17.05 8.62
CA ASP B 31 -18.12 -16.94 7.24
C ASP B 31 -18.81 -15.61 7.00
N ILE B 32 -18.72 -15.11 5.76
CA ILE B 32 -19.43 -13.88 5.39
C ILE B 32 -19.63 -13.86 3.89
N VAL B 33 -20.79 -13.37 3.47
CA VAL B 33 -21.13 -13.25 2.06
C VAL B 33 -20.71 -11.86 1.58
N ILE B 34 -20.36 -11.77 0.30
CA ILE B 34 -19.99 -10.49 -0.33
C ILE B 34 -20.69 -10.48 -1.69
N LYS B 35 -21.63 -9.55 -1.86
CA LYS B 35 -22.24 -9.33 -3.15
C LYS B 35 -21.46 -8.26 -3.91
N MET B 36 -21.44 -8.40 -5.24
CA MET B 36 -20.60 -7.55 -6.08
C MET B 36 -21.38 -6.77 -7.12
N ILE B 37 -22.70 -6.90 -7.17
CA ILE B 37 -23.52 -6.14 -8.12
C ILE B 37 -24.58 -5.38 -7.32
N PRO B 38 -24.52 -4.05 -7.26
CA PRO B 38 -25.49 -3.31 -6.44
C PRO B 38 -26.89 -3.39 -7.03
N ASN B 39 -27.87 -3.29 -6.14
CA ASN B 39 -29.27 -3.26 -6.55
C ASN B 39 -29.64 -1.86 -7.03
N VAL B 40 -30.31 -1.78 -8.18
CA VAL B 40 -30.72 -0.50 -8.74
C VAL B 40 -32.22 -0.53 -9.01
N SER B 41 -32.94 -1.26 -8.15
CA SER B 41 -34.41 -1.48 -8.24
C SER B 41 -35.19 -0.19 -7.94
N ASN B 42 -34.64 0.68 -7.09
CA ASN B 42 -35.30 1.94 -6.65
C ASN B 42 -35.20 3.01 -7.74
N MET B 43 -34.19 2.91 -8.60
CA MET B 43 -33.99 3.80 -9.77
C MET B 43 -33.82 2.96 -11.05
N SER B 44 -34.68 1.97 -11.27
CA SER B 44 -34.61 1.08 -12.42
C SER B 44 -35.31 1.66 -13.64
N GLN B 45 -36.19 2.65 -13.47
CA GLN B 45 -36.98 3.14 -14.59
C GLN B 45 -36.09 3.70 -15.70
N CYS B 46 -34.99 4.37 -15.33
CA CYS B 46 -34.07 4.95 -16.32
C CYS B 46 -32.64 4.68 -15.82
N THR B 47 -32.05 3.58 -16.31
CA THR B 47 -30.67 3.25 -15.98
C THR B 47 -29.89 2.74 -17.19
N GLY B 48 -30.48 2.78 -18.39
CA GLY B 48 -29.78 2.34 -19.57
C GLY B 48 -29.50 0.84 -19.53
N SER B 49 -28.49 0.44 -20.31
CA SER B 49 -28.05 -0.96 -20.38
C SER B 49 -26.67 -1.14 -19.74
N VAL B 50 -26.32 -0.27 -18.81
CA VAL B 50 -25.00 -0.35 -18.17
C VAL B 50 -24.87 -1.66 -17.40
N MET B 51 -25.93 -2.05 -16.69
CA MET B 51 -25.84 -3.23 -15.82
C MET B 51 -25.58 -4.50 -16.62
N GLU B 52 -26.13 -4.61 -17.83
CA GLU B 52 -25.86 -5.79 -18.64
C GLU B 52 -24.39 -5.90 -19.00
N ASN B 53 -23.77 -4.79 -19.41
CA ASN B 53 -22.35 -4.81 -19.72
C ASN B 53 -21.51 -5.10 -18.48
N TYR B 54 -21.90 -4.51 -17.35
CA TYR B 54 -21.17 -4.78 -16.11
C TYR B 54 -21.25 -6.26 -15.74
N LYS B 55 -22.43 -6.86 -15.87
CA LYS B 55 -22.58 -8.28 -15.60
C LYS B 55 -21.73 -9.11 -16.55
N THR B 56 -21.71 -8.74 -17.84
CA THR B 56 -20.92 -9.50 -18.81
C THR B 56 -19.44 -9.45 -18.45
N ARG B 57 -18.93 -8.28 -18.07
CA ARG B 57 -17.53 -8.17 -17.71
C ARG B 57 -17.21 -8.93 -16.42
N LEU B 58 -18.08 -8.80 -15.42
CA LEU B 58 -17.82 -9.44 -14.13
C LEU B 58 -17.92 -10.97 -14.24
N ASN B 59 -18.75 -11.48 -15.15
CA ASN B 59 -18.79 -12.91 -15.37
C ASN B 59 -17.44 -13.42 -15.88
N GLY B 60 -16.84 -12.71 -16.83
CA GLY B 60 -15.52 -13.08 -17.30
C GLY B 60 -14.47 -12.96 -16.22
N ILE B 61 -14.60 -11.94 -15.37
CA ILE B 61 -13.65 -11.79 -14.26
C ILE B 61 -13.76 -12.96 -13.29
N LEU B 62 -14.98 -13.42 -13.02
CA LEU B 62 -15.20 -14.42 -11.98
C LEU B 62 -15.01 -15.86 -12.48
N THR B 63 -15.20 -16.11 -13.76
CA THR B 63 -15.16 -17.49 -14.25
C THR B 63 -13.85 -18.19 -13.92
N PRO B 64 -12.68 -17.57 -14.10
CA PRO B 64 -11.43 -18.29 -13.74
C PRO B 64 -11.40 -18.76 -12.30
N ILE B 65 -11.91 -17.96 -11.37
CA ILE B 65 -11.90 -18.37 -9.96
C ILE B 65 -12.78 -19.59 -9.76
N LYS B 66 -13.97 -19.60 -10.35
CA LYS B 66 -14.85 -20.77 -10.23
C LYS B 66 -14.20 -22.00 -10.84
N GLY B 67 -13.56 -21.84 -12.00
CA GLY B 67 -12.89 -22.97 -12.62
C GLY B 67 -11.76 -23.52 -11.76
N ALA B 68 -10.98 -22.62 -11.15
CA ALA B 68 -9.90 -23.06 -10.28
C ALA B 68 -10.44 -23.79 -9.06
N LEU B 69 -11.51 -23.27 -8.46
CA LEU B 69 -12.07 -23.89 -7.26
C LEU B 69 -12.67 -25.26 -7.59
N GLU B 70 -13.28 -25.40 -8.76
CA GLU B 70 -14.00 -26.64 -9.08
C GLU B 70 -13.08 -27.85 -9.14
N ILE B 71 -11.77 -27.66 -9.23
CA ILE B 71 -10.85 -28.79 -9.34
C ILE B 71 -10.95 -29.67 -8.11
N TYR B 72 -10.97 -29.07 -6.92
CA TYR B 72 -10.95 -29.85 -5.69
C TYR B 72 -12.33 -30.32 -5.28
N LYS B 73 -13.36 -29.51 -5.54
CA LYS B 73 -14.76 -29.83 -5.13
C LYS B 73 -15.25 -31.11 -5.83
N ASN B 74 -15.01 -31.22 -7.13
CA ASN B 74 -15.46 -32.38 -7.94
C ASN B 74 -14.71 -33.65 -7.58
N ASN B 75 -13.42 -33.50 -7.27
CA ASN B 75 -12.47 -34.63 -7.05
C ASN B 75 -12.36 -35.09 -5.59
N THR B 76 -13.02 -34.43 -4.63
CA THR B 76 -12.92 -34.74 -3.22
C THR B 76 -14.16 -35.52 -2.78
N HIS B 77 -13.93 -36.68 -2.16
CA HIS B 77 -15.01 -37.50 -1.63
C HIS B 77 -14.73 -37.80 -0.16
N ASP B 78 -15.77 -37.70 0.66
CA ASP B 78 -15.63 -38.01 2.09
C ASP B 78 -15.48 -39.51 2.30
N LEU B 79 -14.68 -39.87 3.30
CA LEU B 79 -14.42 -41.28 3.59
C LEU B 79 -15.66 -41.91 4.24
N GLY B 87 -12.18 -39.24 7.37
CA GLY B 87 -11.57 -38.10 6.71
C GLY B 87 -12.09 -37.88 5.31
N VAL B 88 -11.34 -37.12 4.52
CA VAL B 88 -11.70 -36.82 3.14
C VAL B 88 -10.65 -37.46 2.23
N ILE B 89 -11.10 -38.29 1.29
CA ILE B 89 -10.20 -39.02 0.41
C ILE B 89 -9.93 -38.15 -0.81
N MET B 90 -8.77 -37.51 -0.83
CA MET B 90 -8.37 -36.73 -2.00
C MET B 90 -8.13 -37.65 -3.19
N ALA B 91 -8.57 -37.21 -4.37
CA ALA B 91 -8.42 -38.05 -5.56
C ALA B 91 -6.96 -38.33 -5.87
N GLY B 92 -6.12 -37.31 -5.80
CA GLY B 92 -4.71 -37.48 -6.09
C GLY B 92 -4.40 -37.59 -7.57
N VAL B 93 -4.96 -38.61 -8.23
CA VAL B 93 -4.69 -38.81 -9.65
C VAL B 93 -5.24 -37.65 -10.46
N ALA B 94 -6.47 -37.24 -10.18
CA ALA B 94 -7.09 -36.16 -10.95
C ALA B 94 -6.41 -34.83 -10.69
N ILE B 95 -5.99 -34.57 -9.45
CA ILE B 95 -5.39 -33.29 -9.11
C ILE B 95 -4.08 -33.11 -9.88
N GLY B 96 -3.26 -34.16 -9.95
CA GLY B 96 -2.01 -34.09 -10.69
C GLY B 96 -0.91 -33.40 -9.93
N ILE B 97 -0.49 -32.22 -10.40
CA ILE B 97 0.59 -31.47 -9.79
C ILE B 97 -0.01 -30.57 -8.71
N ALA B 98 0.47 -30.72 -7.48
CA ALA B 98 -0.04 -29.94 -6.37
C ALA B 98 1.06 -29.79 -5.32
N THR B 99 0.90 -28.79 -4.46
CA THR B 99 1.82 -28.52 -3.36
C THR B 99 1.18 -28.93 -2.05
N ALA B 100 2.02 -29.10 -1.02
CA ALA B 100 1.52 -29.48 0.29
C ALA B 100 0.56 -28.42 0.83
N ALA B 101 0.93 -27.15 0.70
CA ALA B 101 0.05 -26.08 1.16
C ALA B 101 -1.26 -26.07 0.38
N GLN B 102 -1.19 -26.31 -0.93
CA GLN B 102 -2.41 -26.32 -1.73
C GLN B 102 -3.35 -27.44 -1.31
N ILE B 103 -2.80 -28.64 -1.05
CA ILE B 103 -3.63 -29.75 -0.62
C ILE B 103 -4.22 -29.49 0.77
N THR B 104 -3.41 -28.94 1.68
CA THR B 104 -3.92 -28.62 3.01
C THR B 104 -5.02 -27.57 2.94
N ALA B 105 -4.92 -26.63 2.00
CA ALA B 105 -5.98 -25.64 1.83
C ALA B 105 -7.21 -26.25 1.17
N GLY B 106 -7.02 -27.18 0.24
CA GLY B 106 -8.16 -27.82 -0.38
C GLY B 106 -8.96 -28.67 0.59
N VAL B 107 -8.28 -29.33 1.52
CA VAL B 107 -8.99 -30.11 2.53
C VAL B 107 -9.88 -29.20 3.36
N ALA B 108 -9.34 -28.05 3.79
CA ALA B 108 -10.13 -27.10 4.56
C ALA B 108 -11.27 -26.53 3.72
N LEU B 109 -11.03 -26.31 2.43
CA LEU B 109 -12.09 -25.84 1.55
C LEU B 109 -13.24 -26.83 1.48
N TYR B 110 -12.92 -28.12 1.33
CA TYR B 110 -13.97 -29.13 1.31
C TYR B 110 -14.70 -29.18 2.64
N GLU B 111 -13.96 -29.08 3.76
CA GLU B 111 -14.60 -29.10 5.07
C GLU B 111 -15.55 -27.92 5.23
N ALA B 112 -15.18 -26.75 4.73
CA ALA B 112 -16.05 -25.58 4.81
C ALA B 112 -17.22 -25.67 3.83
N MET B 113 -17.06 -26.44 2.76
CA MET B 113 -18.15 -26.59 1.79
C MET B 113 -19.41 -27.12 2.46
N LYS B 114 -19.27 -27.89 3.54
CA LYS B 114 -20.44 -28.43 4.22
C LYS B 114 -21.32 -27.30 4.75
N ASN B 115 -20.71 -26.29 5.36
CA ASN B 115 -21.47 -25.15 5.85
C ASN B 115 -21.78 -24.14 4.76
N ALA B 116 -20.98 -24.08 3.70
CA ALA B 116 -21.23 -23.14 2.62
C ALA B 116 -22.54 -23.42 1.90
N ASP B 117 -23.09 -24.63 2.00
CA ASP B 117 -24.38 -24.95 1.39
C ASP B 117 -25.55 -24.40 2.19
N ASN B 118 -25.44 -24.36 3.52
CA ASN B 118 -26.52 -23.81 4.33
C ASN B 118 -26.76 -22.35 4.01
N ILE B 119 -25.68 -21.57 3.84
CA ILE B 119 -25.83 -20.17 3.45
C ILE B 119 -26.41 -20.05 2.05
N ASN B 120 -26.28 -21.08 1.24
CA ASN B 120 -26.75 -21.03 -0.15
C ASN B 120 -28.24 -21.24 -0.29
N LYS B 121 -28.93 -21.64 0.77
CA LYS B 121 -30.37 -21.81 0.73
C LYS B 121 -31.11 -20.49 0.95
N LEU B 122 -30.38 -19.40 1.17
CA LEU B 122 -30.94 -18.07 1.30
C LEU B 122 -30.72 -17.23 0.05
N LYS B 123 -30.46 -17.87 -1.09
CA LYS B 123 -30.14 -17.14 -2.31
C LYS B 123 -31.26 -16.18 -2.69
N SER B 124 -32.51 -16.62 -2.62
CA SER B 124 -33.62 -15.74 -2.97
C SER B 124 -33.63 -14.49 -2.11
N SER B 125 -33.13 -14.57 -0.89
CA SER B 125 -33.10 -13.44 0.02
C SER B 125 -31.77 -12.70 -0.01
N ILE B 126 -30.83 -13.11 -0.85
CA ILE B 126 -29.55 -12.40 -0.94
C ILE B 126 -29.56 -11.38 -2.08
N GLU B 127 -30.32 -11.64 -3.15
CA GLU B 127 -30.42 -10.68 -4.24
C GLU B 127 -31.34 -9.51 -3.88
N SER B 128 -32.32 -9.74 -3.02
CA SER B 128 -33.30 -8.71 -2.71
C SER B 128 -32.72 -7.60 -1.83
N THR B 129 -31.68 -7.90 -1.08
CA THR B 129 -31.11 -6.90 -0.17
C THR B 129 -30.66 -5.67 -0.94
N ASN B 130 -30.96 -4.50 -0.39
CA ASN B 130 -30.62 -3.22 -0.98
C ASN B 130 -30.02 -2.28 0.07
N GLU B 131 -29.13 -2.83 0.90
CA GLU B 131 -28.42 -2.05 1.90
C GLU B 131 -26.95 -2.43 1.87
N ALA B 132 -26.09 -1.49 2.28
CA ALA B 132 -24.66 -1.73 2.23
C ALA B 132 -24.27 -2.91 3.11
N VAL B 133 -24.79 -2.96 4.33
CA VAL B 133 -24.54 -4.06 5.25
C VAL B 133 -25.87 -4.52 5.82
N VAL B 134 -26.22 -5.78 5.62
CA VAL B 134 -27.48 -6.32 6.09
C VAL B 134 -27.26 -7.66 6.77
N LYS B 135 -28.18 -8.02 7.66
CA LYS B 135 -28.13 -9.28 8.39
C LYS B 135 -29.35 -10.11 8.02
N LEU B 136 -29.12 -11.34 7.58
CA LEU B 136 -30.18 -12.26 7.22
C LEU B 136 -30.34 -13.33 8.29
N GLN B 137 -31.51 -13.96 8.29
CA GLN B 137 -31.81 -15.02 9.25
C GLN B 137 -31.75 -14.49 10.68
N LYS B 142 -26.30 -18.88 14.22
CA LYS B 142 -26.90 -19.08 12.90
C LYS B 142 -27.29 -17.73 12.29
N THR B 143 -26.28 -16.95 11.90
CA THR B 143 -26.50 -15.64 11.30
C THR B 143 -25.62 -15.49 10.06
N VAL B 144 -26.11 -14.69 9.11
CA VAL B 144 -25.40 -14.41 7.87
C VAL B 144 -25.39 -12.91 7.65
N TYR B 145 -24.24 -12.40 7.20
CA TYR B 145 -24.08 -10.97 6.94
C TYR B 145 -23.75 -10.77 5.47
N VAL B 146 -24.49 -9.89 4.81
CA VAL B 146 -24.29 -9.57 3.40
C VAL B 146 -23.76 -8.15 3.29
N LEU B 147 -22.63 -8.01 2.60
CA LEU B 147 -21.95 -6.72 2.42
C LEU B 147 -21.99 -6.39 0.93
N THR B 148 -23.05 -5.70 0.51
CA THR B 148 -23.16 -5.29 -0.89
C THR B 148 -22.06 -4.29 -1.22
N ALA B 149 -21.54 -4.39 -2.43
CA ALA B 149 -20.43 -3.55 -2.88
C ALA B 149 -20.96 -2.38 -3.69
N LEU B 150 -20.47 -1.18 -3.38
CA LEU B 150 -20.88 0.04 -4.09
C LEU B 150 -22.38 0.23 -4.00
N GLN B 151 -22.94 0.03 -2.81
CA GLN B 151 -24.36 0.24 -2.55
C GLN B 151 -24.66 1.49 -1.76
N ASP B 152 -23.75 1.90 -0.87
CA ASP B 152 -23.94 3.16 -0.15
C ASP B 152 -23.91 4.34 -1.11
N TYR B 153 -23.00 4.32 -2.09
CA TYR B 153 -22.89 5.43 -3.03
C TYR B 153 -24.19 5.63 -3.79
N ILE B 154 -24.79 4.55 -4.28
CA ILE B 154 -26.04 4.67 -5.03
C ILE B 154 -27.14 5.22 -4.14
N ASN B 155 -27.26 4.68 -2.92
CA ASN B 155 -28.34 5.08 -2.03
C ASN B 155 -28.21 6.53 -1.58
N THR B 156 -26.98 7.03 -1.44
CA THR B 156 -26.77 8.35 -0.87
C THR B 156 -26.64 9.45 -1.92
N ASN B 157 -26.12 9.14 -3.10
CA ASN B 157 -25.82 10.15 -4.11
C ASN B 157 -26.77 10.13 -5.31
N LEU B 158 -27.13 8.94 -5.79
CA LEU B 158 -27.89 8.85 -7.04
C LEU B 158 -29.40 8.83 -6.80
N VAL B 159 -29.90 7.91 -5.97
CA VAL B 159 -31.34 7.81 -5.75
C VAL B 159 -31.92 9.12 -5.23
N PRO B 160 -31.32 9.80 -4.25
CA PRO B 160 -31.91 11.06 -3.77
C PRO B 160 -32.04 12.12 -4.84
N THR B 161 -31.12 12.15 -5.80
CA THR B 161 -31.06 13.21 -6.82
C THR B 161 -31.45 12.70 -8.20
N ILE B 162 -32.42 11.79 -8.26
CA ILE B 162 -32.87 11.30 -9.55
C ILE B 162 -33.62 12.38 -10.32
N ASP B 163 -34.50 13.12 -9.63
CA ASP B 163 -35.31 14.13 -10.30
C ASP B 163 -34.52 15.40 -10.62
N LYS B 164 -33.48 15.70 -9.85
CA LYS B 164 -32.76 16.95 -10.03
C LYS B 164 -32.02 16.99 -11.36
N ILE B 165 -31.49 15.85 -11.81
CA ILE B 165 -30.69 15.78 -13.02
C ILE B 165 -31.32 14.80 -13.99
N SER B 166 -31.02 14.99 -15.26
CA SER B 166 -31.58 14.14 -16.31
C SER B 166 -31.09 12.71 -16.16
N CYS B 167 -31.93 11.76 -16.62
CA CYS B 167 -31.59 10.35 -16.46
C CYS B 167 -30.29 9.99 -17.18
N LYS B 168 -29.97 10.69 -18.27
CA LYS B 168 -28.72 10.41 -18.96
C LYS B 168 -27.51 10.69 -18.07
N GLN B 169 -27.54 11.82 -17.34
CA GLN B 169 -26.45 12.13 -16.43
C GLN B 169 -26.34 11.10 -15.33
N THR B 170 -27.47 10.66 -14.78
CA THR B 170 -27.44 9.63 -13.74
C THR B 170 -26.86 8.33 -14.28
N GLU B 171 -27.26 7.94 -15.49
CA GLU B 171 -26.72 6.72 -16.08
C GLU B 171 -25.21 6.83 -16.30
N LEU B 172 -24.75 7.98 -16.80
CA LEU B 172 -23.32 8.16 -17.01
C LEU B 172 -22.56 8.10 -15.68
N SER B 173 -23.10 8.74 -14.64
CA SER B 173 -22.43 8.71 -13.34
C SER B 173 -22.37 7.29 -12.78
N LEU B 174 -23.47 6.53 -12.92
CA LEU B 174 -23.47 5.15 -12.45
C LEU B 174 -22.46 4.31 -13.22
N ASP B 175 -22.38 4.51 -14.54
CA ASP B 175 -21.39 3.78 -15.33
C ASP B 175 -19.98 4.12 -14.89
N LEU B 176 -19.71 5.40 -14.62
CA LEU B 176 -18.38 5.80 -14.16
C LEU B 176 -18.06 5.15 -12.81
N ALA B 177 -19.04 5.12 -11.89
CA ALA B 177 -18.81 4.49 -10.60
C ALA B 177 -18.51 3.01 -10.75
N LEU B 178 -19.28 2.31 -11.59
CA LEU B 178 -19.03 0.89 -11.79
C LEU B 178 -17.66 0.65 -12.40
N SER B 179 -17.27 1.48 -13.38
CA SER B 179 -15.95 1.34 -14.00
C SER B 179 -14.84 1.57 -12.99
N LYS B 180 -15.00 2.58 -12.12
CA LYS B 180 -13.99 2.82 -11.10
C LYS B 180 -13.90 1.63 -10.13
N TYR B 181 -15.04 1.07 -9.75
CA TYR B 181 -15.03 -0.09 -8.87
C TYR B 181 -14.30 -1.26 -9.52
N LEU B 182 -14.58 -1.50 -10.80
CA LEU B 182 -13.89 -2.58 -11.52
C LEU B 182 -12.40 -2.32 -11.60
N SER B 183 -12.01 -1.06 -11.85
CA SER B 183 -10.58 -0.73 -11.91
C SER B 183 -9.90 -1.00 -10.59
N ASP B 184 -10.54 -0.63 -9.49
CA ASP B 184 -9.97 -0.90 -8.17
C ASP B 184 -9.90 -2.40 -7.89
N LEU B 185 -10.91 -3.15 -8.30
CA LEU B 185 -11.00 -4.58 -7.99
C LEU B 185 -10.12 -5.44 -8.89
N LEU B 186 -9.70 -4.95 -10.06
CA LEU B 186 -8.98 -5.77 -11.02
C LEU B 186 -7.52 -6.00 -10.66
N PHE B 187 -7.01 -5.33 -9.62
CA PHE B 187 -5.62 -5.51 -9.25
C PHE B 187 -5.37 -6.81 -8.53
N VAL B 188 -6.36 -7.32 -7.79
CA VAL B 188 -6.17 -8.50 -6.97
C VAL B 188 -7.05 -9.68 -7.41
N PHE B 189 -8.20 -9.43 -8.01
CA PHE B 189 -9.09 -10.48 -8.47
C PHE B 189 -8.90 -10.84 -9.93
N GLY B 190 -7.90 -10.23 -10.59
CA GLY B 190 -7.67 -10.48 -11.99
C GLY B 190 -6.77 -11.68 -12.21
N PRO B 191 -6.00 -11.66 -13.32
CA PRO B 191 -5.10 -12.79 -13.59
C PRO B 191 -4.02 -12.99 -12.53
N ASN B 192 -3.77 -11.99 -11.69
CA ASN B 192 -2.78 -12.16 -10.63
C ASN B 192 -3.18 -13.30 -9.70
N LEU B 193 -4.48 -13.43 -9.42
CA LEU B 193 -4.99 -14.47 -8.54
C LEU B 193 -4.95 -15.81 -9.28
N GLN B 194 -3.74 -16.36 -9.39
CA GLN B 194 -3.57 -17.64 -10.06
C GLN B 194 -4.02 -18.80 -9.18
N ASP B 195 -3.78 -18.71 -7.87
CA ASP B 195 -4.10 -19.78 -6.93
C ASP B 195 -5.14 -19.31 -5.93
N PRO B 196 -6.42 -19.60 -6.15
CA PRO B 196 -7.44 -19.23 -5.15
C PRO B 196 -7.60 -20.25 -4.02
N VAL B 197 -7.08 -21.46 -4.18
CA VAL B 197 -7.20 -22.50 -3.14
C VAL B 197 -5.99 -22.30 -2.22
N SER B 198 -6.13 -21.37 -1.28
CA SER B 198 -5.09 -21.10 -0.30
C SER B 198 -5.65 -20.14 0.73
N ASN B 199 -5.29 -20.35 1.99
CA ASN B 199 -5.76 -19.52 3.10
C ASN B 199 -4.67 -18.58 3.60
N SER B 200 -3.85 -18.06 2.69
CA SER B 200 -2.75 -17.16 3.04
C SER B 200 -2.91 -15.78 2.41
N MET B 201 -4.14 -15.37 2.12
CA MET B 201 -4.41 -14.05 1.55
C MET B 201 -4.95 -13.14 2.65
N THR B 202 -4.34 -11.97 2.79
CA THR B 202 -4.71 -11.06 3.86
C THR B 202 -6.13 -10.52 3.66
N ILE B 203 -6.75 -10.15 4.77
CA ILE B 203 -8.10 -9.59 4.72
C ILE B 203 -8.12 -8.23 4.03
N GLN B 204 -7.00 -7.50 4.04
CA GLN B 204 -6.95 -6.24 3.30
C GLN B 204 -7.23 -6.46 1.82
N ALA B 205 -6.61 -7.49 1.24
CA ALA B 205 -6.86 -7.80 -0.17
C ALA B 205 -8.28 -8.30 -0.39
N ILE B 206 -8.77 -9.18 0.49
CA ILE B 206 -10.11 -9.72 0.35
C ILE B 206 -11.17 -8.63 0.43
N SER B 207 -10.89 -7.56 1.17
CA SER B 207 -11.86 -6.47 1.32
C SER B 207 -11.94 -5.59 0.08
N GLN B 208 -11.05 -5.77 -0.89
CA GLN B 208 -11.14 -4.99 -2.13
C GLN B 208 -12.48 -5.20 -2.81
N ALA B 209 -13.10 -6.37 -2.61
CA ALA B 209 -14.45 -6.58 -3.11
C ALA B 209 -15.45 -5.66 -2.42
N PHE B 210 -15.09 -5.08 -1.28
CA PHE B 210 -15.94 -4.16 -0.56
C PHE B 210 -15.41 -2.73 -0.58
N GLY B 211 -14.44 -2.44 -1.44
CA GLY B 211 -13.92 -1.10 -1.56
C GLY B 211 -12.89 -0.72 -0.52
N GLY B 212 -12.06 -1.67 -0.09
CA GLY B 212 -11.02 -1.36 0.88
C GLY B 212 -11.56 -0.88 2.21
N ASN B 213 -12.63 -1.50 2.69
CA ASN B 213 -13.28 -1.15 3.95
C ASN B 213 -13.19 -2.29 4.94
N TYR B 214 -12.02 -2.92 5.04
CA TYR B 214 -11.87 -4.10 5.87
C TYR B 214 -12.21 -3.83 7.33
N GLU B 215 -12.11 -2.57 7.78
CA GLU B 215 -12.46 -2.27 9.16
C GLU B 215 -13.91 -2.62 9.44
N THR B 216 -14.82 -2.23 8.55
CA THR B 216 -16.22 -2.59 8.71
C THR B 216 -16.42 -4.09 8.61
N LEU B 217 -15.68 -4.74 7.71
CA LEU B 217 -15.83 -6.19 7.54
C LEU B 217 -15.48 -6.92 8.82
N LEU B 218 -14.39 -6.51 9.49
CA LEU B 218 -14.00 -7.15 10.74
C LEU B 218 -14.87 -6.72 11.90
N ARG B 219 -15.36 -5.48 11.90
CA ARG B 219 -16.23 -5.02 12.98
C ARG B 219 -17.57 -5.76 12.95
N THR B 220 -18.08 -6.07 11.76
CA THR B 220 -19.34 -6.80 11.66
C THR B 220 -19.23 -8.17 12.31
N LEU B 221 -18.17 -8.91 11.98
CA LEU B 221 -18.00 -10.24 12.56
C LEU B 221 -17.73 -10.15 14.05
N GLY B 222 -16.89 -9.22 14.48
CA GLY B 222 -16.56 -9.06 15.88
C GLY B 222 -15.13 -9.43 16.19
N TYR B 223 -14.28 -8.42 16.42
CA TYR B 223 -12.87 -8.64 16.75
C TYR B 223 -12.69 -8.71 18.27
N ALA B 224 -13.36 -9.69 18.87
CA ALA B 224 -13.36 -9.87 20.32
C ALA B 224 -12.00 -10.44 20.75
N THR B 225 -11.00 -9.57 20.77
CA THR B 225 -9.66 -9.94 21.20
C THR B 225 -8.88 -8.68 21.54
N GLU B 226 -7.98 -8.80 22.50
CA GLU B 226 -7.19 -7.65 22.94
C GLU B 226 -6.08 -7.30 21.97
N ASP B 227 -5.50 -8.30 21.29
CA ASP B 227 -4.38 -8.10 20.38
C ASP B 227 -4.82 -8.02 18.92
N PHE B 228 -5.99 -7.44 18.67
CA PHE B 228 -6.52 -7.39 17.32
C PHE B 228 -5.64 -6.57 16.39
N ASP B 229 -5.16 -5.41 16.85
CA ASP B 229 -4.44 -4.50 15.97
C ASP B 229 -3.12 -5.10 15.51
N ASP B 230 -2.38 -5.76 16.41
CA ASP B 230 -1.11 -6.36 16.02
C ASP B 230 -1.33 -7.45 14.98
N LEU B 231 -2.35 -8.29 15.16
CA LEU B 231 -2.66 -9.31 14.16
C LEU B 231 -3.03 -8.67 12.83
N LEU B 232 -3.83 -7.61 12.87
CA LEU B 232 -4.24 -6.94 11.64
C LEU B 232 -3.04 -6.38 10.89
N GLU B 233 -2.11 -5.75 11.62
CA GLU B 233 -0.96 -5.11 10.99
C GLU B 233 0.17 -6.08 10.64
N SER B 234 0.13 -7.30 11.17
CA SER B 234 1.13 -8.32 10.87
C SER B 234 0.68 -9.27 9.77
N ASP B 235 -0.42 -8.97 9.08
CA ASP B 235 -0.97 -9.83 8.04
C ASP B 235 -1.29 -11.22 8.60
N SER B 236 -1.76 -11.25 9.85
CA SER B 236 -2.11 -12.50 10.51
C SER B 236 -3.57 -12.88 10.32
N ILE B 237 -4.40 -11.97 9.83
CA ILE B 237 -5.80 -12.25 9.55
C ILE B 237 -5.95 -12.46 8.06
N THR B 238 -6.33 -13.67 7.65
CA THR B 238 -6.40 -14.05 6.25
C THR B 238 -7.76 -14.65 5.95
N GLY B 239 -8.19 -14.49 4.69
CA GLY B 239 -9.46 -15.02 4.25
C GLY B 239 -9.33 -15.99 3.10
N GLN B 240 -10.36 -16.83 2.91
CA GLN B 240 -10.36 -17.83 1.86
C GLN B 240 -11.72 -17.80 1.16
N ILE B 241 -11.70 -18.06 -0.15
CA ILE B 241 -12.93 -18.13 -0.94
C ILE B 241 -13.38 -19.58 -0.97
N ILE B 242 -14.63 -19.82 -0.56
CA ILE B 242 -15.19 -21.16 -0.49
C ILE B 242 -16.41 -21.33 -1.39
N TYR B 243 -16.76 -20.31 -2.17
CA TYR B 243 -17.85 -20.43 -3.13
C TYR B 243 -17.84 -19.23 -4.06
N VAL B 244 -18.47 -19.40 -5.22
CA VAL B 244 -18.68 -18.34 -6.18
C VAL B 244 -19.99 -18.60 -6.92
N ASP B 245 -20.92 -17.65 -6.84
CA ASP B 245 -22.21 -17.76 -7.50
C ASP B 245 -22.25 -16.76 -8.64
N LEU B 246 -22.20 -17.28 -9.87
CA LEU B 246 -22.26 -16.42 -11.06
C LEU B 246 -23.69 -15.97 -11.36
N SER B 247 -24.70 -16.79 -11.05
CA SER B 247 -26.07 -16.40 -11.33
C SER B 247 -26.47 -15.16 -10.54
N SER B 248 -26.11 -15.12 -9.26
CA SER B 248 -26.39 -13.97 -8.41
C SER B 248 -25.17 -13.08 -8.19
N TYR B 249 -24.00 -13.49 -8.68
CA TYR B 249 -22.78 -12.68 -8.63
C TYR B 249 -22.39 -12.35 -7.18
N TYR B 250 -22.08 -13.38 -6.40
CA TYR B 250 -21.60 -13.17 -5.04
C TYR B 250 -20.57 -14.22 -4.69
N ILE B 251 -19.85 -13.99 -3.59
CA ILE B 251 -18.80 -14.89 -3.13
C ILE B 251 -18.88 -15.03 -1.62
N ILE B 252 -18.73 -16.26 -1.13
CA ILE B 252 -18.70 -16.55 0.30
C ILE B 252 -17.25 -16.68 0.71
N VAL B 253 -16.81 -15.86 1.66
CA VAL B 253 -15.43 -15.83 2.10
C VAL B 253 -15.38 -16.21 3.58
N ARG B 254 -14.42 -17.05 3.93
CA ARG B 254 -14.21 -17.50 5.30
C ARG B 254 -12.99 -16.81 5.88
N VAL B 255 -13.18 -16.12 6.99
CA VAL B 255 -12.13 -15.37 7.66
C VAL B 255 -11.60 -16.16 8.85
N TYR B 256 -10.30 -16.02 9.09
CA TYR B 256 -9.61 -16.70 10.17
C TYR B 256 -9.11 -15.66 11.17
N PHE B 257 -9.39 -15.90 12.45
CA PHE B 257 -8.88 -15.07 13.55
C PHE B 257 -7.91 -15.90 14.38
N PRO B 258 -6.60 -15.76 14.19
CA PRO B 258 -5.64 -16.51 14.99
C PRO B 258 -5.17 -15.74 16.21
N ILE B 259 -4.67 -16.50 17.19
CA ILE B 259 -4.15 -15.95 18.44
C ILE B 259 -2.63 -16.00 18.40
N LEU B 260 -2.00 -14.97 18.95
CA LEU B 260 -0.56 -14.93 19.07
C LEU B 260 -0.09 -15.79 20.23
N THR B 261 0.96 -16.59 19.99
CA THR B 261 1.56 -17.42 21.02
C THR B 261 3.06 -17.15 21.05
N GLU B 262 3.61 -17.10 22.26
CA GLU B 262 5.03 -16.84 22.46
C GLU B 262 5.81 -18.14 22.45
N ILE B 263 6.97 -18.13 21.77
CA ILE B 263 7.87 -19.27 21.78
C ILE B 263 8.72 -19.19 23.04
N GLN B 264 8.61 -20.20 23.90
CA GLN B 264 9.30 -20.18 25.17
C GLN B 264 10.81 -20.24 24.96
N GLN B 265 11.54 -19.56 25.85
CA GLN B 265 13.00 -19.54 25.83
C GLN B 265 13.54 -18.96 24.52
N ALA B 266 12.82 -18.00 23.94
CA ALA B 266 13.21 -17.35 22.70
C ALA B 266 13.07 -15.85 22.83
N TYR B 267 14.06 -15.12 22.32
CA TYR B 267 14.03 -13.67 22.35
C TYR B 267 14.89 -13.12 21.22
N ILE B 268 14.77 -11.82 21.00
CA ILE B 268 15.43 -11.12 19.90
C ILE B 268 16.23 -9.97 20.48
N GLN B 269 17.49 -9.86 20.08
CA GLN B 269 18.40 -8.81 20.53
C GLN B 269 18.71 -7.89 19.35
N GLU B 270 18.59 -6.58 19.59
CA GLU B 270 18.88 -5.57 18.59
C GLU B 270 20.18 -4.86 18.95
N LEU B 271 21.13 -4.83 18.01
CA LEU B 271 22.42 -4.23 18.21
C LEU B 271 22.49 -2.96 17.37
N LEU B 272 22.37 -1.80 18.02
CA LEU B 272 22.41 -0.54 17.29
C LEU B 272 23.86 -0.13 17.01
N PRO B 273 24.16 0.34 15.81
CA PRO B 273 25.56 0.53 15.41
C PRO B 273 26.08 1.94 15.71
N VAL B 274 27.40 2.02 15.83
CA VAL B 274 28.12 3.29 15.94
C VAL B 274 29.31 3.24 15.00
N SER B 275 29.76 4.40 14.58
CA SER B 275 30.85 4.53 13.60
C SER B 275 32.15 4.75 14.35
N PHE B 276 32.88 3.66 14.61
CA PHE B 276 34.18 3.76 15.23
C PHE B 276 35.24 4.09 14.17
N ASN B 277 36.42 4.49 14.66
CA ASN B 277 37.53 4.87 13.78
C ASN B 277 38.76 4.03 14.08
N ASN B 278 39.53 3.75 13.04
CA ASN B 278 40.77 3.00 13.17
C ASN B 278 41.67 3.36 12.00
N ASP B 279 42.98 3.43 12.27
CA ASP B 279 43.97 3.78 11.25
C ASP B 279 43.66 5.14 10.64
N ASN B 280 43.23 6.08 11.49
CA ASN B 280 42.95 7.46 11.07
C ASN B 280 41.90 7.48 9.97
N SER B 281 40.77 6.81 10.22
CA SER B 281 39.67 6.80 9.27
C SER B 281 38.48 6.11 9.95
N GLU B 282 37.28 6.56 9.57
CA GLU B 282 36.06 6.02 10.16
C GLU B 282 35.77 4.63 9.61
N TRP B 283 34.95 3.89 10.35
CA TRP B 283 34.56 2.54 9.95
C TRP B 283 33.20 2.22 10.55
N ILE B 284 32.56 1.19 10.03
CA ILE B 284 31.29 0.71 10.55
C ILE B 284 31.24 -0.80 10.36
N SER B 285 30.96 -1.52 11.45
CA SER B 285 30.93 -2.98 11.40
C SER B 285 29.72 -3.47 10.64
N ILE B 286 29.90 -4.55 9.89
CA ILE B 286 28.81 -5.17 9.13
C ILE B 286 28.39 -6.41 9.91
N VAL B 287 27.38 -6.25 10.75
CA VAL B 287 26.84 -7.34 11.54
C VAL B 287 25.32 -7.24 11.56
N PRO B 288 24.62 -8.37 11.56
CA PRO B 288 23.16 -8.32 11.53
C PRO B 288 22.62 -7.51 12.71
N ASN B 289 21.61 -6.69 12.43
CA ASN B 289 21.03 -5.84 13.46
C ASN B 289 20.27 -6.67 14.49
N PHE B 290 19.42 -7.58 14.03
CA PHE B 290 18.58 -8.38 14.89
C PHE B 290 19.09 -9.81 14.95
N ILE B 291 19.21 -10.36 16.16
CA ILE B 291 19.69 -11.70 16.39
C ILE B 291 18.63 -12.45 17.18
N LEU B 292 18.23 -13.62 16.69
CA LEU B 292 17.20 -14.44 17.31
C LEU B 292 17.87 -15.50 18.16
N VAL B 293 17.96 -15.25 19.46
CA VAL B 293 18.59 -16.20 20.39
C VAL B 293 17.47 -17.11 20.88
N ARG B 294 17.19 -18.15 20.09
CA ARG B 294 16.12 -19.09 20.39
C ARG B 294 16.74 -20.37 20.95
N ASN B 295 16.34 -20.73 22.18
CA ASN B 295 16.87 -21.92 22.84
C ASN B 295 18.40 -21.90 22.87
N THR B 296 18.96 -20.74 23.24
CA THR B 296 20.41 -20.52 23.29
C THR B 296 21.10 -21.05 22.03
N LEU B 297 20.43 -20.90 20.89
CA LEU B 297 21.03 -21.14 19.58
C LEU B 297 20.90 -19.86 18.76
N ILE B 298 22.04 -19.25 18.41
CA ILE B 298 22.02 -18.02 17.63
C ILE B 298 21.57 -18.32 16.20
N SER B 299 20.77 -17.42 15.64
CA SER B 299 20.31 -17.57 14.27
C SER B 299 19.88 -16.21 13.74
N ASN B 300 19.83 -16.11 12.42
CA ASN B 300 19.36 -14.90 11.77
C ASN B 300 17.84 -14.86 11.73
N ILE B 301 17.30 -13.68 11.46
CA ILE B 301 15.86 -13.47 11.36
C ILE B 301 15.56 -12.57 10.18
N GLU B 302 14.53 -12.93 9.41
CA GLU B 302 14.07 -12.11 8.29
C GLU B 302 13.12 -11.04 8.83
N ILE B 303 13.72 -10.08 9.54
CA ILE B 303 12.93 -9.05 10.23
C ILE B 303 12.12 -8.18 9.29
N GLY B 304 12.43 -8.19 7.99
CA GLY B 304 11.69 -7.36 7.05
C GLY B 304 10.22 -7.70 7.00
N PHE B 305 9.90 -9.00 6.98
CA PHE B 305 8.51 -9.42 6.90
C PHE B 305 7.77 -9.29 8.23
N CYS B 306 8.46 -9.52 9.34
CA CYS B 306 7.80 -9.45 10.64
C CYS B 306 7.54 -7.99 11.03
N LEU B 307 6.73 -7.83 12.08
CA LEU B 307 6.38 -6.52 12.62
C LEU B 307 7.10 -6.31 13.94
N ILE B 308 7.77 -5.17 14.08
CA ILE B 308 8.58 -4.87 15.26
C ILE B 308 7.77 -3.91 16.13
N THR B 309 7.37 -4.38 17.30
CA THR B 309 6.68 -3.56 18.28
C THR B 309 7.68 -3.04 19.31
N LYS B 310 7.19 -2.40 20.36
CA LYS B 310 8.07 -1.84 21.38
C LYS B 310 8.66 -2.92 22.27
N ARG B 311 7.94 -4.02 22.48
CA ARG B 311 8.39 -5.05 23.43
C ARG B 311 8.13 -6.46 22.89
N SER B 312 8.04 -6.62 21.58
CA SER B 312 7.76 -7.94 21.00
C SER B 312 7.88 -7.85 19.49
N VAL B 313 8.12 -8.99 18.87
CA VAL B 313 8.15 -9.12 17.41
C VAL B 313 7.12 -10.17 17.02
N ILE B 314 6.14 -9.78 16.23
CA ILE B 314 5.01 -10.61 15.86
C ILE B 314 5.20 -11.08 14.42
N CYS B 315 4.97 -12.37 14.18
CA CYS B 315 5.13 -12.95 12.85
C CYS B 315 4.02 -13.94 12.57
N ASN B 316 3.81 -14.20 11.27
CA ASN B 316 2.84 -15.18 10.82
C ASN B 316 3.47 -16.54 10.56
N GLN B 317 4.78 -16.67 10.65
CA GLN B 317 5.46 -17.95 10.48
C GLN B 317 6.91 -17.82 10.90
N ASP B 318 7.49 -18.94 11.29
CA ASP B 318 8.88 -18.95 11.72
C ASP B 318 9.78 -18.51 10.58
N TYR B 319 10.48 -17.39 10.78
CA TYR B 319 11.34 -16.81 9.75
C TYR B 319 12.82 -17.01 10.03
N ALA B 320 13.17 -17.82 11.03
CA ALA B 320 14.58 -18.04 11.35
C ALA B 320 15.31 -18.61 10.15
N THR B 321 16.54 -18.16 9.94
CA THR B 321 17.39 -18.59 8.85
C THR B 321 18.77 -18.94 9.40
N PRO B 322 19.51 -19.81 8.71
CA PRO B 322 20.82 -20.21 9.22
C PRO B 322 21.81 -19.04 9.23
N MET B 323 22.78 -19.14 10.13
CA MET B 323 23.82 -18.14 10.28
C MET B 323 25.18 -18.80 10.02
N THR B 324 26.01 -18.14 9.21
CA THR B 324 27.32 -18.69 8.88
C THR B 324 28.16 -18.84 10.14
N ASN B 325 28.97 -19.90 10.18
CA ASN B 325 29.75 -20.20 11.38
C ASN B 325 30.72 -19.08 11.71
N ASN B 326 31.38 -18.51 10.69
CA ASN B 326 32.34 -17.44 10.93
C ASN B 326 31.70 -16.19 11.50
N MET B 327 30.38 -16.04 11.39
CA MET B 327 29.68 -14.89 11.96
C MET B 327 29.24 -15.14 13.39
N ARG B 328 29.00 -16.40 13.77
CA ARG B 328 28.64 -16.70 15.14
C ARG B 328 29.80 -16.40 16.09
N GLU B 329 31.04 -16.57 15.61
CA GLU B 329 32.20 -16.36 16.46
C GLU B 329 32.31 -14.90 16.90
N CYS B 330 32.07 -13.96 15.98
CA CYS B 330 32.17 -12.55 16.34
C CYS B 330 31.18 -12.18 17.44
N LEU B 331 29.95 -12.68 17.34
CA LEU B 331 28.97 -12.44 18.39
C LEU B 331 29.35 -13.15 19.69
N THR B 332 30.26 -14.12 19.63
CA THR B 332 30.68 -14.87 20.81
C THR B 332 32.03 -14.41 21.35
N GLY B 333 32.59 -13.32 20.81
CA GLY B 333 33.81 -12.76 21.36
C GLY B 333 34.90 -12.48 20.35
N SER B 334 35.02 -13.33 19.33
CA SER B 334 36.09 -13.18 18.35
C SER B 334 35.81 -12.03 17.40
N THR B 335 36.14 -10.80 17.82
CA THR B 335 35.76 -9.62 17.05
C THR B 335 36.42 -9.63 15.66
N GLU B 336 37.68 -10.05 15.58
CA GLU B 336 38.41 -9.95 14.32
C GLU B 336 37.77 -10.76 13.20
N LYS B 337 36.91 -11.74 13.53
CA LYS B 337 36.30 -12.55 12.48
C LYS B 337 35.33 -11.72 11.64
N CYS B 338 34.43 -10.98 12.28
CA CYS B 338 33.41 -10.26 11.54
C CYS B 338 34.02 -9.05 10.83
N PRO B 339 33.46 -8.65 9.68
CA PRO B 339 34.09 -7.62 8.85
C PRO B 339 33.70 -6.19 9.20
N ARG B 340 34.21 -5.25 8.42
CA ARG B 340 33.89 -3.83 8.56
C ARG B 340 33.95 -3.19 7.18
N GLU B 341 33.38 -2.00 7.06
CA GLU B 341 33.38 -1.27 5.80
C GLU B 341 33.70 0.20 6.06
N LEU B 342 34.29 0.84 5.05
CA LEU B 342 34.65 2.25 5.15
C LEU B 342 33.39 3.12 5.14
N VAL B 343 33.54 4.34 5.65
CA VAL B 343 32.46 5.31 5.70
C VAL B 343 32.92 6.56 4.95
N VAL B 344 32.18 6.92 3.91
CA VAL B 344 32.45 8.15 3.17
C VAL B 344 31.35 9.19 3.34
N SER B 345 30.14 8.78 3.72
CA SER B 345 29.05 9.72 3.93
C SER B 345 29.25 10.47 5.26
N SER B 346 28.48 11.54 5.42
CA SER B 346 28.50 12.36 6.62
C SER B 346 27.17 12.31 7.37
N HIS B 347 26.52 11.14 7.37
CA HIS B 347 25.23 10.96 8.01
C HIS B 347 25.17 9.74 8.91
N VAL B 348 26.24 8.95 8.99
CA VAL B 348 26.24 7.73 9.80
C VAL B 348 26.14 8.10 11.27
N PRO B 349 25.52 7.28 12.11
CA PRO B 349 25.50 7.57 13.55
C PRO B 349 26.91 7.61 14.11
N ARG B 350 27.12 8.49 15.08
CA ARG B 350 28.44 8.69 15.67
C ARG B 350 28.47 8.52 17.18
N PHE B 351 27.31 8.45 17.85
CA PHE B 351 27.27 8.17 19.28
C PHE B 351 25.93 7.53 19.60
N ALA B 352 25.87 6.91 20.78
CA ALA B 352 24.67 6.21 21.20
C ALA B 352 24.63 6.14 22.72
N LEU B 353 23.45 5.85 23.25
CA LEU B 353 23.21 5.76 24.68
C LEU B 353 22.60 4.40 25.00
N SER B 354 23.13 3.76 26.04
CA SER B 354 22.67 2.43 26.44
C SER B 354 22.71 2.34 27.96
N ASN B 355 21.53 2.22 28.59
CA ASN B 355 21.42 2.06 30.03
C ASN B 355 22.15 3.17 30.78
N GLY B 356 21.94 4.41 30.33
CA GLY B 356 22.56 5.55 30.97
C GLY B 356 24.07 5.58 30.86
N VAL B 357 24.62 5.10 29.76
CA VAL B 357 26.05 5.15 29.50
C VAL B 357 26.24 5.53 28.04
N LEU B 358 27.19 6.44 27.78
CA LEU B 358 27.35 7.03 26.46
C LEU B 358 28.52 6.36 25.75
N PHE B 359 28.28 5.85 24.55
CA PHE B 359 29.33 5.31 23.69
C PHE B 359 29.46 6.26 22.51
N ALA B 360 30.55 7.02 22.46
CA ALA B 360 30.71 8.08 21.47
C ALA B 360 32.06 8.00 20.80
N ASN B 361 32.09 8.39 19.52
CA ASN B 361 33.32 8.50 18.74
C ASN B 361 33.73 9.96 18.79
N CYS B 362 34.54 10.31 19.80
CA CYS B 362 34.77 11.71 20.12
C CYS B 362 35.61 12.44 19.07
N ILE B 363 36.35 11.72 18.24
CA ILE B 363 37.14 12.40 17.21
C ILE B 363 36.24 12.99 16.14
N SER B 364 35.23 12.23 15.71
CA SER B 364 34.30 12.74 14.69
C SER B 364 33.41 13.83 15.27
N VAL B 365 32.85 13.61 16.45
CA VAL B 365 31.95 14.56 17.11
C VAL B 365 32.67 15.09 18.35
N THR B 366 32.76 16.41 18.45
CA THR B 366 33.46 17.01 19.59
C THR B 366 32.78 16.63 20.89
N CYS B 367 33.59 16.30 21.90
CA CYS B 367 33.10 15.89 23.20
C CYS B 367 33.51 16.90 24.27
N GLN B 368 32.66 17.06 25.28
CA GLN B 368 32.91 17.96 26.38
C GLN B 368 31.81 17.75 27.41
N CYS B 369 32.15 17.97 28.69
CA CYS B 369 31.19 17.89 29.77
C CYS B 369 31.30 19.14 30.64
N GLN B 370 30.15 19.73 30.96
CA GLN B 370 30.14 21.04 31.62
C GLN B 370 30.68 20.97 33.04
N THR B 371 30.44 19.85 33.73
CA THR B 371 30.85 19.74 35.14
C THR B 371 32.29 20.16 35.32
N THR B 372 33.21 19.44 34.67
CA THR B 372 34.61 19.85 34.72
C THR B 372 34.86 21.11 33.90
N GLY B 373 34.13 21.28 32.80
CA GLY B 373 34.28 22.42 31.93
C GLY B 373 35.33 22.28 30.85
N ARG B 374 36.06 21.18 30.84
CA ARG B 374 37.11 20.94 29.85
C ARG B 374 36.66 19.86 28.86
N ALA B 375 37.35 19.82 27.73
CA ALA B 375 36.99 18.90 26.66
C ALA B 375 37.42 17.48 27.00
N ILE B 376 36.79 16.53 26.31
CA ILE B 376 37.11 15.11 26.42
C ILE B 376 37.84 14.70 25.16
N SER B 377 39.00 14.05 25.32
CA SER B 377 39.87 13.70 24.21
C SER B 377 39.95 12.19 24.06
N GLN B 378 40.11 11.75 22.80
CA GLN B 378 40.25 10.34 22.47
C GLN B 378 41.54 10.15 21.68
N SER B 379 42.34 9.17 22.10
CA SER B 379 43.59 8.89 21.41
C SER B 379 43.31 8.15 20.09
N GLY B 380 44.32 8.13 19.22
CA GLY B 380 44.17 7.45 17.95
C GLY B 380 43.98 5.96 18.10
N GLU B 381 44.60 5.35 19.12
CA GLU B 381 44.50 3.91 19.30
C GLU B 381 43.07 3.48 19.62
N GLN B 382 42.37 4.27 20.43
CA GLN B 382 41.03 3.90 20.86
C GLN B 382 40.06 3.92 19.68
N THR B 383 39.02 3.09 19.76
CA THR B 383 37.98 3.03 18.75
C THR B 383 36.73 3.82 19.19
N LEU B 384 36.19 3.48 20.36
CA LEU B 384 35.05 4.19 20.93
C LEU B 384 35.38 4.61 22.35
N LEU B 385 34.70 5.66 22.80
CA LEU B 385 34.90 6.23 24.13
C LEU B 385 33.64 6.03 24.96
N MET B 386 33.81 5.49 26.16
CA MET B 386 32.70 5.26 27.08
C MET B 386 32.70 6.36 28.12
N ILE B 387 31.60 7.11 28.19
CA ILE B 387 31.44 8.23 29.11
C ILE B 387 30.32 7.89 30.07
N ASP B 388 30.53 8.06 31.39
CA ASP B 388 29.55 7.81 32.47
C ASP B 388 30.00 8.62 33.71
N ASN B 389 29.42 8.39 34.88
CA ASN B 389 29.73 9.07 36.16
C ASN B 389 31.22 9.05 36.51
N THR B 390 31.88 7.93 36.29
CA THR B 390 33.30 7.75 36.69
C THR B 390 34.12 8.87 36.03
N THR B 391 33.90 9.13 34.74
CA THR B 391 34.65 10.13 33.95
C THR B 391 34.18 11.53 34.34
N CYS B 392 32.97 11.95 33.93
CA CYS B 392 32.36 13.22 34.28
C CYS B 392 30.87 13.16 33.96
N PRO B 393 29.99 13.69 34.83
CA PRO B 393 28.56 13.35 34.74
C PRO B 393 27.86 13.81 33.47
N THR B 394 27.89 15.11 33.18
CA THR B 394 27.01 15.71 32.18
C THR B 394 27.79 16.03 30.92
N ALA B 395 27.56 15.25 29.86
CA ALA B 395 28.24 15.44 28.59
C ALA B 395 27.54 16.53 27.77
N VAL B 396 28.31 17.14 26.87
CA VAL B 396 27.82 18.27 26.07
C VAL B 396 28.00 17.90 24.60
N LEU B 397 27.81 16.61 24.29
CA LEU B 397 27.92 16.16 22.90
C LEU B 397 27.17 17.09 21.97
N GLY B 398 27.84 17.50 20.89
CA GLY B 398 27.24 18.39 19.91
C GLY B 398 26.62 19.61 20.55
N ASN B 399 25.30 19.74 20.45
CA ASN B 399 24.55 20.83 21.07
C ASN B 399 23.47 20.30 22.00
N VAL B 400 23.59 19.06 22.46
CA VAL B 400 22.62 18.44 23.35
C VAL B 400 23.32 18.10 24.65
N ILE B 401 22.78 18.59 25.76
CA ILE B 401 23.31 18.29 27.07
C ILE B 401 22.58 17.06 27.61
N ILE B 402 23.30 16.20 28.32
CA ILE B 402 22.76 14.93 28.77
C ILE B 402 23.50 14.51 30.03
N SER B 403 22.76 13.92 30.97
CA SER B 403 23.32 13.40 32.21
C SER B 403 23.42 11.88 32.11
N LEU B 404 24.58 11.34 32.43
CA LEU B 404 24.88 9.93 32.22
C LEU B 404 24.85 9.16 33.54
N GLY B 405 24.53 7.89 33.56
CA GLY B 405 24.59 7.08 34.80
C GLY B 405 25.95 6.38 34.95
N LYS B 406 26.01 5.09 35.33
CA LYS B 406 27.21 4.33 35.68
C LYS B 406 27.26 3.05 34.87
N TYR B 407 28.49 2.59 34.61
CA TYR B 407 28.71 1.39 33.81
C TYR B 407 28.89 0.17 34.70
N LEU B 408 28.23 -0.92 34.34
CA LEU B 408 28.28 -2.16 35.11
C LEU B 408 29.47 -3.04 34.74
N GLY B 409 30.20 -2.71 33.69
CA GLY B 409 31.30 -3.53 33.23
C GLY B 409 32.59 -3.23 33.95
N SER B 410 33.70 -3.63 33.33
CA SER B 410 35.01 -3.44 33.92
C SER B 410 35.29 -1.95 34.13
N VAL B 411 35.93 -1.64 35.25
CA VAL B 411 36.24 -0.24 35.57
C VAL B 411 37.18 0.34 34.53
N ASN B 412 38.23 -0.41 34.18
CA ASN B 412 39.23 0.06 33.21
C ASN B 412 38.82 -0.38 31.81
N TYR B 413 37.71 0.21 31.35
CA TYR B 413 37.19 -0.14 30.03
C TYR B 413 38.05 0.47 28.92
N ASN B 414 38.46 1.73 29.07
CA ASN B 414 39.14 2.42 27.98
C ASN B 414 40.57 1.91 27.79
N SER B 415 41.23 1.47 28.86
CA SER B 415 42.61 1.05 28.74
C SER B 415 42.76 -0.14 27.79
N GLU B 416 41.87 -1.12 27.92
CA GLU B 416 41.98 -2.32 27.11
C GLU B 416 41.62 -2.03 25.65
N GLY B 417 42.32 -2.71 24.75
CA GLY B 417 42.04 -2.60 23.32
C GLY B 417 41.89 -3.97 22.71
N ILE B 418 41.27 -3.99 21.52
CA ILE B 418 40.97 -5.22 20.81
C ILE B 418 41.37 -5.10 19.35
N ALA B 419 41.51 -6.25 18.70
CA ALA B 419 41.78 -6.32 17.28
C ALA B 419 40.48 -6.34 16.50
N ILE B 420 40.56 -5.93 15.22
CA ILE B 420 39.38 -5.80 14.37
C ILE B 420 39.64 -6.51 13.06
N GLY B 421 38.54 -6.88 12.39
CA GLY B 421 38.60 -7.70 11.21
C GLY B 421 38.95 -6.93 9.95
N PRO B 422 38.78 -7.57 8.79
CA PRO B 422 39.22 -6.97 7.53
C PRO B 422 38.11 -6.15 6.90
N PRO B 423 38.46 -5.12 6.12
CA PRO B 423 37.44 -4.33 5.44
C PRO B 423 36.75 -5.12 4.33
N VAL B 424 35.53 -4.72 4.01
CA VAL B 424 34.75 -5.31 2.94
C VAL B 424 33.90 -4.21 2.29
N PHE B 425 33.23 -4.57 1.20
CA PHE B 425 32.32 -3.67 0.50
C PHE B 425 31.07 -4.45 0.12
N THR B 426 29.90 -3.81 0.25
CA THR B 426 28.62 -4.49 0.10
C THR B 426 27.80 -3.97 -1.06
N ASP B 427 28.38 -3.22 -1.98
CA ASP B 427 27.64 -2.76 -3.15
C ASP B 427 27.36 -3.92 -4.09
N LYS B 428 26.25 -3.81 -4.81
CA LYS B 428 25.83 -4.92 -5.68
C LYS B 428 26.86 -5.22 -6.76
N VAL B 429 27.38 -4.18 -7.41
CA VAL B 429 28.40 -4.39 -8.44
C VAL B 429 29.72 -4.77 -7.81
N ASP B 430 30.02 -4.26 -6.62
CA ASP B 430 31.29 -4.58 -5.97
C ASP B 430 31.37 -6.06 -5.61
N ILE B 431 30.25 -6.71 -5.34
CA ILE B 431 30.29 -8.15 -5.06
C ILE B 431 30.80 -8.91 -6.28
N SER B 432 30.25 -8.60 -7.45
CA SER B 432 30.70 -9.25 -8.68
C SER B 432 32.17 -8.91 -8.96
N SER B 433 32.55 -7.65 -8.77
CA SER B 433 33.93 -7.26 -9.01
C SER B 433 34.88 -8.02 -8.11
N GLN B 434 34.55 -8.13 -6.82
CA GLN B 434 35.40 -8.85 -5.88
C GLN B 434 35.48 -10.33 -6.23
N ILE B 435 34.34 -10.93 -6.60
CA ILE B 435 34.34 -12.34 -6.98
C ILE B 435 35.27 -12.56 -8.17
N SER B 436 35.14 -11.70 -9.19
CA SER B 436 35.99 -11.84 -10.37
C SER B 436 37.46 -11.68 -10.04
N SER B 437 37.78 -10.66 -9.23
CA SER B 437 39.19 -10.41 -8.89
C SER B 437 39.77 -11.57 -8.09
N MET B 438 38.97 -12.12 -7.19
CA MET B 438 39.34 -13.25 -6.30
C MET B 438 39.53 -14.50 -7.15
N ASN B 439 38.71 -14.68 -8.17
CA ASN B 439 38.78 -15.86 -9.07
C ASN B 439 40.01 -15.73 -9.96
N GLN B 440 40.39 -14.50 -10.29
CA GLN B 440 41.61 -14.20 -11.09
C GLN B 440 42.85 -14.52 -10.24
N SER B 441 42.90 -14.01 -9.00
CA SER B 441 44.04 -14.24 -8.12
C SER B 441 44.23 -15.73 -7.85
N LEU B 442 43.14 -16.46 -7.64
CA LEU B 442 43.24 -17.90 -7.45
C LEU B 442 43.82 -18.57 -8.69
N GLN B 443 43.41 -18.13 -9.88
CA GLN B 443 43.94 -18.72 -11.10
C GLN B 443 45.45 -18.49 -11.22
N GLN B 444 45.91 -17.28 -10.91
CA GLN B 444 47.36 -17.03 -10.97
C GLN B 444 48.10 -17.86 -9.92
N SER B 445 47.53 -17.99 -8.72
CA SER B 445 48.19 -18.82 -7.71
C SER B 445 48.27 -20.26 -8.15
N LYS B 446 47.19 -20.79 -8.74
CA LYS B 446 47.20 -22.17 -9.22
C LYS B 446 48.22 -22.35 -10.33
N ASP B 447 48.30 -21.40 -11.24
CA ASP B 447 49.30 -21.49 -12.32
C ASP B 447 50.71 -21.47 -11.75
N TYR B 448 50.98 -20.59 -10.78
CA TYR B 448 52.30 -20.54 -10.16
C TYR B 448 52.63 -21.87 -9.47
N ILE B 449 51.65 -22.45 -8.76
CA ILE B 449 51.90 -23.72 -8.10
C ILE B 449 52.19 -24.81 -9.12
N LYS B 450 51.43 -24.84 -10.22
CA LYS B 450 51.65 -25.85 -11.24
C LYS B 450 53.02 -25.69 -11.90
N GLU B 451 53.45 -24.45 -12.14
CA GLU B 451 54.72 -24.23 -12.82
C GLU B 451 55.88 -24.82 -12.03
N ALA B 452 55.91 -24.61 -10.72
CA ALA B 452 56.98 -25.13 -9.88
C ALA B 452 56.78 -26.62 -9.62
N ILE C 2 15.19 -33.58 -21.01
CA ILE C 2 16.51 -32.98 -21.13
C ILE C 2 17.06 -32.63 -19.76
N LEU C 3 16.17 -32.37 -18.80
CA LEU C 3 16.57 -31.96 -17.46
C LEU C 3 16.82 -33.14 -16.53
N HIS C 4 16.58 -34.37 -16.98
CA HIS C 4 16.84 -35.55 -16.16
C HIS C 4 16.15 -35.44 -14.81
N TYR C 5 14.82 -35.39 -14.86
CA TYR C 5 14.03 -35.12 -13.67
C TYR C 5 14.21 -36.18 -12.59
N GLU C 6 14.52 -37.42 -12.98
CA GLU C 6 14.60 -38.50 -12.01
C GLU C 6 15.69 -38.22 -10.98
N LYS C 7 16.89 -37.84 -11.44
CA LYS C 7 17.97 -37.55 -10.51
C LYS C 7 17.71 -36.27 -9.73
N LEU C 8 17.09 -35.28 -10.36
CA LEU C 8 16.79 -34.02 -9.66
C LEU C 8 15.78 -34.22 -8.54
N SER C 9 14.86 -35.17 -8.70
CA SER C 9 13.83 -35.39 -7.69
C SER C 9 14.44 -35.81 -6.36
N LYS C 10 15.44 -36.69 -6.41
CA LYS C 10 16.01 -37.24 -5.17
C LYS C 10 16.61 -36.17 -4.27
N ILE C 11 16.96 -35.01 -4.81
CA ILE C 11 17.50 -33.92 -4.01
C ILE C 11 16.43 -32.89 -3.66
N GLY C 12 15.16 -33.23 -3.84
CA GLY C 12 14.07 -32.38 -3.41
C GLY C 12 13.74 -31.26 -4.38
N LEU C 13 13.64 -31.58 -5.67
CA LEU C 13 13.23 -30.63 -6.70
C LEU C 13 12.23 -31.35 -7.61
N VAL C 14 10.95 -31.28 -7.25
CA VAL C 14 9.93 -32.01 -7.98
C VAL C 14 9.52 -31.21 -9.21
N LYS C 15 9.35 -31.89 -10.34
CA LYS C 15 8.94 -31.21 -11.56
C LYS C 15 7.53 -30.67 -11.41
N GLY C 16 7.33 -29.43 -11.86
CA GLY C 16 6.04 -28.78 -11.75
C GLY C 16 5.28 -28.72 -13.05
N VAL C 17 4.56 -27.62 -13.27
CA VAL C 17 3.74 -27.45 -14.47
C VAL C 17 4.57 -26.77 -15.54
N THR C 18 4.35 -27.17 -16.79
CA THR C 18 5.02 -26.59 -17.95
C THR C 18 4.11 -25.54 -18.58
N ARG C 19 4.68 -24.37 -18.87
CA ARG C 19 3.91 -23.23 -19.37
C ARG C 19 4.51 -22.74 -20.68
N LYS C 20 3.67 -22.11 -21.50
CA LYS C 20 4.14 -21.50 -22.73
C LYS C 20 4.72 -20.12 -22.44
N TYR C 21 5.52 -19.62 -23.38
CA TYR C 21 6.20 -18.34 -23.25
C TYR C 21 5.61 -17.37 -24.28
N LYS C 22 5.12 -16.24 -23.80
CA LYS C 22 4.43 -15.26 -24.63
C LYS C 22 4.98 -13.87 -24.39
N ILE C 23 5.08 -13.08 -25.46
CA ILE C 23 5.54 -11.70 -25.38
C ILE C 23 4.74 -10.85 -26.37
N LYS C 24 4.66 -9.56 -26.10
CA LYS C 24 3.85 -8.66 -26.92
C LYS C 24 4.58 -8.31 -28.22
N SER C 25 3.80 -7.89 -29.21
CA SER C 25 4.35 -7.41 -30.47
C SER C 25 3.23 -6.82 -31.30
N ASN C 26 3.62 -6.01 -32.29
CA ASN C 26 2.70 -5.46 -33.28
C ASN C 26 1.62 -4.60 -32.63
N PRO C 27 1.98 -3.45 -32.07
CA PRO C 27 0.98 -2.58 -31.44
C PRO C 27 0.12 -1.86 -32.48
N LEU C 28 -1.05 -1.42 -32.03
CA LEU C 28 -1.97 -0.63 -32.82
C LEU C 28 -2.28 0.66 -32.07
N THR C 29 -2.33 1.78 -32.80
CA THR C 29 -2.35 3.11 -32.20
C THR C 29 -3.77 3.66 -32.16
N LYS C 30 -4.12 4.33 -31.06
CA LYS C 30 -5.38 5.06 -30.99
C LYS C 30 -5.21 6.30 -30.13
N ASP C 31 -5.64 7.45 -30.65
CA ASP C 31 -5.49 8.73 -29.96
C ASP C 31 -6.68 9.00 -29.04
N ILE C 32 -6.45 9.83 -28.02
CA ILE C 32 -7.51 10.24 -27.12
C ILE C 32 -7.06 11.52 -26.41
N VAL C 33 -8.01 12.43 -26.21
CA VAL C 33 -7.76 13.73 -25.60
C VAL C 33 -8.19 13.65 -24.14
N ILE C 34 -7.31 14.06 -23.22
CA ILE C 34 -7.60 14.09 -21.80
C ILE C 34 -7.51 15.54 -21.34
N LYS C 35 -8.60 16.07 -20.82
CA LYS C 35 -8.61 17.41 -20.24
C LYS C 35 -8.18 17.35 -18.78
N MET C 36 -7.54 18.42 -18.33
CA MET C 36 -7.01 18.49 -16.98
C MET C 36 -7.74 19.49 -16.09
N ILE C 37 -8.76 20.17 -16.60
CA ILE C 37 -9.47 21.19 -15.83
C ILE C 37 -10.96 21.02 -16.05
N PRO C 38 -11.77 20.92 -14.99
CA PRO C 38 -13.23 20.82 -15.19
C PRO C 38 -13.80 22.11 -15.76
N ASN C 39 -14.86 21.96 -16.55
CA ASN C 39 -15.53 23.10 -17.16
C ASN C 39 -16.65 23.55 -16.24
N VAL C 40 -16.35 24.50 -15.36
CA VAL C 40 -17.36 25.08 -14.48
C VAL C 40 -17.99 26.27 -15.19
N SER C 41 -18.89 25.96 -16.13
CA SER C 41 -19.74 26.91 -16.88
C SER C 41 -20.97 27.18 -16.00
N ASN C 42 -21.52 26.12 -15.42
CA ASN C 42 -22.65 26.26 -14.47
C ASN C 42 -22.05 26.62 -13.11
N MET C 43 -22.90 27.14 -12.25
CA MET C 43 -22.56 27.70 -10.90
C MET C 43 -21.36 28.66 -10.99
N SER C 44 -21.26 29.43 -12.08
CA SER C 44 -20.19 30.40 -12.29
C SER C 44 -20.44 31.67 -11.49
N GLN C 45 -21.69 31.94 -11.12
CA GLN C 45 -22.01 33.16 -10.39
C GLN C 45 -21.27 33.24 -9.06
N CYS C 46 -20.82 32.11 -8.51
CA CYS C 46 -20.11 32.11 -7.23
C CYS C 46 -19.12 30.94 -7.23
N THR C 47 -17.87 31.26 -7.57
CA THR C 47 -16.78 30.28 -7.54
C THR C 47 -15.50 30.81 -6.92
N GLY C 48 -15.41 32.11 -6.65
CA GLY C 48 -14.22 32.65 -6.00
C GLY C 48 -13.01 32.64 -6.92
N SER C 49 -11.83 32.72 -6.29
CA SER C 49 -10.56 32.74 -6.99
C SER C 49 -9.88 31.38 -7.00
N VAL C 50 -10.67 30.30 -6.85
CA VAL C 50 -10.08 28.96 -6.83
C VAL C 50 -9.57 28.57 -8.21
N MET C 51 -10.32 28.91 -9.26
CA MET C 51 -9.95 28.47 -10.60
C MET C 51 -8.63 29.11 -11.05
N GLU C 52 -8.43 30.39 -10.75
CA GLU C 52 -7.19 31.05 -11.16
C GLU C 52 -5.99 30.40 -10.49
N ASN C 53 -6.08 30.16 -9.17
CA ASN C 53 -4.98 29.52 -8.47
C ASN C 53 -4.72 28.11 -8.99
N TYR C 54 -5.79 27.36 -9.26
CA TYR C 54 -5.62 26.00 -9.76
C TYR C 54 -4.95 26.00 -11.13
N LYS C 55 -5.37 26.91 -12.01
CA LYS C 55 -4.74 26.99 -13.33
C LYS C 55 -3.28 27.39 -13.22
N THR C 56 -2.97 28.35 -12.34
CA THR C 56 -1.58 28.76 -12.16
C THR C 56 -0.73 27.59 -11.65
N ARG C 57 -1.27 26.82 -10.72
CA ARG C 57 -0.56 25.66 -10.21
C ARG C 57 -0.35 24.61 -11.31
N LEU C 58 -1.38 24.35 -12.11
CA LEU C 58 -1.28 23.31 -13.12
C LEU C 58 -0.33 23.71 -14.25
N ASN C 59 -0.22 25.02 -14.52
CA ASN C 59 0.68 25.47 -15.58
C ASN C 59 2.12 25.09 -15.26
N GLY C 60 2.54 25.24 -14.00
CA GLY C 60 3.88 24.86 -13.62
C GLY C 60 4.14 23.38 -13.75
N ILE C 61 3.13 22.55 -13.46
CA ILE C 61 3.29 21.11 -13.64
C ILE C 61 3.40 20.76 -15.11
N LEU C 62 2.60 21.41 -15.96
CA LEU C 62 2.57 21.03 -17.37
C LEU C 62 3.77 21.56 -18.16
N THR C 63 4.31 22.73 -17.79
CA THR C 63 5.34 23.36 -18.62
C THR C 63 6.54 22.47 -18.86
N PRO C 64 7.11 21.78 -17.87
CA PRO C 64 8.29 20.94 -18.15
C PRO C 64 8.03 19.87 -19.19
N ILE C 65 6.84 19.28 -19.21
CA ILE C 65 6.53 18.24 -20.19
C ILE C 65 6.58 18.82 -21.60
N LYS C 66 5.95 19.97 -21.79
CA LYS C 66 5.97 20.61 -23.10
C LYS C 66 7.39 21.00 -23.50
N GLY C 67 8.18 21.44 -22.54
CA GLY C 67 9.55 21.83 -22.83
C GLY C 67 10.39 20.64 -23.23
N ALA C 68 10.15 19.49 -22.62
CA ALA C 68 10.85 18.27 -23.00
C ALA C 68 10.42 17.79 -24.38
N LEU C 69 9.12 17.85 -24.68
CA LEU C 69 8.65 17.41 -25.99
C LEU C 69 9.18 18.31 -27.10
N GLU C 70 9.29 19.60 -26.89
CA GLU C 70 9.71 20.45 -27.99
C GLU C 70 11.19 20.38 -28.28
N ILE C 71 11.90 19.42 -27.68
CA ILE C 71 13.31 19.24 -28.00
C ILE C 71 13.32 18.33 -29.20
N TYR C 72 12.42 17.35 -29.20
CA TYR C 72 12.30 16.45 -30.35
C TYR C 72 11.28 16.91 -31.38
N LYS C 73 10.38 17.83 -31.05
CA LYS C 73 9.44 18.27 -32.07
C LYS C 73 10.00 19.37 -32.93
N ASN C 74 10.99 20.09 -32.43
CA ASN C 74 11.53 21.23 -33.16
C ASN C 74 12.52 20.80 -34.23
N ASN C 75 13.60 20.16 -33.79
CA ASN C 75 14.68 19.80 -34.70
C ASN C 75 14.42 18.48 -35.42
N THR C 76 13.35 18.43 -36.20
CA THR C 76 13.05 17.22 -36.97
C THR C 76 12.36 17.65 -38.26
N HIS C 77 12.80 17.07 -39.38
CA HIS C 77 12.31 17.46 -40.68
C HIS C 77 12.05 16.22 -41.53
N ASP C 78 11.17 16.40 -42.52
CA ASP C 78 10.89 15.32 -43.46
C ASP C 78 12.06 15.13 -44.42
N LEU C 79 12.14 13.92 -44.98
CA LEU C 79 13.21 13.59 -45.92
C LEU C 79 12.83 13.98 -47.34
N GLY C 87 11.27 8.80 -45.01
CA GLY C 87 11.56 8.82 -43.59
C GLY C 87 11.63 10.22 -43.02
N VAL C 88 12.06 10.33 -41.77
CA VAL C 88 12.20 11.61 -41.08
C VAL C 88 13.63 11.72 -40.60
N ILE C 89 14.28 12.84 -40.92
CA ILE C 89 15.66 13.07 -40.53
C ILE C 89 15.68 13.76 -39.17
N MET C 90 16.80 13.63 -38.46
CA MET C 90 16.98 14.21 -37.15
C MET C 90 18.32 14.93 -37.08
N ALA C 91 18.39 15.93 -36.22
CA ALA C 91 19.62 16.71 -36.02
C ALA C 91 20.34 16.14 -34.81
N GLY C 92 21.39 15.35 -35.06
CA GLY C 92 22.12 14.74 -33.96
C GLY C 92 22.82 15.75 -33.08
N VAL C 93 23.41 16.79 -33.70
CA VAL C 93 24.15 17.78 -32.92
C VAL C 93 23.21 18.55 -32.00
N ALA C 94 22.02 18.90 -32.50
CA ALA C 94 21.10 19.72 -31.71
C ALA C 94 20.48 18.92 -30.57
N ILE C 95 20.12 17.66 -30.82
CA ILE C 95 19.47 16.86 -29.79
C ILE C 95 20.40 16.62 -28.60
N GLY C 96 21.69 16.49 -28.83
CA GLY C 96 22.63 16.30 -27.74
C GLY C 96 22.82 14.83 -27.44
N ILE C 97 22.56 14.44 -26.20
CA ILE C 97 22.73 13.07 -25.75
C ILE C 97 21.37 12.38 -25.70
N ALA C 98 21.30 11.18 -26.29
CA ALA C 98 20.05 10.44 -26.31
C ALA C 98 20.37 8.96 -26.48
N THR C 99 19.50 8.11 -25.91
CA THR C 99 19.65 6.68 -26.02
C THR C 99 18.91 6.17 -27.26
N ALA C 100 18.89 4.86 -27.45
CA ALA C 100 18.22 4.29 -28.61
C ALA C 100 16.69 4.37 -28.45
N ALA C 101 16.19 4.03 -27.27
CA ALA C 101 14.75 4.05 -27.04
C ALA C 101 14.18 5.45 -27.20
N GLN C 102 14.92 6.47 -26.72
CA GLN C 102 14.41 7.83 -26.81
C GLN C 102 14.24 8.26 -28.25
N ILE C 103 15.21 7.94 -29.11
CA ILE C 103 15.09 8.30 -30.53
C ILE C 103 13.99 7.48 -31.20
N THR C 104 13.91 6.18 -30.88
CA THR C 104 12.88 5.34 -31.47
C THR C 104 11.49 5.79 -31.06
N ALA C 105 11.37 6.48 -29.92
CA ALA C 105 10.09 7.05 -29.52
C ALA C 105 9.87 8.44 -30.12
N GLY C 106 10.94 9.21 -30.31
CA GLY C 106 10.80 10.50 -30.95
C GLY C 106 10.33 10.40 -32.39
N VAL C 107 10.80 9.37 -33.09
CA VAL C 107 10.33 9.17 -34.46
C VAL C 107 8.82 8.92 -34.48
N ALA C 108 8.34 8.09 -33.54
CA ALA C 108 6.90 7.84 -33.47
C ALA C 108 6.15 9.11 -33.07
N LEU C 109 6.72 9.91 -32.19
CA LEU C 109 6.09 11.17 -31.80
C LEU C 109 5.92 12.08 -33.01
N TYR C 110 6.97 12.21 -33.83
CA TYR C 110 6.85 13.02 -35.04
C TYR C 110 5.83 12.43 -35.99
N GLU C 111 5.78 11.09 -36.09
CA GLU C 111 4.79 10.46 -36.96
C GLU C 111 3.37 10.80 -36.51
N ALA C 112 3.11 10.77 -35.21
CA ALA C 112 1.78 11.06 -34.68
C ALA C 112 1.49 12.55 -34.60
N MET C 113 2.49 13.40 -34.77
CA MET C 113 2.26 14.84 -34.72
C MET C 113 1.25 15.28 -35.77
N LYS C 114 1.17 14.59 -36.91
CA LYS C 114 0.21 14.97 -37.93
C LYS C 114 -1.23 14.78 -37.43
N ASN C 115 -1.51 13.62 -36.83
CA ASN C 115 -2.84 13.40 -36.28
C ASN C 115 -3.11 14.33 -35.11
N ALA C 116 -2.07 14.64 -34.32
CA ALA C 116 -2.26 15.62 -33.25
C ALA C 116 -2.67 16.98 -33.81
N ASP C 117 -2.03 17.43 -34.89
CA ASP C 117 -2.41 18.68 -35.52
C ASP C 117 -3.83 18.60 -36.05
N ASN C 118 -4.19 17.47 -36.66
CA ASN C 118 -5.56 17.32 -37.16
C ASN C 118 -6.57 17.45 -36.03
N ILE C 119 -6.29 16.82 -34.89
CA ILE C 119 -7.20 16.91 -33.74
C ILE C 119 -7.24 18.33 -33.18
N ASN C 120 -6.14 19.06 -33.21
CA ASN C 120 -6.07 20.37 -32.59
C ASN C 120 -6.99 21.40 -33.25
N LYS C 121 -7.52 21.11 -34.44
CA LYS C 121 -8.45 22.04 -35.08
C LYS C 121 -9.76 22.18 -34.33
N LEU C 122 -10.04 21.30 -33.36
CA LEU C 122 -11.27 21.35 -32.57
C LEU C 122 -11.02 21.87 -31.16
N LYS C 123 -10.12 22.84 -31.02
CA LYS C 123 -9.79 23.36 -29.70
C LYS C 123 -11.01 24.01 -29.04
N SER C 124 -11.76 24.81 -29.81
CA SER C 124 -12.93 25.48 -29.25
C SER C 124 -13.97 24.48 -28.78
N SER C 125 -14.21 23.43 -29.57
CA SER C 125 -15.18 22.41 -29.19
C SER C 125 -14.68 21.58 -28.01
N ILE C 126 -13.38 21.35 -27.92
CA ILE C 126 -12.84 20.60 -26.79
C ILE C 126 -12.98 21.40 -25.50
N GLU C 127 -12.73 22.70 -25.56
CA GLU C 127 -12.80 23.54 -24.37
C GLU C 127 -14.22 23.75 -23.87
N SER C 128 -15.24 23.48 -24.68
CA SER C 128 -16.63 23.76 -24.33
C SER C 128 -17.38 22.55 -23.81
N THR C 129 -16.72 21.40 -23.65
CA THR C 129 -17.39 20.21 -23.17
C THR C 129 -17.56 20.26 -21.66
N ASN C 130 -18.75 19.91 -21.18
CA ASN C 130 -19.09 19.92 -19.77
C ASN C 130 -19.66 18.58 -19.35
N GLU C 131 -19.06 17.50 -19.84
CA GLU C 131 -19.46 16.15 -19.46
C GLU C 131 -18.21 15.29 -19.32
N ALA C 132 -18.34 14.22 -18.54
CA ALA C 132 -17.19 13.39 -18.23
C ALA C 132 -16.57 12.78 -19.49
N VAL C 133 -17.40 12.25 -20.39
CA VAL C 133 -16.92 11.61 -21.60
C VAL C 133 -17.80 12.07 -22.76
N VAL C 134 -17.17 12.58 -23.83
CA VAL C 134 -17.89 13.02 -25.02
C VAL C 134 -17.10 12.59 -26.25
N LYS C 135 -17.76 12.67 -27.41
CA LYS C 135 -17.14 12.33 -28.68
C LYS C 135 -17.31 13.51 -29.65
N LEU C 136 -16.24 13.83 -30.36
CA LEU C 136 -16.25 14.89 -31.36
C LEU C 136 -15.80 14.33 -32.71
N GLN C 137 -16.37 14.88 -33.78
CA GLN C 137 -16.04 14.43 -35.12
C GLN C 137 -14.77 15.11 -35.63
N LYS C 142 -12.76 10.46 -38.74
CA LYS C 142 -12.94 9.57 -37.60
C LYS C 142 -13.42 10.35 -36.38
N THR C 143 -13.54 9.66 -35.25
CA THR C 143 -14.05 10.25 -34.02
C THR C 143 -12.94 10.32 -32.99
N VAL C 144 -12.98 11.36 -32.16
CA VAL C 144 -12.02 11.58 -31.09
C VAL C 144 -12.78 11.74 -29.79
N TYR C 145 -12.34 11.04 -28.75
CA TYR C 145 -13.05 11.02 -27.47
C TYR C 145 -12.35 11.94 -26.47
N VAL C 146 -13.14 12.77 -25.79
CA VAL C 146 -12.65 13.72 -24.80
C VAL C 146 -13.13 13.24 -23.43
N LEU C 147 -12.18 13.12 -22.49
CA LEU C 147 -12.44 12.65 -21.13
C LEU C 147 -12.08 13.78 -20.17
N THR C 148 -13.08 14.58 -19.79
CA THR C 148 -12.85 15.63 -18.82
C THR C 148 -12.59 15.03 -17.43
N ALA C 149 -11.83 15.76 -16.63
CA ALA C 149 -11.46 15.34 -15.29
C ALA C 149 -12.27 16.10 -14.26
N LEU C 150 -12.84 15.37 -13.29
CA LEU C 150 -13.65 15.90 -12.20
C LEU C 150 -14.99 16.45 -12.66
N GLN C 151 -15.32 16.36 -13.95
CA GLN C 151 -16.59 16.89 -14.42
C GLN C 151 -17.77 16.15 -13.80
N ASP C 152 -17.65 14.83 -13.63
CA ASP C 152 -18.73 14.07 -13.00
C ASP C 152 -18.98 14.56 -11.58
N TYR C 153 -17.93 14.82 -10.82
CA TYR C 153 -18.11 15.29 -9.44
C TYR C 153 -18.85 16.61 -9.41
N ILE C 154 -18.49 17.55 -10.28
CA ILE C 154 -19.15 18.84 -10.30
C ILE C 154 -20.61 18.70 -10.74
N ASN C 155 -20.86 17.84 -11.72
CA ASN C 155 -22.22 17.72 -12.27
C ASN C 155 -23.16 16.97 -11.33
N THR C 156 -22.66 16.02 -10.54
CA THR C 156 -23.52 15.16 -9.75
C THR C 156 -23.56 15.52 -8.28
N ASN C 157 -22.56 16.25 -7.76
CA ASN C 157 -22.48 16.57 -6.34
C ASN C 157 -22.64 18.06 -6.06
N LEU C 158 -21.85 18.91 -6.72
CA LEU C 158 -21.86 20.33 -6.40
C LEU C 158 -23.07 21.04 -7.02
N VAL C 159 -23.30 20.83 -8.31
CA VAL C 159 -24.39 21.55 -8.98
C VAL C 159 -25.74 21.24 -8.37
N PRO C 160 -26.13 19.99 -8.11
CA PRO C 160 -27.47 19.73 -7.58
C PRO C 160 -27.74 20.42 -6.25
N THR C 161 -26.74 20.52 -5.38
CA THR C 161 -26.90 21.11 -4.05
C THR C 161 -26.41 22.55 -4.00
N ILE C 162 -26.48 23.28 -5.12
CA ILE C 162 -25.98 24.64 -5.15
C ILE C 162 -26.78 25.54 -4.21
N ASP C 163 -28.11 25.42 -4.25
CA ASP C 163 -28.96 26.31 -3.46
C ASP C 163 -29.00 25.92 -1.99
N LYS C 164 -28.96 24.62 -1.70
CA LYS C 164 -29.18 24.16 -0.33
C LYS C 164 -28.11 24.70 0.62
N ILE C 165 -26.84 24.67 0.20
CA ILE C 165 -25.72 25.07 1.04
C ILE C 165 -25.20 26.40 0.53
N SER C 166 -24.87 27.29 1.46
CA SER C 166 -24.32 28.59 1.09
C SER C 166 -23.08 28.40 0.23
N CYS C 167 -22.99 29.20 -0.84
CA CYS C 167 -21.96 28.97 -1.85
C CYS C 167 -20.56 29.15 -1.29
N LYS C 168 -20.41 29.81 -0.13
CA LYS C 168 -19.09 29.89 0.50
C LYS C 168 -18.58 28.50 0.87
N GLN C 169 -19.49 27.57 1.14
CA GLN C 169 -19.11 26.18 1.36
C GLN C 169 -18.85 25.45 0.04
N THR C 170 -19.59 25.80 -1.01
CA THR C 170 -19.36 25.20 -2.32
C THR C 170 -17.96 25.53 -2.84
N GLU C 171 -17.53 26.77 -2.64
CA GLU C 171 -16.18 27.15 -3.06
C GLU C 171 -15.13 26.32 -2.34
N LEU C 172 -15.29 26.15 -1.03
CA LEU C 172 -14.32 25.36 -0.27
C LEU C 172 -14.34 23.90 -0.71
N SER C 173 -15.53 23.35 -0.97
CA SER C 173 -15.60 21.97 -1.43
C SER C 173 -14.92 21.79 -2.78
N LEU C 174 -15.13 22.72 -3.71
CA LEU C 174 -14.47 22.64 -5.00
C LEU C 174 -12.96 22.77 -4.84
N ASP C 175 -12.50 23.66 -3.96
CA ASP C 175 -11.07 23.82 -3.72
C ASP C 175 -10.49 22.52 -3.18
N LEU C 176 -11.18 21.88 -2.24
CA LEU C 176 -10.68 20.62 -1.69
C LEU C 176 -10.63 19.54 -2.76
N ALA C 177 -11.65 19.47 -3.60
CA ALA C 177 -11.66 18.47 -4.66
C ALA C 177 -10.49 18.68 -5.61
N LEU C 178 -10.26 19.91 -6.03
CA LEU C 178 -9.15 20.20 -6.93
C LEU C 178 -7.81 19.89 -6.26
N SER C 179 -7.68 20.21 -4.97
CA SER C 179 -6.44 19.92 -4.26
C SER C 179 -6.19 18.42 -4.19
N LYS C 180 -7.23 17.64 -3.91
CA LYS C 180 -7.08 16.18 -3.88
C LYS C 180 -6.67 15.65 -5.26
N TYR C 181 -7.29 16.18 -6.32
CA TYR C 181 -6.95 15.74 -7.67
C TYR C 181 -5.49 16.04 -7.98
N LEU C 182 -5.03 17.25 -7.63
CA LEU C 182 -3.63 17.60 -7.89
C LEU C 182 -2.68 16.75 -7.06
N SER C 183 -3.05 16.46 -5.81
CA SER C 183 -2.22 15.62 -4.97
C SER C 183 -2.08 14.23 -5.57
N ASP C 184 -3.17 13.67 -6.07
CA ASP C 184 -3.10 12.37 -6.74
C ASP C 184 -2.25 12.45 -8.01
N LEU C 185 -2.41 13.53 -8.77
CA LEU C 185 -1.73 13.64 -10.06
C LEU C 185 -0.22 13.78 -9.90
N LEU C 186 0.22 14.53 -8.88
CA LEU C 186 1.65 14.82 -8.75
C LEU C 186 2.49 13.56 -8.61
N PHE C 187 1.90 12.48 -8.08
CA PHE C 187 2.67 11.26 -7.88
C PHE C 187 3.17 10.66 -9.20
N VAL C 188 2.54 11.01 -10.33
CA VAL C 188 2.90 10.46 -11.63
C VAL C 188 3.39 11.55 -12.58
N PHE C 189 2.69 12.69 -12.61
CA PHE C 189 3.01 13.75 -13.55
C PHE C 189 3.95 14.79 -12.95
N GLY C 190 4.51 14.55 -11.78
CA GLY C 190 5.41 15.47 -11.14
C GLY C 190 6.82 15.37 -11.67
N PRO C 191 7.80 15.81 -10.88
CA PRO C 191 9.20 15.74 -11.33
C PRO C 191 9.68 14.32 -11.58
N ASN C 192 8.99 13.31 -11.04
CA ASN C 192 9.41 11.93 -11.26
C ASN C 192 9.43 11.56 -12.74
N LEU C 193 8.61 12.25 -13.55
CA LEU C 193 8.57 12.00 -14.99
C LEU C 193 9.63 12.86 -15.66
N GLN C 194 10.86 12.34 -15.64
CA GLN C 194 11.99 13.10 -16.18
C GLN C 194 12.02 13.12 -17.70
N ASP C 195 11.46 12.10 -18.34
CA ASP C 195 11.50 11.98 -19.80
C ASP C 195 10.12 11.61 -20.35
N PRO C 196 9.36 12.57 -20.87
CA PRO C 196 8.07 12.25 -21.50
C PRO C 196 8.17 11.83 -22.96
N VAL C 197 9.36 11.56 -23.47
CA VAL C 197 9.55 11.22 -24.88
C VAL C 197 9.71 9.71 -25.06
N SER C 198 9.23 8.92 -24.11
CA SER C 198 9.30 7.46 -24.18
C SER C 198 7.90 6.89 -24.17
N ASN C 199 7.72 5.77 -24.87
CA ASN C 199 6.44 5.08 -24.98
C ASN C 199 6.40 3.84 -24.09
N SER C 200 7.03 3.90 -22.92
CA SER C 200 7.09 2.77 -21.99
C SER C 200 6.42 3.12 -20.67
N MET C 201 5.29 3.82 -20.74
CA MET C 201 4.52 4.18 -19.56
C MET C 201 3.17 3.48 -19.63
N THR C 202 2.80 2.80 -18.55
CA THR C 202 1.59 1.99 -18.54
C THR C 202 0.36 2.88 -18.57
N ILE C 203 -0.77 2.30 -18.99
CA ILE C 203 -2.04 3.01 -18.99
C ILE C 203 -2.56 3.24 -17.57
N GLN C 204 -2.27 2.33 -16.64
CA GLN C 204 -2.70 2.52 -15.26
C GLN C 204 -2.13 3.79 -14.65
N ALA C 205 -1.01 4.29 -15.19
CA ALA C 205 -0.41 5.54 -14.73
C ALA C 205 -0.85 6.72 -15.58
N ILE C 206 -0.98 6.55 -16.89
CA ILE C 206 -1.47 7.61 -17.75
C ILE C 206 -2.91 7.99 -17.39
N SER C 207 -3.66 7.07 -16.81
CA SER C 207 -5.05 7.34 -16.44
C SER C 207 -5.17 8.17 -15.17
N GLN C 208 -4.08 8.40 -14.45
CA GLN C 208 -4.15 9.23 -13.25
C GLN C 208 -4.67 10.62 -13.56
N ALA C 209 -4.48 11.11 -14.79
CA ALA C 209 -5.09 12.37 -15.19
C ALA C 209 -6.61 12.30 -15.20
N PHE C 210 -7.17 11.09 -15.30
CA PHE C 210 -8.62 10.88 -15.30
C PHE C 210 -9.12 10.38 -13.95
N GLY C 211 -8.27 10.35 -12.93
CA GLY C 211 -8.66 9.89 -11.61
C GLY C 211 -8.37 8.44 -11.33
N GLY C 212 -7.57 7.77 -12.16
CA GLY C 212 -7.28 6.36 -11.97
C GLY C 212 -8.31 5.42 -12.52
N ASN C 213 -9.30 5.93 -13.26
CA ASN C 213 -10.36 5.11 -13.85
C ASN C 213 -9.96 4.80 -15.29
N TYR C 214 -9.03 3.86 -15.44
CA TYR C 214 -8.59 3.44 -16.77
C TYR C 214 -9.55 2.46 -17.44
N GLU C 215 -10.48 1.86 -16.68
CA GLU C 215 -11.45 0.97 -17.29
C GLU C 215 -12.30 1.72 -18.30
N THR C 216 -12.81 2.90 -17.92
CA THR C 216 -13.58 3.71 -18.85
C THR C 216 -12.72 4.16 -20.02
N LEU C 217 -11.47 4.53 -19.76
CA LEU C 217 -10.58 4.97 -20.83
C LEU C 217 -10.38 3.88 -21.87
N LEU C 218 -10.18 2.64 -21.42
CA LEU C 218 -9.96 1.54 -22.35
C LEU C 218 -11.26 1.13 -23.04
N ARG C 219 -12.38 1.09 -22.30
CA ARG C 219 -13.65 0.68 -22.88
C ARG C 219 -14.11 1.68 -23.94
N THR C 220 -13.81 2.97 -23.75
CA THR C 220 -14.22 3.97 -24.74
C THR C 220 -13.58 3.68 -26.09
N LEU C 221 -12.30 3.34 -26.11
CA LEU C 221 -11.63 2.93 -27.33
C LEU C 221 -11.91 1.47 -27.63
N GLY C 222 -11.67 1.08 -28.87
CA GLY C 222 -11.83 -0.29 -29.28
C GLY C 222 -10.92 -1.23 -28.51
N TYR C 223 -11.47 -2.33 -27.99
CA TYR C 223 -10.68 -3.30 -27.22
C TYR C 223 -11.08 -4.73 -27.57
N ALA C 224 -11.56 -4.96 -28.80
CA ALA C 224 -12.07 -6.27 -29.17
C ALA C 224 -10.96 -7.32 -29.14
N THR C 225 -10.99 -8.18 -28.13
CA THR C 225 -10.01 -9.26 -28.00
C THR C 225 -10.43 -10.14 -26.83
N GLU C 226 -10.13 -11.43 -26.94
CA GLU C 226 -10.45 -12.39 -25.89
C GLU C 226 -9.34 -12.56 -24.87
N ASP C 227 -8.19 -11.92 -25.08
CA ASP C 227 -7.06 -11.97 -24.15
C ASP C 227 -6.75 -10.58 -23.60
N PHE C 228 -7.80 -9.83 -23.26
CA PHE C 228 -7.61 -8.45 -22.81
C PHE C 228 -7.05 -8.39 -21.40
N ASP C 229 -7.55 -9.24 -20.50
CA ASP C 229 -7.10 -9.19 -19.11
C ASP C 229 -5.62 -9.51 -18.99
N ASP C 230 -5.16 -10.52 -19.72
CA ASP C 230 -3.75 -10.89 -19.66
C ASP C 230 -2.86 -9.76 -20.17
N LEU C 231 -3.26 -9.14 -21.28
CA LEU C 231 -2.48 -8.02 -21.82
C LEU C 231 -2.45 -6.86 -20.83
N LEU C 232 -3.59 -6.53 -20.23
CA LEU C 232 -3.67 -5.39 -19.33
C LEU C 232 -2.86 -5.64 -18.07
N GLU C 233 -2.95 -6.84 -17.49
CA GLU C 233 -2.28 -7.12 -16.23
C GLU C 233 -0.76 -7.06 -16.37
N SER C 234 -0.23 -7.59 -17.47
CA SER C 234 1.22 -7.67 -17.66
C SER C 234 1.85 -6.31 -17.93
N ASP C 235 1.11 -5.20 -17.87
CA ASP C 235 1.68 -3.88 -18.11
C ASP C 235 2.23 -3.77 -19.53
N SER C 236 1.60 -4.47 -20.46
CA SER C 236 2.00 -4.46 -21.87
C SER C 236 1.24 -3.44 -22.70
N ILE C 237 0.30 -2.72 -22.11
CA ILE C 237 -0.43 -1.65 -22.78
C ILE C 237 0.14 -0.33 -22.29
N THR C 238 0.59 0.50 -23.22
CA THR C 238 1.29 1.73 -22.86
C THR C 238 0.78 2.90 -23.70
N GLY C 239 0.89 4.10 -23.13
CA GLY C 239 0.51 5.30 -23.82
C GLY C 239 1.64 6.31 -23.84
N GLN C 240 1.60 7.18 -24.85
CA GLN C 240 2.62 8.20 -25.05
C GLN C 240 1.96 9.55 -25.25
N ILE C 241 2.52 10.58 -24.61
CA ILE C 241 2.02 11.94 -24.77
C ILE C 241 2.65 12.56 -26.00
N ILE C 242 1.82 13.12 -26.88
CA ILE C 242 2.30 13.63 -28.16
C ILE C 242 1.92 15.09 -28.35
N TYR C 243 1.31 15.70 -27.33
CA TYR C 243 0.93 17.10 -27.43
C TYR C 243 0.48 17.61 -26.07
N VAL C 244 0.86 18.84 -25.75
CA VAL C 244 0.41 19.52 -24.53
C VAL C 244 0.04 20.95 -24.90
N ASP C 245 -1.15 21.38 -24.50
CA ASP C 245 -1.63 22.73 -24.75
C ASP C 245 -1.79 23.46 -23.43
N LEU C 246 -1.18 24.64 -23.32
CA LEU C 246 -1.20 25.43 -22.10
C LEU C 246 -2.22 26.55 -22.15
N SER C 247 -3.10 26.56 -23.15
CA SER C 247 -4.19 27.51 -23.24
C SER C 247 -5.51 26.91 -22.78
N SER C 248 -5.84 25.71 -23.25
CA SER C 248 -7.03 24.99 -22.83
C SER C 248 -6.75 23.89 -21.81
N TYR C 249 -5.47 23.59 -21.55
CA TYR C 249 -5.08 22.61 -20.55
C TYR C 249 -5.64 21.23 -20.87
N TYR C 250 -5.23 20.69 -22.01
CA TYR C 250 -5.53 19.32 -22.38
C TYR C 250 -4.29 18.68 -23.00
N ILE C 251 -4.24 17.36 -22.96
CA ILE C 251 -3.13 16.59 -23.50
C ILE C 251 -3.67 15.50 -24.40
N ILE C 252 -3.04 15.33 -25.56
CA ILE C 252 -3.42 14.30 -26.52
C ILE C 252 -2.48 13.12 -26.32
N VAL C 253 -3.01 12.01 -25.82
CA VAL C 253 -2.21 10.82 -25.61
C VAL C 253 -2.56 9.79 -26.69
N ARG C 254 -1.63 8.87 -26.92
CA ARG C 254 -1.81 7.82 -27.91
C ARG C 254 -1.54 6.49 -27.23
N VAL C 255 -2.53 5.60 -27.27
CA VAL C 255 -2.48 4.30 -26.59
C VAL C 255 -2.13 3.23 -27.60
N TYR C 256 -1.37 2.22 -27.15
CA TYR C 256 -0.94 1.11 -27.99
C TYR C 256 -1.61 -0.16 -27.51
N PHE C 257 -2.22 -0.89 -28.44
CA PHE C 257 -2.78 -2.21 -28.16
C PHE C 257 -1.93 -3.26 -28.86
N PRO C 258 -1.10 -4.03 -28.14
CA PRO C 258 -0.30 -5.07 -28.81
C PRO C 258 -1.02 -6.40 -28.88
N ILE C 259 -0.35 -7.41 -29.46
CA ILE C 259 -0.87 -8.76 -29.52
C ILE C 259 0.21 -9.71 -29.02
N LEU C 260 -0.20 -10.74 -28.28
CA LEU C 260 0.74 -11.68 -27.70
C LEU C 260 1.09 -12.75 -28.74
N THR C 261 2.38 -12.90 -29.01
CA THR C 261 2.88 -13.89 -29.97
C THR C 261 3.80 -14.84 -29.21
N GLU C 262 3.34 -16.08 -29.02
CA GLU C 262 4.13 -17.05 -28.27
C GLU C 262 5.39 -17.43 -29.03
N ILE C 263 6.50 -17.52 -28.31
CA ILE C 263 7.76 -17.92 -28.92
C ILE C 263 7.68 -19.39 -29.32
N GLN C 264 8.40 -19.73 -30.39
CA GLN C 264 8.40 -21.09 -30.91
C GLN C 264 9.52 -21.90 -30.28
N GLN C 265 9.21 -23.14 -29.91
CA GLN C 265 10.18 -24.06 -29.32
C GLN C 265 10.76 -23.50 -28.03
N ALA C 266 9.91 -22.89 -27.21
CA ALA C 266 10.31 -22.35 -25.93
C ALA C 266 9.20 -22.56 -24.92
N TYR C 267 9.58 -22.94 -23.70
CA TYR C 267 8.62 -23.16 -22.63
C TYR C 267 9.30 -22.92 -21.29
N ILE C 268 8.48 -22.69 -20.26
CA ILE C 268 8.94 -22.42 -18.91
C ILE C 268 8.61 -23.63 -18.05
N GLN C 269 9.60 -24.12 -17.31
CA GLN C 269 9.44 -25.29 -16.45
C GLN C 269 9.65 -24.87 -15.00
N GLU C 270 8.72 -25.30 -14.14
CA GLU C 270 8.78 -24.99 -12.72
C GLU C 270 9.15 -26.24 -11.93
N LEU C 271 10.07 -26.09 -10.96
CA LEU C 271 10.53 -27.18 -10.08
C LEU C 271 10.20 -26.79 -8.64
N LEU C 272 9.05 -27.19 -8.08
CA LEU C 272 8.67 -26.80 -6.71
C LEU C 272 9.62 -27.51 -5.74
N PRO C 273 10.24 -26.83 -4.77
CA PRO C 273 11.22 -27.46 -3.88
C PRO C 273 10.59 -28.31 -2.77
N VAL C 274 11.36 -29.26 -2.25
CA VAL C 274 10.95 -30.15 -1.13
C VAL C 274 12.18 -30.29 -0.24
N SER C 275 12.06 -30.20 1.07
CA SER C 275 13.15 -30.41 2.01
C SER C 275 13.47 -31.90 2.10
N PHE C 276 14.76 -32.22 2.22
CA PHE C 276 15.20 -33.60 2.24
C PHE C 276 16.14 -33.83 3.41
N ASN C 277 16.07 -35.04 3.98
CA ASN C 277 16.80 -35.39 5.19
C ASN C 277 18.14 -36.02 4.83
N ASN C 278 19.23 -35.37 5.24
CA ASN C 278 20.57 -35.89 5.08
C ASN C 278 21.36 -35.60 6.35
N ASP C 279 22.13 -36.59 6.81
CA ASP C 279 23.01 -36.44 7.96
C ASP C 279 22.26 -35.86 9.15
N ASN C 280 21.07 -36.40 9.41
CA ASN C 280 20.25 -36.06 10.57
C ASN C 280 19.69 -34.63 10.52
N SER C 281 19.83 -33.94 9.40
CA SER C 281 19.32 -32.58 9.25
C SER C 281 18.59 -32.44 7.93
N GLU C 282 17.56 -31.61 7.92
CA GLU C 282 16.77 -31.38 6.72
C GLU C 282 17.29 -30.15 5.99
N TRP C 283 17.60 -30.32 4.71
CA TRP C 283 18.14 -29.27 3.85
C TRP C 283 17.16 -28.94 2.75
N ILE C 284 17.41 -27.81 2.08
CA ILE C 284 16.63 -27.37 0.93
C ILE C 284 17.61 -27.08 -0.20
N SER C 285 17.35 -27.64 -1.38
CA SER C 285 18.22 -27.43 -2.52
C SER C 285 18.05 -26.01 -3.06
N ILE C 286 19.16 -25.44 -3.53
CA ILE C 286 19.16 -24.07 -4.05
C ILE C 286 19.29 -24.11 -5.57
N VAL C 287 18.16 -24.11 -6.26
CA VAL C 287 18.15 -24.11 -7.73
C VAL C 287 17.01 -23.22 -8.21
N PRO C 288 17.23 -22.50 -9.32
CA PRO C 288 16.18 -21.58 -9.80
C PRO C 288 14.85 -22.30 -9.97
N ASN C 289 13.79 -21.65 -9.49
CA ASN C 289 12.46 -22.26 -9.54
C ASN C 289 11.98 -22.39 -10.97
N PHE C 290 12.15 -21.36 -11.77
CA PHE C 290 11.67 -21.31 -13.15
C PHE C 290 12.84 -21.38 -14.10
N ILE C 291 12.78 -22.29 -15.07
CA ILE C 291 13.84 -22.49 -16.05
C ILE C 291 13.24 -22.32 -17.44
N LEU C 292 13.90 -21.52 -18.27
CA LEU C 292 13.44 -21.25 -19.63
C LEU C 292 14.23 -22.15 -20.57
N VAL C 293 13.62 -23.29 -20.94
CA VAL C 293 14.24 -24.23 -21.86
C VAL C 293 13.85 -23.85 -23.28
N ARG C 294 14.60 -22.93 -23.88
CA ARG C 294 14.31 -22.43 -25.22
C ARG C 294 15.34 -23.01 -26.20
N ASN C 295 14.85 -23.75 -27.18
CA ASN C 295 15.71 -24.38 -28.19
C ASN C 295 16.84 -25.15 -27.52
N THR C 296 16.47 -25.97 -26.53
CA THR C 296 17.40 -26.74 -25.72
C THR C 296 18.62 -25.91 -25.31
N LEU C 297 18.40 -24.65 -24.97
CA LEU C 297 19.42 -23.78 -24.37
C LEU C 297 18.87 -23.34 -23.01
N ILE C 298 19.32 -24.02 -21.96
CA ILE C 298 18.81 -23.73 -20.62
C ILE C 298 19.27 -22.34 -20.21
N SER C 299 18.34 -21.56 -19.65
CA SER C 299 18.64 -20.20 -19.21
C SER C 299 17.65 -19.80 -18.12
N ASN C 300 18.03 -18.77 -17.38
CA ASN C 300 17.17 -18.25 -16.31
C ASN C 300 16.08 -17.36 -16.90
N ILE C 301 15.27 -16.78 -16.03
CA ILE C 301 14.24 -15.84 -16.43
C ILE C 301 13.84 -15.01 -15.21
N GLU C 302 13.68 -13.71 -15.42
CA GLU C 302 13.26 -12.80 -14.35
C GLU C 302 11.74 -12.87 -14.25
N ILE C 303 11.26 -13.93 -13.59
CA ILE C 303 9.83 -14.17 -13.50
C ILE C 303 9.13 -13.11 -12.66
N GLY C 304 9.86 -12.35 -11.85
CA GLY C 304 9.24 -11.33 -11.04
C GLY C 304 8.54 -10.28 -11.86
N PHE C 305 9.16 -9.84 -12.96
CA PHE C 305 8.56 -8.81 -13.80
C PHE C 305 7.42 -9.36 -14.64
N CYS C 306 7.44 -10.66 -14.94
CA CYS C 306 6.48 -11.24 -15.85
C CYS C 306 5.22 -11.70 -15.09
N LEU C 307 4.23 -12.15 -15.85
CA LEU C 307 2.98 -12.66 -15.31
C LEU C 307 2.88 -14.17 -15.55
N ILE C 308 2.47 -14.89 -14.52
CA ILE C 308 2.40 -16.34 -14.56
C ILE C 308 0.93 -16.74 -14.59
N THR C 309 0.38 -16.89 -15.79
CA THR C 309 -0.95 -17.45 -15.95
C THR C 309 -0.87 -18.97 -15.96
N LYS C 310 -1.95 -19.60 -15.50
CA LYS C 310 -1.95 -21.05 -15.29
C LYS C 310 -1.44 -21.82 -16.50
N ARG C 311 -1.46 -21.22 -17.70
CA ARG C 311 -1.07 -21.92 -18.92
C ARG C 311 0.00 -21.21 -19.73
N SER C 312 0.60 -20.14 -19.20
CA SER C 312 1.62 -19.44 -19.98
C SER C 312 2.26 -18.35 -19.13
N VAL C 313 3.50 -18.01 -19.49
CA VAL C 313 4.22 -16.90 -18.88
C VAL C 313 4.23 -15.76 -19.89
N ILE C 314 3.64 -14.63 -19.51
CA ILE C 314 3.49 -13.48 -20.38
C ILE C 314 4.43 -12.38 -19.90
N CYS C 315 5.27 -11.88 -20.80
CA CYS C 315 6.30 -10.91 -20.44
C CYS C 315 6.17 -9.68 -21.35
N ASN C 316 6.50 -8.52 -20.78
CA ASN C 316 6.57 -7.31 -21.59
C ASN C 316 7.67 -7.41 -22.63
N GLN C 317 8.83 -7.97 -22.25
CA GLN C 317 9.96 -8.10 -23.15
C GLN C 317 10.73 -9.36 -22.77
N ASP C 318 11.55 -9.83 -23.70
CA ASP C 318 12.36 -11.02 -23.44
C ASP C 318 13.24 -10.79 -22.22
N TYR C 319 12.95 -11.51 -21.14
CA TYR C 319 13.65 -11.31 -19.87
C TYR C 319 14.68 -12.41 -19.60
N ALA C 320 14.99 -13.25 -20.59
CA ALA C 320 15.95 -14.32 -20.39
C ALA C 320 17.31 -13.75 -20.01
N THR C 321 17.96 -14.41 -19.05
CA THR C 321 19.26 -14.03 -18.56
C THR C 321 20.16 -15.26 -18.55
N PRO C 322 21.48 -15.08 -18.63
CA PRO C 322 22.37 -16.23 -18.71
C PRO C 322 22.44 -17.01 -17.40
N MET C 323 22.84 -18.27 -17.52
CA MET C 323 22.98 -19.16 -16.38
C MET C 323 24.43 -19.66 -16.31
N THR C 324 24.94 -19.77 -15.09
CA THR C 324 26.31 -20.21 -14.89
C THR C 324 26.46 -21.67 -15.32
N ASN C 325 27.72 -22.03 -15.64
CA ASN C 325 27.98 -23.36 -16.17
C ASN C 325 27.64 -24.45 -15.16
N ASN C 326 27.93 -24.21 -13.87
CA ASN C 326 27.69 -25.23 -12.86
C ASN C 326 26.21 -25.58 -12.74
N MET C 327 25.35 -24.57 -12.81
CA MET C 327 23.89 -24.78 -12.61
C MET C 327 23.35 -25.48 -13.85
N ARG C 328 23.90 -25.22 -15.04
CA ARG C 328 23.50 -25.97 -16.24
C ARG C 328 23.95 -27.41 -16.06
N GLU C 329 25.18 -27.65 -15.63
CA GLU C 329 25.76 -29.01 -15.51
C GLU C 329 24.94 -29.82 -14.51
N CYS C 330 24.48 -29.20 -13.43
CA CYS C 330 23.72 -29.90 -12.40
C CYS C 330 22.29 -30.20 -12.83
N LEU C 331 21.65 -29.28 -13.53
CA LEU C 331 20.29 -29.52 -14.02
C LEU C 331 20.24 -30.64 -15.05
N THR C 332 21.38 -31.00 -15.62
CA THR C 332 21.43 -32.04 -16.64
C THR C 332 21.61 -33.44 -16.05
N GLY C 333 21.85 -33.56 -14.76
CA GLY C 333 21.96 -34.87 -14.13
C GLY C 333 23.18 -35.06 -13.25
N SER C 334 23.86 -33.99 -12.90
CA SER C 334 25.04 -34.03 -12.04
C SER C 334 24.68 -33.34 -10.71
N THR C 335 24.10 -34.11 -9.79
CA THR C 335 23.64 -33.55 -8.53
C THR C 335 24.78 -33.10 -7.61
N GLU C 336 26.02 -33.44 -7.94
CA GLU C 336 27.14 -33.12 -7.06
C GLU C 336 27.45 -31.63 -7.02
N LYS C 337 26.85 -30.82 -7.88
CA LYS C 337 27.18 -29.41 -7.99
C LYS C 337 26.05 -28.48 -7.58
N CYS C 338 24.94 -29.00 -7.09
CA CYS C 338 23.82 -28.16 -6.66
C CYS C 338 23.94 -27.88 -5.17
N PRO C 339 24.12 -26.62 -4.75
CA PRO C 339 24.28 -26.34 -3.33
C PRO C 339 22.99 -26.54 -2.55
N ARG C 340 23.15 -26.74 -1.25
CA ARG C 340 22.04 -27.01 -0.34
C ARG C 340 22.15 -26.08 0.86
N GLU C 341 21.02 -25.58 1.35
CA GLU C 341 20.98 -24.70 2.50
C GLU C 341 20.31 -25.41 3.68
N LEU C 342 20.85 -25.16 4.86
CA LEU C 342 20.28 -25.72 6.08
C LEU C 342 18.92 -25.09 6.36
N VAL C 343 18.06 -25.84 7.05
CA VAL C 343 16.72 -25.40 7.39
C VAL C 343 16.60 -25.38 8.91
N VAL C 344 16.56 -24.19 9.49
CA VAL C 344 16.32 -24.02 10.91
C VAL C 344 14.88 -23.62 11.21
N SER C 345 14.14 -23.14 10.21
CA SER C 345 12.74 -22.83 10.41
C SER C 345 11.92 -24.12 10.53
N SER C 346 10.67 -23.96 10.99
CA SER C 346 9.77 -25.08 11.18
C SER C 346 8.65 -25.13 10.15
N HIS C 347 8.45 -24.06 9.39
CA HIS C 347 7.38 -23.97 8.38
C HIS C 347 8.02 -24.00 7.01
N VAL C 348 8.26 -25.20 6.49
CA VAL C 348 8.77 -25.38 5.13
C VAL C 348 8.09 -26.58 4.50
N PRO C 349 8.02 -26.61 3.17
CA PRO C 349 7.42 -27.77 2.50
C PRO C 349 8.17 -29.05 2.86
N ARG C 350 7.42 -30.12 3.07
CA ARG C 350 7.99 -31.41 3.42
C ARG C 350 7.48 -32.55 2.56
N PHE C 351 6.51 -32.30 1.68
CA PHE C 351 6.04 -33.31 0.74
C PHE C 351 5.38 -32.61 -0.43
N ALA C 352 5.23 -33.34 -1.53
CA ALA C 352 4.65 -32.78 -2.74
C ALA C 352 4.04 -33.90 -3.57
N LEU C 353 3.13 -33.51 -4.45
CA LEU C 353 2.42 -34.43 -5.33
C LEU C 353 2.71 -34.05 -6.78
N SER C 354 3.15 -35.02 -7.57
CA SER C 354 3.52 -34.78 -8.97
C SER C 354 3.01 -35.95 -9.81
N ASN C 355 1.85 -35.76 -10.45
CA ASN C 355 1.29 -36.75 -11.37
C ASN C 355 0.98 -38.05 -10.64
N GLY C 356 0.24 -37.93 -9.53
CA GLY C 356 -0.14 -39.08 -8.75
C GLY C 356 0.86 -39.44 -7.67
N VAL C 357 2.04 -39.90 -8.09
CA VAL C 357 3.09 -40.30 -7.15
C VAL C 357 3.36 -39.15 -6.19
N LEU C 358 3.72 -39.49 -4.94
CA LEU C 358 3.92 -38.51 -3.90
C LEU C 358 5.35 -38.59 -3.39
N PHE C 359 6.06 -37.47 -3.40
CA PHE C 359 7.43 -37.40 -2.91
C PHE C 359 7.41 -36.73 -1.54
N ALA C 360 7.75 -37.48 -0.50
CA ALA C 360 7.64 -37.00 0.86
C ALA C 360 8.89 -37.34 1.66
N ASN C 361 9.22 -36.47 2.60
CA ASN C 361 10.25 -36.72 3.60
C ASN C 361 9.56 -37.31 4.82
N CYS C 362 9.65 -38.64 4.98
CA CYS C 362 8.88 -39.36 5.98
C CYS C 362 9.56 -39.41 7.33
N ILE C 363 10.44 -38.46 7.63
CA ILE C 363 11.05 -38.31 8.95
C ILE C 363 10.49 -37.08 9.66
N SER C 364 10.55 -35.92 9.00
CA SER C 364 10.00 -34.70 9.60
C SER C 364 8.50 -34.83 9.83
N VAL C 365 7.79 -35.36 8.85
CA VAL C 365 6.35 -35.57 8.97
C VAL C 365 6.10 -37.06 9.22
N THR C 366 4.90 -37.37 9.68
CA THR C 366 4.51 -38.74 9.98
C THR C 366 3.81 -39.33 8.76
N CYS C 367 4.30 -40.48 8.29
CA CYS C 367 3.72 -41.16 7.13
C CYS C 367 3.01 -42.43 7.58
N GLN C 368 2.00 -42.82 6.80
CA GLN C 368 1.19 -43.99 7.13
C GLN C 368 0.49 -44.47 5.87
N CYS C 369 -0.06 -45.68 5.94
CA CYS C 369 -0.77 -46.29 4.82
C CYS C 369 -2.17 -46.66 5.30
N GLN C 370 -3.18 -45.95 4.77
CA GLN C 370 -4.55 -46.17 5.21
C GLN C 370 -5.03 -47.57 4.86
N THR C 371 -4.73 -48.05 3.66
CA THR C 371 -5.28 -49.33 3.21
C THR C 371 -4.81 -50.47 4.09
N THR C 372 -3.52 -50.49 4.44
CA THR C 372 -2.97 -51.55 5.26
C THR C 372 -2.92 -51.18 6.74
N GLY C 373 -2.58 -49.95 7.07
CA GLY C 373 -2.51 -49.45 8.46
C GLY C 373 -1.07 -49.35 8.93
N ARG C 374 -0.18 -50.17 8.39
CA ARG C 374 1.25 -50.20 8.79
C ARG C 374 1.89 -48.85 8.44
N ALA C 375 2.77 -48.33 9.29
CA ALA C 375 3.46 -47.05 9.06
C ALA C 375 4.57 -47.25 8.04
N ILE C 376 4.84 -46.26 7.18
CA ILE C 376 5.87 -46.33 6.15
C ILE C 376 6.96 -45.34 6.54
N SER C 377 8.20 -45.82 6.62
CA SER C 377 9.31 -45.03 7.14
C SER C 377 10.53 -45.20 6.23
N GLN C 378 11.46 -44.25 6.37
CA GLN C 378 12.71 -44.26 5.62
C GLN C 378 13.88 -44.31 6.58
N SER C 379 14.95 -44.97 6.15
CA SER C 379 16.14 -45.10 6.96
C SER C 379 16.94 -43.79 6.92
N GLY C 380 18.13 -43.79 7.49
CA GLY C 380 18.97 -42.61 7.49
C GLY C 380 19.73 -42.36 6.20
N GLU C 381 19.63 -43.28 5.24
CA GLU C 381 20.34 -43.15 3.97
C GLU C 381 19.46 -42.50 2.90
N GLN C 382 18.22 -42.95 2.77
CA GLN C 382 17.34 -42.44 1.73
C GLN C 382 17.14 -40.94 1.88
N THR C 383 17.22 -40.23 0.76
CA THR C 383 17.02 -38.78 0.78
C THR C 383 15.55 -38.43 0.86
N LEU C 384 14.74 -38.99 -0.05
CA LEU C 384 13.30 -38.81 -0.04
C LEU C 384 12.63 -40.16 -0.23
N LEU C 385 11.34 -40.21 0.08
CA LEU C 385 10.53 -41.41 -0.08
C LEU C 385 9.45 -41.17 -1.13
N MET C 386 9.39 -42.06 -2.11
CA MET C 386 8.39 -42.01 -3.16
C MET C 386 7.29 -43.01 -2.85
N ILE C 387 6.07 -42.53 -2.65
CA ILE C 387 4.91 -43.36 -2.38
C ILE C 387 4.06 -43.38 -3.64
N ASP C 388 3.81 -44.56 -4.24
CA ASP C 388 3.05 -44.75 -5.51
C ASP C 388 2.00 -45.86 -5.30
N ASN C 389 1.33 -46.31 -6.36
CA ASN C 389 0.24 -47.32 -6.40
C ASN C 389 0.70 -48.65 -5.82
N THR C 390 1.93 -49.05 -6.11
CA THR C 390 2.53 -50.34 -5.68
C THR C 390 2.92 -50.30 -4.21
N THR C 391 3.52 -49.21 -3.72
CA THR C 391 3.98 -49.14 -2.34
C THR C 391 2.81 -49.01 -1.37
N CYS C 392 1.90 -48.07 -1.64
CA CYS C 392 0.77 -47.82 -0.75
C CYS C 392 -0.38 -47.19 -1.52
N PRO C 393 -1.52 -47.88 -1.64
CA PRO C 393 -2.63 -47.28 -2.42
C PRO C 393 -3.13 -45.96 -1.88
N THR C 394 -3.12 -45.76 -0.57
CA THR C 394 -3.65 -44.55 0.05
C THR C 394 -2.73 -44.11 1.18
N ALA C 395 -2.20 -42.90 1.09
CA ALA C 395 -1.24 -42.39 2.06
C ALA C 395 -1.89 -41.37 2.99
N VAL C 396 -1.62 -41.51 4.29
CA VAL C 396 -2.12 -40.60 5.30
C VAL C 396 -0.93 -39.78 5.80
N LEU C 397 -0.92 -38.49 5.48
CA LEU C 397 0.12 -37.58 5.93
C LEU C 397 -0.51 -36.51 6.81
N GLY C 398 0.02 -36.36 8.02
CA GLY C 398 -0.58 -35.42 8.96
C GLY C 398 -2.04 -35.76 9.21
N ASN C 399 -2.94 -34.94 8.67
CA ASN C 399 -4.37 -35.17 8.79
C ASN C 399 -5.06 -35.23 7.43
N VAL C 400 -4.31 -35.49 6.36
CA VAL C 400 -4.87 -35.56 5.01
C VAL C 400 -4.63 -36.98 4.47
N ILE C 401 -5.70 -37.59 3.95
CA ILE C 401 -5.66 -38.89 3.31
C ILE C 401 -5.73 -38.66 1.80
N ILE C 402 -4.78 -39.21 1.06
CA ILE C 402 -4.65 -38.94 -0.36
C ILE C 402 -4.42 -40.25 -1.10
N SER C 403 -5.16 -40.45 -2.18
CA SER C 403 -4.92 -41.56 -3.09
C SER C 403 -3.74 -41.23 -4.00
N LEU C 404 -3.09 -42.27 -4.52
CA LEU C 404 -1.85 -42.11 -5.26
C LEU C 404 -1.90 -42.91 -6.56
N GLY C 405 -1.13 -42.42 -7.54
CA GLY C 405 -1.02 -43.03 -8.87
C GLY C 405 0.22 -43.90 -8.91
N LYS C 406 0.77 -44.12 -10.09
CA LYS C 406 1.89 -45.01 -10.35
C LYS C 406 3.05 -44.21 -10.95
N TYR C 407 4.27 -44.63 -10.61
CA TYR C 407 5.46 -43.97 -11.12
C TYR C 407 5.79 -44.49 -12.51
N LEU C 408 6.05 -43.57 -13.43
CA LEU C 408 6.41 -43.92 -14.80
C LEU C 408 7.91 -43.98 -15.02
N GLY C 409 8.71 -43.78 -13.97
CA GLY C 409 10.14 -43.81 -14.10
C GLY C 409 10.75 -45.15 -13.75
N SER C 410 11.82 -45.14 -12.95
CA SER C 410 12.51 -46.37 -12.59
C SER C 410 11.60 -47.27 -11.76
N VAL C 411 11.72 -48.59 -11.92
CA VAL C 411 10.93 -49.56 -11.11
C VAL C 411 11.41 -49.40 -9.67
N ASN C 412 12.73 -49.48 -9.45
CA ASN C 412 13.34 -49.29 -8.11
C ASN C 412 13.87 -47.86 -8.02
N TYR C 413 13.13 -46.95 -7.38
CA TYR C 413 13.57 -45.55 -7.17
C TYR C 413 13.85 -45.37 -5.69
N ASN C 414 13.07 -45.97 -4.78
CA ASN C 414 13.27 -45.72 -3.35
C ASN C 414 14.64 -46.13 -2.86
N SER C 415 15.33 -47.03 -3.57
CA SER C 415 16.59 -47.61 -3.10
C SER C 415 17.71 -47.39 -4.10
N GLU C 416 17.81 -46.18 -4.65
CA GLU C 416 18.88 -45.84 -5.59
C GLU C 416 20.05 -45.15 -4.88
N GLY C 417 19.80 -44.00 -4.26
CA GLY C 417 20.84 -43.31 -3.52
C GLY C 417 21.74 -42.46 -4.41
N ILE C 418 22.00 -41.22 -3.99
CA ILE C 418 22.87 -40.32 -4.74
C ILE C 418 23.57 -39.40 -3.75
N ALA C 419 24.77 -38.95 -4.12
CA ALA C 419 25.50 -37.99 -3.32
C ALA C 419 24.94 -36.58 -3.55
N ILE C 420 25.27 -35.67 -2.62
CA ILE C 420 24.73 -34.33 -2.64
C ILE C 420 25.89 -33.32 -2.63
N GLY C 421 25.58 -32.10 -3.07
CA GLY C 421 26.57 -31.06 -3.17
C GLY C 421 26.89 -30.43 -1.84
N PRO C 422 27.79 -29.45 -1.88
CA PRO C 422 28.26 -28.81 -0.64
C PRO C 422 27.25 -27.80 -0.12
N PRO C 423 27.23 -27.55 1.18
CA PRO C 423 26.30 -26.56 1.73
C PRO C 423 26.78 -25.13 1.48
N VAL C 424 25.82 -24.20 1.57
CA VAL C 424 26.09 -22.78 1.43
C VAL C 424 25.09 -22.01 2.30
N PHE C 425 25.33 -20.71 2.45
CA PHE C 425 24.42 -19.81 3.15
C PHE C 425 24.11 -18.63 2.23
N THR C 426 22.82 -18.37 2.03
CA THR C 426 22.37 -17.36 1.08
C THR C 426 21.91 -16.07 1.75
N ASP C 427 22.15 -15.91 3.05
CA ASP C 427 21.76 -14.68 3.71
C ASP C 427 22.54 -13.50 3.13
N LYS C 428 21.86 -12.36 3.02
CA LYS C 428 22.48 -11.19 2.40
C LYS C 428 23.71 -10.74 3.19
N VAL C 429 23.62 -10.74 4.52
CA VAL C 429 24.74 -10.29 5.33
C VAL C 429 25.86 -11.32 5.39
N ASP C 430 25.57 -12.59 5.09
CA ASP C 430 26.57 -13.64 5.18
C ASP C 430 27.41 -13.79 3.92
N ILE C 431 26.94 -13.27 2.78
CA ILE C 431 27.72 -13.36 1.55
C ILE C 431 29.01 -12.57 1.69
N SER C 432 28.93 -11.37 2.27
CA SER C 432 30.13 -10.57 2.47
C SER C 432 31.12 -11.26 3.40
N SER C 433 30.63 -11.87 4.48
CA SER C 433 31.51 -12.59 5.38
C SER C 433 32.16 -13.78 4.69
N GLN C 434 31.39 -14.50 3.88
CA GLN C 434 31.94 -15.64 3.14
C GLN C 434 33.03 -15.18 2.18
N ILE C 435 32.80 -14.07 1.49
CA ILE C 435 33.80 -13.55 0.56
C ILE C 435 35.07 -13.14 1.32
N SER C 436 34.90 -12.44 2.44
CA SER C 436 36.06 -11.98 3.20
C SER C 436 36.87 -13.15 3.75
N SER C 437 36.18 -14.18 4.26
CA SER C 437 36.90 -15.34 4.78
C SER C 437 37.71 -16.01 3.68
N MET C 438 37.13 -16.14 2.49
CA MET C 438 37.78 -16.82 1.33
C MET C 438 39.04 -16.05 0.91
N ASN C 439 38.92 -14.73 0.76
CA ASN C 439 40.08 -13.88 0.40
C ASN C 439 41.14 -14.06 1.48
N GLN C 440 40.74 -13.92 2.75
CA GLN C 440 41.65 -14.07 3.93
C GLN C 440 42.45 -15.36 3.76
N SER C 441 41.76 -16.48 3.55
CA SER C 441 42.36 -17.80 3.36
C SER C 441 43.26 -17.83 2.13
N LEU C 442 42.87 -17.12 1.07
CA LEU C 442 43.71 -17.05 -0.12
C LEU C 442 45.05 -16.40 0.18
N GLN C 443 45.04 -15.30 0.95
CA GLN C 443 46.29 -14.66 1.32
C GLN C 443 47.14 -15.57 2.20
N GLN C 444 46.51 -16.28 3.13
CA GLN C 444 47.25 -17.21 3.96
C GLN C 444 47.91 -18.30 3.11
N SER C 445 47.17 -18.85 2.14
CA SER C 445 47.73 -19.88 1.27
C SER C 445 48.86 -19.32 0.42
N LYS C 446 48.70 -18.09 -0.08
CA LYS C 446 49.79 -17.48 -0.85
C LYS C 446 51.04 -17.33 -0.01
N ASP C 447 50.90 -16.87 1.24
CA ASP C 447 52.06 -16.74 2.10
C ASP C 447 52.71 -18.09 2.37
N TYR C 448 51.90 -19.10 2.65
CA TYR C 448 52.45 -20.42 2.92
C TYR C 448 53.19 -20.97 1.71
N ILE C 449 52.64 -20.80 0.51
CA ILE C 449 53.30 -21.27 -0.70
C ILE C 449 54.60 -20.51 -0.93
N LYS C 450 54.57 -19.19 -0.75
CA LYS C 450 55.78 -18.39 -0.95
C LYS C 450 56.86 -18.77 0.04
N GLU C 451 56.47 -19.20 1.24
CA GLU C 451 57.46 -19.60 2.24
C GLU C 451 58.29 -20.77 1.73
N ALA C 452 57.66 -21.75 1.09
CA ALA C 452 58.37 -22.90 0.56
C ALA C 452 58.95 -22.58 -0.82
N GLN D 1 -39.99 26.89 30.41
CA GLN D 1 -39.82 25.43 30.29
C GLN D 1 -41.11 24.77 29.82
N SER D 2 -42.24 25.45 30.03
CA SER D 2 -43.55 24.96 29.64
C SER D 2 -43.98 25.64 28.35
N LEU D 3 -44.35 24.85 27.36
CA LEU D 3 -44.69 25.36 26.03
C LEU D 3 -46.16 25.76 25.98
N GLU D 4 -46.50 26.78 26.79
CA GLU D 4 -47.87 27.29 26.81
C GLU D 4 -48.25 27.81 25.44
N GLU D 5 -49.44 27.44 24.98
CA GLU D 5 -49.93 27.80 23.66
C GLU D 5 -51.32 28.40 23.77
N SER D 6 -51.56 29.47 23.00
CA SER D 6 -52.88 30.07 22.96
C SER D 6 -53.85 29.18 22.21
N GLY D 7 -55.10 29.19 22.66
CA GLY D 7 -56.14 28.36 22.08
C GLY D 7 -56.85 29.02 20.92
N GLY D 8 -57.92 28.37 20.47
CA GLY D 8 -58.73 28.89 19.38
C GLY D 8 -60.20 28.59 19.55
N ARG D 9 -61.03 29.63 19.52
CA ARG D 9 -62.46 29.46 19.68
C ARG D 9 -63.06 28.79 18.45
N LEU D 10 -64.26 28.24 18.62
CA LEU D 10 -64.97 27.62 17.51
C LEU D 10 -65.19 28.64 16.40
N VAL D 11 -64.96 28.22 15.16
CA VAL D 11 -65.08 29.09 14.00
C VAL D 11 -65.93 28.39 12.94
N THR D 12 -66.72 29.19 12.23
CA THR D 12 -67.52 28.64 11.14
C THR D 12 -66.62 28.15 10.02
N PRO D 13 -66.97 27.05 9.35
CA PRO D 13 -66.12 26.56 8.26
C PRO D 13 -65.94 27.62 7.19
N GLY D 14 -64.72 27.69 6.64
CA GLY D 14 -64.40 28.64 5.59
C GLY D 14 -63.69 29.89 6.03
N THR D 15 -63.24 29.96 7.29
CA THR D 15 -62.54 31.13 7.80
C THR D 15 -61.18 30.73 8.38
N PRO D 16 -60.15 31.55 8.20
CA PRO D 16 -58.83 31.18 8.71
C PRO D 16 -58.77 31.24 10.23
N LEU D 17 -57.84 30.46 10.79
CA LEU D 17 -57.62 30.43 12.22
C LEU D 17 -56.12 30.30 12.49
N THR D 18 -55.69 30.79 13.64
CA THR D 18 -54.27 30.81 13.98
C THR D 18 -54.07 30.37 15.43
N LEU D 19 -53.00 29.61 15.65
CA LEU D 19 -52.59 29.19 16.98
C LEU D 19 -51.12 29.53 17.16
N THR D 20 -50.71 29.69 18.42
CA THR D 20 -49.34 30.07 18.74
C THR D 20 -48.88 29.34 20.00
N CYS D 21 -47.57 29.05 20.06
CA CYS D 21 -46.92 28.46 21.22
C CYS D 21 -46.06 29.52 21.87
N THR D 22 -46.44 29.96 23.08
CA THR D 22 -45.69 30.97 23.81
C THR D 22 -44.56 30.29 24.59
N ALA D 23 -43.57 29.83 23.84
CA ALA D 23 -42.42 29.15 24.45
C ALA D 23 -41.69 30.08 25.39
N SER D 24 -41.28 29.56 26.55
CA SER D 24 -40.57 30.34 27.54
C SER D 24 -39.61 29.43 28.30
N GLY D 25 -38.55 30.04 28.83
CA GLY D 25 -37.58 29.32 29.62
C GLY D 25 -36.49 28.62 28.83
N PHE D 26 -36.53 28.70 27.51
CA PHE D 26 -35.52 28.03 26.68
C PHE D 26 -35.45 28.72 25.33
N SER D 27 -34.32 28.52 24.65
CA SER D 27 -34.15 29.08 23.32
C SER D 27 -34.97 28.27 22.32
N LEU D 28 -35.72 28.97 21.48
CA LEU D 28 -36.62 28.34 20.53
C LEU D 28 -35.93 27.93 19.24
N SER D 29 -34.71 28.41 18.98
CA SER D 29 -34.00 28.08 17.75
C SER D 29 -33.12 26.85 17.89
N SER D 30 -32.96 26.31 19.10
CA SER D 30 -32.06 25.17 19.29
C SER D 30 -32.70 23.87 18.84
N TYR D 31 -34.03 23.76 18.94
CA TYR D 31 -34.73 22.50 18.72
C TYR D 31 -35.82 22.69 17.67
N TYR D 32 -36.17 21.58 17.02
CA TYR D 32 -37.32 21.57 16.12
C TYR D 32 -38.61 21.73 16.92
N MET D 33 -39.68 22.14 16.24
CA MET D 33 -40.98 22.39 16.85
C MET D 33 -42.03 21.63 16.05
N MET D 34 -42.26 20.37 16.41
CA MET D 34 -43.26 19.56 15.73
C MET D 34 -44.66 19.88 16.26
N TRP D 35 -45.66 19.68 15.42
CA TRP D 35 -47.06 19.90 15.76
C TRP D 35 -47.81 18.59 15.63
N VAL D 36 -48.68 18.31 16.60
CA VAL D 36 -49.45 17.08 16.63
C VAL D 36 -50.91 17.41 16.90
N ARG D 37 -51.79 16.55 16.41
CA ARG D 37 -53.23 16.72 16.54
C ARG D 37 -53.86 15.42 17.05
N GLN D 38 -54.90 15.56 17.87
CA GLN D 38 -55.62 14.42 18.41
C GLN D 38 -57.11 14.72 18.40
N ALA D 39 -57.85 14.04 17.54
CA ALA D 39 -59.31 14.16 17.56
C ALA D 39 -59.85 13.53 18.85
N PRO D 40 -61.00 14.00 19.33
CA PRO D 40 -61.52 13.47 20.60
C PRO D 40 -61.74 11.96 20.52
N GLY D 41 -61.27 11.25 21.54
CA GLY D 41 -61.43 9.81 21.57
C GLY D 41 -60.80 9.09 20.39
N LYS D 42 -59.66 9.58 19.92
CA LYS D 42 -58.97 9.01 18.78
C LYS D 42 -57.46 9.13 18.98
N GLY D 43 -56.72 8.40 18.16
CA GLY D 43 -55.27 8.39 18.28
C GLY D 43 -54.63 9.68 17.79
N LEU D 44 -53.39 9.87 18.20
CA LEU D 44 -52.64 11.07 17.82
C LEU D 44 -52.40 11.09 16.32
N GLU D 45 -52.26 12.29 15.76
CA GLU D 45 -52.05 12.48 14.34
C GLU D 45 -51.00 13.56 14.12
N TRP D 46 -50.11 13.33 13.16
CA TRP D 46 -48.99 14.22 12.87
C TRP D 46 -49.37 15.21 11.78
N ILE D 47 -49.08 16.49 12.01
CA ILE D 47 -49.49 17.54 11.10
C ILE D 47 -48.32 18.46 10.72
N GLY D 48 -47.09 17.99 10.83
CA GLY D 48 -45.95 18.69 10.29
C GLY D 48 -44.92 19.02 11.35
N ILE D 49 -43.77 19.50 10.86
CA ILE D 49 -42.63 19.88 11.69
C ILE D 49 -41.93 21.05 11.03
N ILE D 50 -41.20 21.83 11.82
CA ILE D 50 -40.45 22.99 11.34
C ILE D 50 -38.99 22.84 11.73
N ASN D 51 -38.10 23.04 10.76
CA ASN D 51 -36.67 23.06 11.01
C ASN D 51 -36.29 24.30 11.82
N THR D 52 -35.02 24.38 12.19
CA THR D 52 -34.52 25.60 12.83
C THR D 52 -34.70 26.80 11.92
N GLY D 53 -34.40 26.63 10.63
CA GLY D 53 -34.69 27.65 9.65
C GLY D 53 -36.12 27.57 9.15
N GLY D 54 -36.43 28.41 8.17
CA GLY D 54 -37.77 28.46 7.62
C GLY D 54 -38.03 27.36 6.60
N ASN D 55 -38.01 26.10 7.05
CA ASN D 55 -38.29 24.95 6.19
C ASN D 55 -39.16 23.98 6.99
N ALA D 56 -40.45 23.95 6.67
CA ALA D 56 -41.41 23.11 7.38
C ALA D 56 -41.89 21.99 6.45
N TYR D 57 -41.82 20.76 6.94
CA TYR D 57 -42.30 19.60 6.21
C TYR D 57 -43.67 19.17 6.74
N TYR D 58 -44.55 18.80 5.82
CA TYR D 58 -45.95 18.56 6.12
C TYR D 58 -46.30 17.10 5.88
N ALA D 59 -47.42 16.68 6.47
CA ALA D 59 -47.91 15.33 6.28
C ALA D 59 -48.43 15.13 4.87
N SER D 60 -48.46 13.87 4.43
CA SER D 60 -48.94 13.56 3.09
C SER D 60 -50.45 13.77 2.99
N TRP D 61 -51.20 13.44 4.03
CA TRP D 61 -52.65 13.47 3.99
C TRP D 61 -53.21 14.89 3.98
N THR D 62 -52.41 15.91 4.24
CA THR D 62 -52.85 17.29 4.20
C THR D 62 -52.36 17.93 2.91
N LYS D 63 -53.28 18.54 2.16
CA LYS D 63 -52.97 19.12 0.85
C LYS D 63 -52.66 20.60 1.01
N GLY D 64 -51.66 20.87 1.85
CA GLY D 64 -51.22 22.25 2.04
C GLY D 64 -52.29 23.16 2.58
N ARG D 65 -53.16 22.63 3.44
CA ARG D 65 -54.19 23.42 4.10
C ARG D 65 -53.69 24.11 5.37
N PHE D 66 -52.54 23.71 5.88
CA PHE D 66 -51.94 24.32 7.06
C PHE D 66 -50.74 25.19 6.66
N THR D 67 -50.36 26.08 7.56
CA THR D 67 -49.19 26.94 7.36
C THR D 67 -48.41 26.99 8.68
N ILE D 68 -47.18 26.49 8.64
CA ILE D 68 -46.28 26.51 9.79
C ILE D 68 -45.32 27.68 9.62
N SER D 69 -45.25 28.55 10.63
CA SER D 69 -44.35 29.68 10.60
C SER D 69 -43.65 29.80 11.95
N LYS D 70 -42.50 30.47 11.96
CA LYS D 70 -41.72 30.66 13.18
C LYS D 70 -41.48 32.14 13.40
N THR D 71 -41.74 32.58 14.63
CA THR D 71 -41.49 33.95 15.05
C THR D 71 -40.22 33.97 15.91
N SER D 72 -39.82 35.16 16.35
CA SER D 72 -38.59 35.29 17.14
C SER D 72 -38.59 34.33 18.32
N THR D 73 -39.71 34.23 19.04
CA THR D 73 -39.79 33.36 20.20
C THR D 73 -41.12 32.62 20.27
N THR D 74 -41.78 32.44 19.12
CA THR D 74 -43.03 31.68 19.07
C THR D 74 -43.16 31.05 17.69
N VAL D 75 -44.01 30.03 17.61
CA VAL D 75 -44.33 29.35 16.36
C VAL D 75 -45.84 29.42 16.16
N ASP D 76 -46.27 29.33 14.91
CA ASP D 76 -47.66 29.51 14.55
C ASP D 76 -48.09 28.45 13.55
N LEU D 77 -49.31 27.94 13.75
CA LEU D 77 -49.95 26.96 12.88
C LEU D 77 -51.29 27.53 12.41
N LYS D 78 -51.26 28.20 11.26
CA LYS D 78 -52.47 28.80 10.72
C LYS D 78 -53.23 27.78 9.87
N ILE D 79 -54.54 27.72 10.05
CA ILE D 79 -55.40 26.78 9.34
C ILE D 79 -56.21 27.53 8.30
N THR D 80 -56.47 26.86 7.18
CA THR D 80 -57.26 27.42 6.09
C THR D 80 -58.35 26.44 5.70
N SER D 81 -59.50 26.99 5.33
CA SER D 81 -60.67 26.19 4.93
C SER D 81 -61.00 25.12 5.97
N PRO D 82 -61.28 25.52 7.21
CA PRO D 82 -61.61 24.52 8.24
C PRO D 82 -62.92 23.82 7.94
N THR D 83 -63.01 22.57 8.40
CA THR D 83 -64.21 21.76 8.22
C THR D 83 -64.44 20.95 9.49
N THR D 84 -65.44 20.08 9.46
CA THR D 84 -65.77 19.28 10.63
C THR D 84 -64.62 18.35 11.01
N GLU D 85 -63.86 17.87 10.03
CA GLU D 85 -62.76 16.97 10.31
C GLU D 85 -61.64 17.63 11.12
N ASP D 86 -61.58 18.96 11.12
CA ASP D 86 -60.47 19.66 11.76
C ASP D 86 -60.60 19.70 13.28
N THR D 87 -61.78 19.43 13.83
CA THR D 87 -61.96 19.50 15.28
C THR D 87 -61.01 18.52 15.97
N ALA D 88 -60.25 19.02 16.94
CA ALA D 88 -59.30 18.22 17.68
C ALA D 88 -58.63 19.10 18.72
N THR D 89 -57.86 18.46 19.61
CA THR D 89 -57.04 19.16 20.60
C THR D 89 -55.61 19.19 20.08
N TYR D 90 -55.23 20.33 19.50
CA TYR D 90 -53.90 20.47 18.94
C TYR D 90 -52.86 20.58 20.06
N PHE D 91 -51.72 19.93 19.87
CA PHE D 91 -50.63 19.91 20.84
C PHE D 91 -49.39 20.55 20.23
N CYS D 92 -48.58 21.18 21.07
CA CYS D 92 -47.31 21.79 20.68
C CYS D 92 -46.19 21.05 21.39
N ALA D 93 -45.25 20.50 20.63
CA ALA D 93 -44.18 19.69 21.17
C ALA D 93 -42.86 20.07 20.53
N ARG D 94 -41.77 19.81 21.26
CA ARG D 94 -40.41 20.08 20.78
C ARG D 94 -39.66 18.75 20.69
N ALA D 95 -39.00 18.52 19.56
CA ALA D 95 -38.29 17.27 19.35
C ALA D 95 -37.10 17.14 20.29
N VAL D 96 -36.78 15.90 20.65
CA VAL D 96 -35.57 15.66 21.46
C VAL D 96 -34.35 16.13 20.68
N PRO D 97 -33.41 16.86 21.29
CA PRO D 97 -32.32 17.44 20.49
C PRO D 97 -31.54 16.41 19.69
N SER D 98 -31.25 15.25 20.26
CA SER D 98 -30.45 14.25 19.56
C SER D 98 -30.63 12.89 20.20
N GLY D 99 -30.25 11.85 19.45
CA GLY D 99 -30.25 10.49 19.93
C GLY D 99 -31.54 9.74 19.76
N ALA D 100 -32.59 10.37 19.23
CA ALA D 100 -33.90 9.74 19.10
C ALA D 100 -34.47 9.76 17.69
N GLY D 101 -33.95 10.61 16.82
CA GLY D 101 -34.53 10.80 15.50
C GLY D 101 -35.43 12.01 15.45
N TYR D 102 -36.05 12.19 14.29
CA TYR D 102 -36.91 13.36 14.08
C TYR D 102 -38.25 13.16 14.77
N SER D 103 -38.76 14.24 15.36
CA SER D 103 -40.10 14.25 15.97
C SER D 103 -40.18 13.25 17.13
N ALA D 104 -39.23 13.34 18.05
CA ALA D 104 -39.24 12.49 19.24
C ALA D 104 -40.18 13.01 20.32
N GLY D 105 -40.63 14.26 20.24
CA GLY D 105 -41.59 14.79 21.18
C GLY D 105 -41.13 14.75 22.62
N GLY D 106 -39.93 15.28 22.89
CA GLY D 106 -39.40 15.24 24.24
C GLY D 106 -40.31 15.92 25.26
N LEU D 107 -40.76 17.13 24.93
CA LEU D 107 -41.64 17.89 25.80
C LEU D 107 -42.87 18.34 25.02
N TRP D 108 -44.02 18.38 25.69
CA TRP D 108 -45.30 18.64 25.04
C TRP D 108 -46.01 19.80 25.73
N GLY D 109 -46.91 20.45 24.99
CA GLY D 109 -47.68 21.54 25.51
C GLY D 109 -49.00 21.08 26.08
N PRO D 110 -49.70 21.96 26.81
CA PRO D 110 -50.99 21.57 27.39
C PRO D 110 -52.02 21.15 26.37
N GLY D 111 -52.03 21.74 25.19
CA GLY D 111 -53.00 21.42 24.17
C GLY D 111 -54.20 22.33 24.20
N THR D 112 -54.76 22.63 23.03
CA THR D 112 -55.92 23.52 22.93
C THR D 112 -56.96 22.91 22.00
N LEU D 113 -58.22 22.99 22.42
CA LEU D 113 -59.33 22.37 21.68
C LEU D 113 -59.82 23.34 20.62
N VAL D 114 -59.49 23.07 19.36
CA VAL D 114 -59.96 23.88 18.24
C VAL D 114 -61.16 23.15 17.66
N THR D 115 -62.34 23.49 18.18
CA THR D 115 -63.57 22.89 17.68
C THR D 115 -64.07 23.66 16.46
N VAL D 116 -64.98 23.02 15.72
CA VAL D 116 -65.55 23.59 14.51
C VAL D 116 -67.07 23.45 14.59
N SER D 117 -67.78 24.53 14.25
CA SER D 117 -69.24 24.53 14.27
C SER D 117 -69.80 23.43 13.38
N LEU E 4 -44.10 2.92 7.82
CA LEU E 4 -45.00 3.94 7.31
C LEU E 4 -46.40 3.78 7.90
N THR E 5 -46.75 2.54 8.28
CA THR E 5 -48.03 2.23 8.88
C THR E 5 -47.80 1.39 10.13
N GLN E 6 -48.66 1.58 11.13
CA GLN E 6 -48.53 0.91 12.42
C GLN E 6 -49.79 0.08 12.70
N THR E 7 -49.63 -0.95 13.54
CA THR E 7 -50.75 -1.82 13.87
C THR E 7 -50.59 -2.43 15.26
N PRO E 8 -50.62 -1.63 16.32
CA PRO E 8 -50.58 -2.21 17.67
C PRO E 8 -51.93 -2.81 18.03
N ALA E 9 -51.92 -4.10 18.44
CA ALA E 9 -53.13 -4.76 18.90
C ALA E 9 -52.76 -5.71 20.04
N SER E 10 -52.81 -5.20 21.26
CA SER E 10 -52.66 -6.03 22.45
C SER E 10 -53.91 -5.92 23.34
N VAL E 11 -54.26 -4.70 23.72
CA VAL E 11 -55.45 -4.41 24.51
C VAL E 11 -55.49 -5.33 25.73
N GLU E 12 -54.35 -5.50 26.39
CA GLU E 12 -54.28 -6.37 27.56
C GLU E 12 -54.95 -5.72 28.76
N ALA E 13 -55.51 -6.55 29.64
CA ALA E 13 -56.24 -6.09 30.81
C ALA E 13 -55.82 -6.90 32.05
N ALA E 14 -54.51 -7.08 32.22
CA ALA E 14 -53.97 -7.84 33.34
C ALA E 14 -53.61 -6.90 34.48
N VAL E 15 -53.78 -7.39 35.70
CA VAL E 15 -53.55 -6.61 36.92
C VAL E 15 -52.51 -7.32 37.76
N GLY E 16 -51.50 -6.57 38.22
CA GLY E 16 -50.50 -7.09 39.11
C GLY E 16 -49.43 -7.94 38.45
N GLY E 17 -49.40 -8.00 37.12
CA GLY E 17 -48.41 -8.81 36.43
C GLY E 17 -47.89 -8.10 35.19
N THR E 18 -46.86 -8.69 34.60
CA THR E 18 -46.26 -8.10 33.41
C THR E 18 -47.25 -8.07 32.26
N VAL E 19 -47.21 -6.99 31.49
CA VAL E 19 -48.07 -6.81 30.33
C VAL E 19 -47.20 -6.41 29.14
N THR E 20 -47.50 -7.02 27.99
CA THR E 20 -46.71 -6.84 26.77
C THR E 20 -47.57 -6.19 25.71
N ILE E 21 -47.05 -5.13 25.09
CA ILE E 21 -47.69 -4.45 23.97
C ILE E 21 -46.78 -4.61 22.76
N LYS E 22 -47.38 -4.90 21.60
CA LYS E 22 -46.61 -5.22 20.41
C LYS E 22 -47.12 -4.43 19.21
N CYS E 23 -46.21 -3.88 18.42
CA CYS E 23 -46.58 -3.23 17.17
C CYS E 23 -45.52 -3.49 16.11
N GLN E 24 -45.97 -3.65 14.87
CA GLN E 24 -45.11 -3.95 13.74
C GLN E 24 -45.39 -2.96 12.61
N ALA E 25 -44.33 -2.37 12.07
CA ALA E 25 -44.46 -1.47 10.94
C ALA E 25 -44.68 -2.25 9.65
N SER E 26 -45.32 -1.60 8.68
CA SER E 26 -45.54 -2.26 7.39
C SER E 26 -44.21 -2.60 6.72
N GLN E 27 -43.25 -1.68 6.75
CA GLN E 27 -41.93 -1.88 6.19
C GLN E 27 -40.88 -1.65 7.26
N SER E 28 -39.63 -1.95 6.90
CA SER E 28 -38.53 -1.82 7.86
C SER E 28 -38.41 -0.39 8.35
N VAL E 29 -38.14 -0.23 9.65
CA VAL E 29 -37.99 1.08 10.27
C VAL E 29 -36.70 1.11 11.07
N GLY E 30 -35.85 0.11 10.87
CA GLY E 30 -34.60 0.06 11.60
C GLY E 30 -34.83 -0.07 13.09
N PHE E 31 -33.96 0.57 13.86
CA PHE E 31 -34.06 0.58 15.32
C PHE E 31 -34.81 1.78 15.85
N TYR E 32 -35.39 2.59 14.97
CA TYR E 32 -35.94 3.89 15.36
C TYR E 32 -37.44 3.77 15.57
N LEU E 33 -37.86 3.90 16.82
CA LEU E 33 -39.27 3.87 17.19
C LEU E 33 -39.38 4.27 18.65
N SER E 34 -40.43 5.03 18.96
CA SER E 34 -40.62 5.58 20.30
C SER E 34 -41.95 5.11 20.88
N TRP E 35 -41.93 4.80 22.16
CA TRP E 35 -43.11 4.40 22.91
C TRP E 35 -43.50 5.52 23.86
N TYR E 36 -44.75 5.97 23.78
CA TYR E 36 -45.28 7.06 24.58
C TYR E 36 -46.26 6.52 25.62
N GLN E 37 -46.72 7.42 26.48
CA GLN E 37 -47.78 7.15 27.43
C GLN E 37 -48.69 8.36 27.51
N GLN E 38 -50.01 8.13 27.54
CA GLN E 38 -50.98 9.22 27.60
C GLN E 38 -52.10 8.83 28.55
N LYS E 39 -52.10 9.44 29.73
CA LYS E 39 -53.24 9.40 30.63
C LYS E 39 -54.31 10.39 30.15
N PRO E 40 -55.58 10.10 30.41
CA PRO E 40 -56.64 11.02 29.94
C PRO E 40 -56.47 12.40 30.53
N GLY E 41 -56.71 13.41 29.70
CA GLY E 41 -56.63 14.79 30.14
C GLY E 41 -55.23 15.35 30.26
N GLN E 42 -54.23 14.65 29.74
CA GLN E 42 -52.85 15.10 29.80
C GLN E 42 -52.16 14.82 28.47
N PRO E 43 -51.14 15.61 28.12
CA PRO E 43 -50.41 15.35 26.87
C PRO E 43 -49.53 14.13 27.00
N PRO E 44 -49.19 13.47 25.90
CA PRO E 44 -48.31 12.30 25.97
C PRO E 44 -46.94 12.68 26.52
N LYS E 45 -46.33 11.73 27.23
CA LYS E 45 -44.98 11.87 27.74
C LYS E 45 -44.12 10.74 27.17
N LEU E 46 -42.97 11.10 26.62
CA LEU E 46 -42.07 10.10 26.04
C LEU E 46 -41.63 9.11 27.10
N LEU E 47 -41.72 7.82 26.78
CA LEU E 47 -41.25 6.75 27.63
C LEU E 47 -39.98 6.10 27.09
N ILE E 48 -39.96 5.77 25.80
CA ILE E 48 -38.83 5.09 25.18
C ILE E 48 -38.58 5.75 23.83
N TYR E 49 -37.30 5.95 23.49
CA TYR E 49 -36.91 6.41 22.17
C TYR E 49 -35.75 5.54 21.69
N ARG E 50 -35.74 5.28 20.38
CA ARG E 50 -34.82 4.33 19.76
C ARG E 50 -35.16 2.88 20.13
N ALA E 51 -36.32 2.67 20.77
CA ALA E 51 -36.86 1.33 21.03
C ALA E 51 -36.13 0.60 22.14
N SER E 52 -35.04 1.16 22.64
CA SER E 52 -34.31 0.52 23.74
C SER E 52 -33.94 1.51 24.83
N THR E 53 -33.76 2.78 24.48
CA THR E 53 -33.31 3.78 25.44
C THR E 53 -34.49 4.32 26.25
N LEU E 54 -34.23 4.61 27.52
CA LEU E 54 -35.24 5.12 28.43
C LEU E 54 -35.04 6.62 28.60
N GLU E 55 -36.13 7.37 28.47
CA GLU E 55 -36.09 8.80 28.73
C GLU E 55 -35.84 9.05 30.21
N SER E 56 -34.96 10.00 30.51
CA SER E 56 -34.59 10.28 31.89
C SER E 56 -35.83 10.61 32.72
N GLY E 57 -35.93 9.98 33.88
CA GLY E 57 -37.06 10.20 34.77
C GLY E 57 -37.93 8.96 34.95
N VAL E 58 -38.08 8.17 33.89
CA VAL E 58 -38.93 6.98 33.93
C VAL E 58 -38.30 5.96 34.87
N PRO E 59 -39.09 5.10 35.50
CA PRO E 59 -38.52 4.11 36.43
C PRO E 59 -37.68 3.05 35.72
N SER E 60 -37.09 2.14 36.50
CA SER E 60 -36.25 1.09 35.91
C SER E 60 -37.07 0.17 35.01
N ARG E 61 -38.39 0.12 35.20
CA ARG E 61 -39.26 -0.70 34.38
C ARG E 61 -39.52 0.03 33.06
N PHE E 62 -40.51 -0.43 32.30
CA PHE E 62 -40.77 0.06 30.95
C PHE E 62 -39.61 -0.31 30.01
N LYS E 63 -39.19 -1.57 30.08
CA LYS E 63 -38.10 -2.05 29.23
C LYS E 63 -38.70 -2.75 28.02
N GLY E 64 -38.54 -2.13 26.85
CA GLY E 64 -39.01 -2.71 25.61
C GLY E 64 -37.88 -2.82 24.60
N SER E 65 -38.11 -3.64 23.60
CA SER E 65 -37.08 -3.90 22.59
C SER E 65 -37.75 -4.48 21.34
N GLY E 66 -36.92 -4.78 20.35
CA GLY E 66 -37.41 -5.29 19.09
C GLY E 66 -36.39 -5.02 17.98
N SER E 67 -36.82 -5.30 16.76
CA SER E 67 -35.99 -5.10 15.59
C SER E 67 -36.88 -4.60 14.45
N GLY E 68 -36.34 -4.62 13.24
CA GLY E 68 -37.04 -4.12 12.08
C GLY E 68 -38.50 -4.52 12.01
N THR E 69 -39.37 -3.51 11.89
CA THR E 69 -40.82 -3.71 11.73
C THR E 69 -41.38 -4.71 12.74
N GLU E 70 -40.79 -4.77 13.93
CA GLU E 70 -41.31 -5.64 14.99
C GLU E 70 -40.77 -5.12 16.32
N PHE E 71 -41.65 -4.53 17.13
CA PHE E 71 -41.26 -3.97 18.42
C PHE E 71 -42.28 -4.34 19.49
N THR E 72 -41.82 -4.43 20.73
CA THR E 72 -42.70 -4.78 21.84
C THR E 72 -42.15 -4.17 23.12
N LEU E 73 -43.05 -3.59 23.91
CA LEU E 73 -42.72 -3.00 25.20
C LEU E 73 -43.34 -3.83 26.30
N THR E 74 -42.56 -4.15 27.33
CA THR E 74 -42.99 -4.98 28.45
C THR E 74 -42.94 -4.15 29.72
N ILE E 75 -44.07 -4.09 30.44
CA ILE E 75 -44.14 -3.39 31.71
C ILE E 75 -43.95 -4.43 32.81
N SER E 76 -42.72 -4.49 33.33
CA SER E 76 -42.39 -5.52 34.30
C SER E 76 -43.20 -5.38 35.59
N ASP E 77 -42.99 -4.28 36.31
CA ASP E 77 -43.61 -4.08 37.61
C ASP E 77 -44.81 -3.15 37.43
N LEU E 78 -46.00 -3.75 37.35
CA LEU E 78 -47.23 -3.02 37.11
C LEU E 78 -47.88 -2.61 38.42
N GLU E 79 -48.52 -1.45 38.39
CA GLU E 79 -49.25 -0.93 39.55
C GLU E 79 -50.34 0.00 39.04
N CYS E 80 -51.09 0.58 39.97
CA CYS E 80 -52.22 1.42 39.59
C CYS E 80 -51.78 2.65 38.80
N ALA E 81 -50.65 3.25 39.20
CA ALA E 81 -50.21 4.49 38.57
C ALA E 81 -49.97 4.28 37.07
N ASP E 82 -49.64 3.06 36.67
CA ASP E 82 -49.33 2.76 35.27
C ASP E 82 -50.55 2.11 34.62
N ALA E 83 -51.49 2.96 34.20
CA ALA E 83 -52.66 2.50 33.48
C ALA E 83 -53.20 3.61 32.58
N ALA E 84 -52.88 3.57 31.29
CA ALA E 84 -53.27 4.61 30.37
C ALA E 84 -52.92 4.18 28.94
N THR E 85 -53.24 5.06 27.99
CA THR E 85 -53.06 4.71 26.59
C THR E 85 -51.59 4.67 26.21
N TYR E 86 -51.23 3.75 25.32
CA TYR E 86 -49.86 3.57 24.87
C TYR E 86 -49.81 3.66 23.35
N TYR E 87 -48.80 4.37 22.85
CA TYR E 87 -48.62 4.59 21.42
C TYR E 87 -47.18 4.25 21.04
N CYS E 88 -47.00 3.80 19.79
CA CYS E 88 -45.66 3.52 19.26
C CYS E 88 -45.53 4.27 17.93
N GLN E 89 -44.75 5.36 17.96
CA GLN E 89 -44.59 6.23 16.81
C GLN E 89 -43.32 5.87 16.05
N THR E 90 -43.43 5.76 14.72
CA THR E 90 -42.24 5.68 13.89
C THR E 90 -41.63 7.06 13.74
N ASN E 91 -40.32 7.16 14.00
CA ASN E 91 -39.62 8.43 13.97
C ASN E 91 -38.32 8.29 13.16
N ASP E 92 -38.44 7.66 11.99
CA ASP E 92 -37.30 7.45 11.10
C ASP E 92 -37.22 8.55 10.04
N TYR E 93 -38.30 8.77 9.30
CA TYR E 93 -38.30 9.78 8.24
C TYR E 93 -38.58 11.16 8.82
N LEU E 94 -37.80 12.15 8.38
CA LEU E 94 -38.11 13.53 8.72
C LEU E 94 -39.32 14.03 7.94
N ALA E 95 -39.47 13.56 6.69
CA ALA E 95 -40.55 14.05 5.84
C ALA E 95 -41.91 13.72 6.42
N SER E 96 -42.08 12.51 6.95
CA SER E 96 -43.39 12.07 7.44
C SER E 96 -43.18 11.05 8.55
N SER E 97 -43.65 11.37 9.75
CA SER E 97 -43.66 10.46 10.88
C SER E 97 -45.08 10.33 11.39
N ALA E 98 -45.55 9.09 11.56
CA ALA E 98 -46.93 8.81 11.89
C ALA E 98 -47.03 7.97 13.16
N PHE E 99 -48.13 8.14 13.87
CA PHE E 99 -48.40 7.40 15.10
C PHE E 99 -49.08 6.07 14.78
N GLY E 100 -49.42 5.34 15.84
CA GLY E 100 -50.14 4.08 15.70
C GLY E 100 -51.43 4.07 16.50
N GLY E 101 -52.23 3.02 16.33
CA GLY E 101 -53.49 2.91 17.04
C GLY E 101 -53.31 2.91 18.54
N GLY E 102 -54.32 3.39 19.25
CA GLY E 102 -54.24 3.42 20.70
C GLY E 102 -54.43 2.05 21.32
N THR E 103 -53.86 1.88 22.51
CA THR E 103 -53.98 0.66 23.28
C THR E 103 -54.47 1.00 24.68
N GLU E 104 -55.23 0.09 25.28
CA GLU E 104 -55.85 0.31 26.58
C GLU E 104 -55.38 -0.79 27.54
N VAL E 105 -54.61 -0.41 28.56
CA VAL E 105 -54.17 -1.38 29.55
C VAL E 105 -55.29 -1.67 30.54
N VAL E 106 -56.14 -0.69 30.81
CA VAL E 106 -57.35 -0.84 31.62
C VAL E 106 -57.10 -1.70 32.86
N VAL E 107 -56.09 -1.32 33.65
CA VAL E 107 -55.83 -1.99 34.91
C VAL E 107 -56.88 -1.57 35.93
C1 NAG F . -24.81 23.98 10.37
C2 NAG F . -24.67 24.65 9.01
C3 NAG F . -24.10 26.05 9.20
C4 NAG F . -25.02 26.83 10.14
C5 NAG F . -25.14 26.08 11.46
C6 NAG F . -26.09 26.80 12.41
C7 NAG F . -24.25 23.14 7.16
C8 NAG F . -23.39 21.96 6.78
N2 NAG F . -23.78 23.88 8.15
O3 NAG F . -24.05 26.72 7.94
O4 NAG F . -24.48 28.13 10.37
O5 NAG F . -25.64 24.77 11.22
O6 NAG F . -27.43 26.66 11.94
O7 NAG F . -25.30 23.38 6.59
C1 NAG G . 4.73 12.11 32.50
C2 NAG G . 4.24 10.81 33.20
C3 NAG G . 2.74 10.68 33.10
C4 NAG G . 2.11 11.89 33.73
C5 NAG G . 2.62 13.13 33.04
C6 NAG G . 2.05 14.35 33.76
C7 NAG G . 5.19 8.53 33.29
C8 NAG G . 5.76 7.44 32.45
N2 NAG G . 4.74 9.57 32.60
O3 NAG G . 2.32 9.51 33.79
O4 NAG G . 0.68 11.81 33.63
O5 NAG G . 4.03 13.17 33.13
O6 NAG G . 0.73 14.08 34.22
O7 NAG G . 5.14 8.49 34.51
C1 NAG H . 29.95 18.16 -39.66
C2 NAG H . 30.40 19.23 -38.67
C3 NAG H . 29.50 20.46 -38.77
C4 NAG H . 29.42 20.93 -40.21
C5 NAG H . 29.00 19.81 -41.14
C6 NAG H . 29.04 20.26 -42.59
C7 NAG H . 30.66 19.32 -36.22
C8 NAG H . 29.62 19.26 -35.14
N2 NAG H . 30.39 18.65 -37.34
O3 NAG H . 30.01 21.56 -38.01
O4 NAG H . 28.49 22.01 -40.30
O5 NAG H . 29.86 18.69 -40.98
O6 NAG H . 28.55 19.21 -43.43
O7 NAG H . 31.70 19.95 -36.07
C1 NAG I . 34.92 -23.50 2.30
C2 NAG I . 33.87 -23.20 3.38
C3 NAG I . 34.20 -23.90 4.68
C4 NAG I . 34.53 -25.35 4.52
C5 NAG I . 35.56 -25.59 3.43
C6 NAG I . 35.72 -27.08 3.16
C7 NAG I . 33.44 -20.79 2.94
C8 NAG I . 34.11 -19.48 3.22
N2 NAG I . 33.80 -21.79 3.73
O3 NAG I . 33.06 -23.83 5.53
O4 NAG I . 35.04 -25.83 5.77
O5 NAG I . 35.21 -24.89 2.24
O6 NAG I . 35.10 -27.51 1.94
O7 NAG I . 32.65 -20.94 2.02
C1 NAG J . -37.40 0.76 -3.15
C2 NAG J . -38.92 0.98 -3.27
C3 NAG J . -39.63 0.14 -2.23
C4 NAG J . -39.27 -1.32 -2.40
C5 NAG J . -37.76 -1.49 -2.30
C6 NAG J . -37.36 -2.93 -2.57
C7 NAG J . -38.63 3.10 -2.19
C8 NAG J . -39.39 3.61 -1.01
N2 NAG J . -39.33 2.35 -3.04
O3 NAG J . -41.04 0.29 -2.42
O4 NAG J . -39.91 -2.10 -1.38
O5 NAG J . -37.15 -0.64 -3.28
O6 NAG J . -35.94 -3.02 -2.80
O7 NAG J . -37.46 3.35 -2.37
C1 NAG K . -17.09 -30.08 -11.97
C2 NAG K . -16.78 -29.90 -13.47
C3 NAG K . -17.71 -28.86 -14.05
C4 NAG K . -19.15 -29.31 -13.84
C5 NAG K . -19.41 -29.49 -12.37
C6 NAG K . -20.79 -30.09 -12.20
C7 NAG K . -14.84 -28.40 -13.76
C8 NAG K . -13.35 -28.41 -13.73
N2 NAG K . -15.39 -29.60 -13.81
O3 NAG K . -17.44 -28.70 -15.44
O4 NAG K . -20.07 -28.34 -14.34
O5 NAG K . -18.46 -30.44 -11.87
O6 NAG K . -20.88 -31.22 -13.07
O7 NAG K . -15.49 -27.37 -13.75
C1 NAG L . 25.86 8.38 39.26
C2 NAG L . 25.54 7.04 39.91
C3 NAG L . 24.86 7.21 41.25
C4 NAG L . 25.59 8.15 42.17
C5 NAG L . 25.90 9.45 41.48
C6 NAG L . 26.98 10.20 42.26
C7 NAG L . 23.36 6.48 39.20
C8 NAG L . 23.01 7.93 39.18
N2 NAG L . 24.66 6.25 39.10
O3 NAG L . 24.73 5.93 41.86
O4 NAG L . 24.77 8.38 43.32
O5 NAG L . 26.49 9.19 40.23
O6 NAG L . 28.22 9.50 42.19
O7 NAG L . 22.54 5.59 39.31
C1 NAG M . 37.13 -18.67 -12.60
C2 NAG M . 35.78 -19.20 -13.02
C3 NAG M . 36.00 -20.48 -13.80
C4 NAG M . 36.86 -20.20 -15.00
C5 NAG M . 38.17 -19.62 -14.51
C6 NAG M . 39.12 -19.33 -15.67
C7 NAG M . 34.06 -18.68 -11.39
C8 NAG M . 32.72 -19.30 -11.17
N2 NAG M . 34.99 -19.50 -11.84
O3 NAG M . 34.75 -21.00 -14.26
O4 NAG M . 37.10 -21.41 -15.72
O5 NAG M . 37.91 -18.46 -13.76
O6 NAG M . 39.01 -17.98 -16.11
O7 NAG M . 34.26 -17.50 -11.16
C1 NAG N . -26.44 23.86 -16.65
C2 NAG N . -26.21 24.12 -18.14
C3 NAG N . -27.41 23.66 -18.95
C4 NAG N . -27.63 22.19 -18.69
C5 NAG N . -27.83 21.97 -17.21
C6 NAG N . -27.86 20.49 -16.95
C7 NAG N . -25.41 25.80 -19.63
C8 NAG N . -25.87 27.09 -20.24
N2 NAG N . -25.96 25.50 -18.46
O3 NAG N . -27.16 23.87 -20.34
O4 NAG N . -28.82 21.79 -19.40
O5 NAG N . -26.70 22.47 -16.52
O6 NAG N . -26.55 19.93 -17.16
O7 NAG N . -24.60 25.06 -20.16
C1 NAG O . 10.86 24.90 -29.93
C2 NAG O . 11.57 25.43 -28.69
C3 NAG O . 10.66 26.37 -27.93
C4 NAG O . 10.19 27.48 -28.84
C5 NAG O . 9.52 26.89 -30.09
C6 NAG O . 9.12 27.99 -31.05
C7 NAG O . 13.17 23.85 -27.74
C8 NAG O . 13.58 23.35 -26.38
N2 NAG O . 11.94 24.33 -27.82
O3 NAG O . 11.37 26.93 -26.82
O4 NAG O . 9.25 28.31 -28.15
O5 NAG O . 10.42 26.00 -30.74
O6 NAG O . 10.30 28.61 -31.57
O7 NAG O . 13.94 23.81 -28.69
C1 NAG P . -3.21 -48.48 -9.82
C2 NAG P . -3.20 -48.48 -11.35
C3 NAG P . -4.62 -48.62 -11.86
C4 NAG P . -5.19 -49.92 -11.32
C5 NAG P . -5.15 -49.89 -9.80
C6 NAG P . -5.65 -51.17 -9.16
C7 NAG P . -2.58 -46.15 -11.63
C8 NAG P . -2.20 -45.11 -12.65
N2 NAG P . -2.52 -47.38 -12.03
O3 NAG P . -4.67 -48.53 -13.29
O4 NAG P . -6.53 -50.09 -11.77
O5 NAG P . -3.79 -49.70 -9.39
O6 NAG P . -5.33 -51.11 -7.77
O7 NAG P . -2.91 -45.89 -10.50
C1 NAG Q . 41.91 -9.42 -0.65
C2 NAG Q . 41.47 -7.99 -1.02
C3 NAG Q . 42.70 -7.22 -1.44
C4 NAG Q . 43.70 -7.20 -0.32
C5 NAG Q . 44.09 -8.61 0.02
C6 NAG Q . 45.06 -8.57 1.19
C7 NAG Q . 39.19 -8.08 -1.95
C8 NAG Q . 38.40 -6.85 -1.65
N2 NAG Q . 40.50 -7.91 -2.11
O3 NAG Q . 42.36 -5.88 -1.72
O4 NAG Q . 44.86 -6.44 -0.71
O5 NAG Q . 42.89 -9.32 0.37
O6 NAG Q . 44.33 -8.46 2.42
O7 NAG Q . 38.70 -9.19 -2.02
#